data_8WPU
#
_entry.id   8WPU
#
_cell.length_a   1.00
_cell.length_b   1.00
_cell.length_c   1.00
_cell.angle_alpha   90.00
_cell.angle_beta   90.00
_cell.angle_gamma   90.00
#
_symmetry.space_group_name_H-M   'P 1'
#
loop_
_entity.id
_entity.type
_entity.pdbx_description
1 polymer 'Extracellular calcium-sensing receptor,calcium-sensing receptor'
2 polymer 'G subunit q (Gi2-mini-Gq chimeric)'
3 polymer 'Guanine nucleotide-binding protein G(I)/G(S)/G(T) subunit beta-1'
4 polymer 'Guanine nucleotide-binding protein G(I)/G(S)/G(O) subunit gamma-2'
5 polymer ScFv16
6 branched 2-acetamido-2-deoxy-beta-D-glucopyranose-(1-4)-2-acetamido-2-deoxy-beta-D-glucopyranose
7 non-polymer 2-acetamido-2-deoxy-beta-D-glucopyranose
8 non-polymer N-[(1R)-1-(naphthalen-1-yl)ethyl]-3-[3-(trifluoromethyl)phenyl]propan-1-amine
9 non-polymer TRYPTOPHAN
10 non-polymer 'CALCIUM ION'
11 non-polymer 'PHOSPHATE ION'
12 non-polymer CHOLESTEROL
#
loop_
_entity_poly.entity_id
_entity_poly.type
_entity_poly.pdbx_seq_one_letter_code
_entity_poly.pdbx_strand_id
1 'polypeptide(L)'
;MKTIIALSYIFCLVFADYKDDDDENLYFQGYGPDQRAQKKGDIILGGLFPIHFGVAAKDQDLKSRPESVECIRYNFRGFR
WLQAMIFAIEEINSSPALLPNLTLGYRIFDTCNTVSKALEATLSFVAQNKIDSLNLDEFCNCSEHIPSTIAVVGATGSGV
STAVANLLGLFYIPQVSYASSSRLLSNKNQFKSFLRTIPNDEHQATAMADIIEYFRWNWVGTIAADDDYGRPGIEKFREE
AEERDICIDFSELISQYSDEEEIQHVVEVIQNSTAKVIVVFSSGPDLEPLIKEIVRRNITGKIWLASEAWASSSLIAMPQ
YFHVVGGTIGFALKAGQIPGFREFLKKVHPRKSVHNGFAKEFWEETFNCHLQEGAKGPLPVDTFLRGHEESGDRFSNSST
AFRPLCTGDENISSVETPYIDYTHLRISYNVYLAVYSIAHALQDIYTCLPGRGLFTNGSCADIKKVEAWQVLKHLRHLNF
TNNMGEQVTFDECGDLVGNYSIINWHLSPEDGSIVFKEVGYYNVYAKKGERLFINEEKILWSGFSREVPFSNCSRDCLAG
TRKGIIEGEPTCCFECVECPDGEYSDETDASACNKCPDDFWSNENHTSCIAKEIEFLSWTEPFGIALTLFAVLGIFLTAF
VLGVFIKFRNTPIVKATNRELSYLLLFSLLCCFSSSLFFIGEPQDWTCRLRQPAFGISFVLCISCILVKTNRVLLVFEAK
IPTSFHRKWWGLNLQFLLVFLCTFMQIVICVIWLYTAPPSSYRNQELEDEIIFITCHEGSLMALGFLIGYTCLLAAICFF
FAFKSRKLPENFNEAKFITFSMLIFFIVWISFIPAYASTYGKFVSAVEVIAILAASFGLLACIFFNKIYIILFKPSRNTI
EEVRCSTAAHAFKVAARATLRRSGSSGGGGSGGGGSSGVFTLEDFVGDWEQTAAYNLDQVLEQGGVSSLLQNLAVSVTPI
QRIVRSGENALKIDIHVIIPYEGLSADQMAQIEEVFKVVYPVDDHHFKVILPYGTLVIDGVTPNMLNYFGRPYEGIAVFD
GKKITVTGTLWNGNKIIDERLITPDGSMLFRVTINS
;
B,A
2 'polypeptide(L)'
;MGSTVSAEDKAAAERSKMIDKNLREDGEKARRTLRLLLLGADNSGKSTIVKQMRILHGGSGGSGGTSGIFETKFQVDKVN
FHMFDVGGQRDERRKWIQCFNDVTAIIFVVDSSDYNRLQEALNDFKSIWNNRWLRTISVILFLNKQDLLAEKVLAGKSKI
EDYFPEFARYTTPEDATPEPGEDPRVTRAKYFIRKEFVDISTASGDGRHICYPHFTCAVDTENARRIFNDCKDIILQMNL
REYNLV
;
G
3 'polypeptide(L)'
;HHHHHHGSLLQSELDQLRQEAEQLKNQIRDARKACADATLSQITNNIDPVGRIQMRTRRTLRGHLAKIYAMHWGTDSRLL
VSASQDGKLIIWDSYTTNKVHAIPLRSSWVMTCAYAPSGNYVACGGLDNICSIYNLKTREGNVRVSRELAGHTGYLSCCR
FLDDNQIVTSSGDTTCALWDIETGQQTTTFTGHTGDVMSLSLAPDTRLFVSGACDASAKLWDVREGMCRQTFTGHESDIN
AICFFPNGNAFATGSDDATCRLFDLRADQELMTYSHDNIICGITSVSFSKSGRLLLAGYDDFNCNVWDALKADRAGVLAG
HDNRVSCLGVTDDGMAVATGSWDSFLKIWNGSSGGGGSGGGGSSGVSGWRLFKKIS
;
C
4 'polypeptide(L)' MASNNTASIAQARKLVEQLKMEANIDRIKVSKAAADLMAYCEAHAKEDPLLTPVPASENPFREKKFFCAIL D
5 'polypeptide(L)'
;MLLVNQSHQGFNKEHTSKMVSAIVLYVLLAAAAHSAFADVQLVESGGGLVQPGGSRKLSCSASGFAFSSFGMHWVRQAPE
KGLEWVAYISSGSGTIYYADTVKGRFTISRDDPKNTLFLQMTSLRSEDTAMYYCVRSIYYYGSSPFDFWGQGTTLTVSSG
GGGSGGGGSGGGGSDIVMTQATSSVPVTPGESVSISCRSSKSLLHSNGNTYLYWFLQRPGQSPQLLIYRMSNLASGVPDR
FSGSGSGTAFTLTISRLEAEDVGVYYCMQHLEYPLTFGAGTKLELKAAAHHHHHHHH
;
E
#
# COMPACT_ATOMS: atom_id res chain seq x y z
N TYR A 31 -63.84 67.04 -45.81
CA TYR A 31 -63.75 66.73 -44.39
C TYR A 31 -62.89 65.50 -44.15
N GLY A 32 -62.63 64.74 -45.22
CA GLY A 32 -61.87 63.53 -45.12
C GLY A 32 -62.75 62.29 -45.14
N PRO A 33 -62.94 61.68 -43.97
CA PRO A 33 -63.79 60.47 -43.88
C PRO A 33 -65.24 60.82 -44.15
N ASP A 34 -65.83 60.12 -45.13
CA ASP A 34 -67.24 60.34 -45.47
C ASP A 34 -68.17 59.68 -44.46
N GLN A 35 -67.79 58.54 -43.90
CA GLN A 35 -68.60 57.83 -42.92
C GLN A 35 -68.26 58.34 -41.53
N ARG A 36 -69.29 58.68 -40.76
CA ARG A 36 -69.10 59.26 -39.44
C ARG A 36 -70.43 59.26 -38.70
N ALA A 37 -70.34 59.33 -37.37
CA ALA A 37 -71.50 59.55 -36.52
C ALA A 37 -71.51 61.00 -36.09
N GLN A 38 -72.64 61.68 -36.29
CA GLN A 38 -72.68 63.12 -36.08
C GLN A 38 -74.07 63.54 -35.63
N LYS A 39 -74.12 64.33 -34.56
CA LYS A 39 -75.36 64.90 -34.06
C LYS A 39 -75.11 66.37 -33.72
N LYS A 40 -76.19 67.15 -33.70
CA LYS A 40 -76.10 68.58 -33.45
C LYS A 40 -76.63 68.91 -32.07
N GLY A 41 -76.04 69.92 -31.45
CA GLY A 41 -76.44 70.36 -30.13
C GLY A 41 -75.73 71.65 -29.78
N ASP A 42 -76.05 72.16 -28.58
CA ASP A 42 -75.41 73.38 -28.12
C ASP A 42 -73.90 73.18 -27.94
N ILE A 43 -73.50 72.05 -27.37
CA ILE A 43 -72.10 71.71 -27.18
C ILE A 43 -71.85 70.38 -27.87
N ILE A 44 -70.83 70.34 -28.73
CA ILE A 44 -70.54 69.18 -29.56
C ILE A 44 -69.24 68.56 -29.09
N LEU A 45 -69.27 67.26 -28.81
CA LEU A 45 -68.10 66.51 -28.40
C LEU A 45 -67.45 65.83 -29.59
N GLY A 46 -66.19 65.45 -29.42
CA GLY A 46 -65.47 64.66 -30.40
C GLY A 46 -65.19 63.26 -29.88
N GLY A 47 -64.85 62.37 -30.82
CA GLY A 47 -64.56 60.99 -30.46
C GLY A 47 -63.80 60.26 -31.52
N LEU A 48 -62.81 59.46 -31.12
CA LEU A 48 -62.01 58.67 -32.04
C LEU A 48 -62.01 57.23 -31.56
N PHE A 49 -62.52 56.33 -32.38
CA PHE A 49 -62.62 54.92 -32.03
C PHE A 49 -62.03 54.06 -33.14
N PRO A 50 -61.47 52.91 -32.78
CA PRO A 50 -60.88 52.00 -33.80
C PRO A 50 -61.90 51.03 -34.36
N ILE A 51 -62.79 51.53 -35.20
CA ILE A 51 -63.80 50.68 -35.82
C ILE A 51 -63.14 49.59 -36.65
N HIS A 52 -62.04 49.94 -37.33
CA HIS A 52 -61.28 49.00 -38.14
C HIS A 52 -59.91 48.80 -37.51
N PHE A 53 -59.34 47.61 -37.72
CA PHE A 53 -58.07 47.26 -37.10
C PHE A 53 -56.87 47.84 -37.85
N GLY A 54 -57.05 48.29 -39.08
CA GLY A 54 -55.93 48.76 -39.87
C GLY A 54 -56.40 49.22 -41.23
N VAL A 55 -55.44 49.33 -42.15
CA VAL A 55 -55.72 49.79 -43.50
C VAL A 55 -55.11 48.80 -44.50
N ALA A 56 -55.45 48.99 -45.77
CA ALA A 56 -54.91 48.16 -46.83
C ALA A 56 -53.47 48.56 -47.12
N ALA A 57 -52.83 47.82 -48.03
CA ALA A 57 -51.43 48.03 -48.37
C ALA A 57 -51.34 48.68 -49.74
N LYS A 58 -50.62 49.81 -49.81
CA LYS A 58 -50.40 50.51 -51.06
C LYS A 58 -49.25 51.49 -50.88
N ASP A 59 -48.33 51.50 -51.83
CA ASP A 59 -47.18 52.39 -51.79
C ASP A 59 -46.67 52.55 -53.22
N GLN A 60 -45.49 53.15 -53.37
CA GLN A 60 -44.86 53.33 -54.67
C GLN A 60 -45.78 54.05 -55.65
N ASP A 61 -45.99 55.35 -55.37
CA ASP A 61 -46.98 56.14 -56.09
C ASP A 61 -46.46 56.41 -57.50
N LEU A 62 -46.67 55.43 -58.37
CA LEU A 62 -46.22 55.48 -59.76
C LEU A 62 -47.17 56.39 -60.53
N LYS A 63 -46.91 57.70 -60.43
CA LYS A 63 -47.70 58.73 -61.09
C LYS A 63 -49.15 58.74 -60.64
N SER A 64 -49.49 57.88 -59.67
CA SER A 64 -50.82 57.84 -59.13
C SER A 64 -50.92 58.84 -57.99
N ARG A 65 -51.79 59.83 -58.15
CA ARG A 65 -52.01 60.80 -57.09
C ARG A 65 -52.51 60.06 -55.86
N PRO A 66 -51.84 60.19 -54.71
CA PRO A 66 -52.20 59.36 -53.54
C PRO A 66 -53.63 59.62 -53.10
N GLU A 67 -54.40 58.54 -53.02
CA GLU A 67 -55.79 58.59 -52.59
C GLU A 67 -55.93 58.05 -51.17
N SER A 68 -57.15 58.15 -50.64
CA SER A 68 -57.42 57.64 -49.31
C SER A 68 -57.31 56.11 -49.30
N VAL A 69 -56.55 55.59 -48.35
CA VAL A 69 -56.40 54.15 -48.22
C VAL A 69 -57.63 53.56 -47.55
N GLU A 70 -57.94 52.31 -47.87
CA GLU A 70 -59.16 51.66 -47.41
C GLU A 70 -58.87 50.79 -46.19
N CYS A 71 -59.60 51.04 -45.11
CA CYS A 71 -59.47 50.21 -43.91
C CYS A 71 -60.01 48.82 -44.18
N ILE A 72 -59.36 47.81 -43.60
CA ILE A 72 -59.58 46.44 -44.02
C ILE A 72 -60.49 45.67 -43.07
N ARG A 73 -60.07 45.50 -41.81
CA ARG A 73 -60.80 44.63 -40.90
C ARG A 73 -61.88 45.42 -40.17
N TYR A 74 -62.66 44.73 -39.35
CA TYR A 74 -63.73 45.36 -38.58
C TYR A 74 -63.61 44.96 -37.11
N ASN A 75 -63.69 45.94 -36.22
CA ASN A 75 -63.61 45.73 -34.78
C ASN A 75 -64.98 46.04 -34.18
N PHE A 76 -65.65 44.99 -33.70
CA PHE A 76 -66.93 45.18 -33.02
C PHE A 76 -66.77 45.80 -31.64
N ARG A 77 -65.60 45.63 -31.01
CA ARG A 77 -65.34 46.32 -29.75
C ARG A 77 -65.29 47.83 -29.96
N GLY A 78 -64.69 48.28 -31.06
CA GLY A 78 -64.67 49.70 -31.35
C GLY A 78 -66.07 50.29 -31.50
N PHE A 79 -66.95 49.57 -32.20
CA PHE A 79 -68.33 50.03 -32.31
C PHE A 79 -69.06 49.94 -30.99
N ARG A 80 -68.65 49.06 -30.12
CA ARG A 80 -69.26 49.03 -28.89
C ARG A 80 -68.91 50.32 -28.31
N TRP A 81 -67.64 50.61 -28.15
CA TRP A 81 -67.18 51.82 -27.47
C TRP A 81 -67.89 53.05 -28.02
N LEU A 82 -68.05 53.11 -29.35
CA LEU A 82 -68.78 54.22 -29.96
C LEU A 82 -70.20 54.30 -29.42
N GLN A 83 -70.88 53.16 -29.36
CA GLN A 83 -72.24 53.14 -28.82
C GLN A 83 -72.24 53.48 -27.34
N ALA A 84 -71.19 53.15 -26.61
CA ALA A 84 -71.10 53.53 -25.20
C ALA A 84 -71.10 55.05 -25.06
N MET A 85 -70.27 55.72 -25.85
CA MET A 85 -70.25 57.18 -25.80
C MET A 85 -71.58 57.77 -26.24
N ILE A 86 -72.18 57.21 -27.29
CA ILE A 86 -73.48 57.70 -27.76
C ILE A 86 -74.53 57.56 -26.67
N PHE A 87 -74.57 56.41 -26.01
CA PHE A 87 -75.55 56.17 -24.97
C PHE A 87 -75.35 57.11 -23.80
N ALA A 88 -74.09 57.33 -23.41
CA ALA A 88 -73.83 58.24 -22.30
C ALA A 88 -74.29 59.65 -22.64
N ILE A 89 -73.99 60.12 -23.85
CA ILE A 89 -74.41 61.47 -24.25
C ILE A 89 -75.94 61.56 -24.28
N GLU A 90 -76.60 60.54 -24.82
CA GLU A 90 -78.06 60.60 -24.93
C GLU A 90 -78.72 60.55 -23.55
N GLU A 91 -78.14 59.81 -22.61
CA GLU A 91 -78.72 59.76 -21.28
C GLU A 91 -78.42 61.04 -20.49
N ILE A 92 -77.29 61.68 -20.78
CA ILE A 92 -77.02 62.99 -20.19
C ILE A 92 -78.04 64.01 -20.69
N ASN A 93 -78.33 63.98 -22.00
CA ASN A 93 -79.34 64.87 -22.54
C ASN A 93 -80.72 64.56 -21.98
N SER A 94 -81.05 63.29 -21.79
CA SER A 94 -82.34 62.91 -21.22
C SER A 94 -82.46 63.34 -19.76
N SER A 95 -81.38 63.21 -18.99
CA SER A 95 -81.44 63.52 -17.57
C SER A 95 -81.54 65.03 -17.37
N PRO A 96 -82.56 65.51 -16.66
CA PRO A 96 -82.67 66.96 -16.42
C PRO A 96 -81.75 67.45 -15.32
N ALA A 97 -81.31 66.53 -14.46
CA ALA A 97 -80.44 66.91 -13.36
C ALA A 97 -79.07 67.38 -13.85
N LEU A 98 -78.52 66.70 -14.85
CA LEU A 98 -77.19 67.02 -15.36
C LEU A 98 -77.32 67.88 -16.60
N LEU A 99 -76.69 69.05 -16.58
CA LEU A 99 -76.77 70.06 -17.62
C LEU A 99 -78.22 70.42 -17.95
N PRO A 100 -78.92 71.12 -17.07
CA PRO A 100 -80.26 71.60 -17.40
C PRO A 100 -80.28 72.42 -18.67
N ASN A 101 -81.37 72.27 -19.44
CA ASN A 101 -81.69 73.12 -20.58
C ASN A 101 -80.55 73.20 -21.59
N LEU A 102 -79.89 72.06 -21.84
CA LEU A 102 -78.79 72.02 -22.78
C LEU A 102 -78.65 70.60 -23.32
N THR A 103 -78.33 70.50 -24.60
CA THR A 103 -78.17 69.22 -25.28
C THR A 103 -76.71 69.04 -25.68
N LEU A 104 -76.18 67.86 -25.42
CA LEU A 104 -74.80 67.53 -25.76
C LEU A 104 -74.78 66.88 -27.14
N GLY A 105 -74.18 67.56 -28.11
CA GLY A 105 -73.96 66.98 -29.42
C GLY A 105 -72.68 66.17 -29.45
N TYR A 106 -72.43 65.54 -30.59
CA TYR A 106 -71.22 64.77 -30.76
C TYR A 106 -70.81 64.77 -32.23
N ARG A 107 -69.54 64.43 -32.46
CA ARG A 107 -69.00 64.31 -33.81
C ARG A 107 -67.86 63.32 -33.74
N ILE A 108 -68.12 62.09 -34.20
CA ILE A 108 -67.21 60.96 -33.99
C ILE A 108 -66.69 60.47 -35.34
N PHE A 109 -65.43 60.08 -35.36
CA PHE A 109 -64.77 59.58 -36.55
C PHE A 109 -64.13 58.24 -36.25
N ASP A 110 -63.52 57.64 -37.27
CA ASP A 110 -62.86 56.35 -37.15
C ASP A 110 -61.37 56.53 -37.35
N THR A 111 -60.58 55.92 -36.47
CA THR A 111 -59.12 56.02 -36.54
C THR A 111 -58.49 54.91 -37.35
N CYS A 112 -59.13 53.73 -37.39
CA CYS A 112 -58.57 52.55 -38.06
C CYS A 112 -57.22 52.18 -37.48
N ASN A 113 -56.97 52.54 -36.22
CA ASN A 113 -55.72 52.24 -35.52
C ASN A 113 -54.51 52.79 -36.26
N THR A 114 -54.69 53.86 -37.03
CA THR A 114 -53.63 54.44 -37.83
C THR A 114 -53.53 55.93 -37.56
N VAL A 115 -52.32 56.46 -37.70
CA VAL A 115 -52.05 57.86 -37.37
C VAL A 115 -52.70 58.79 -38.39
N SER A 116 -52.67 58.43 -39.67
CA SER A 116 -53.14 59.34 -40.71
C SER A 116 -54.64 59.61 -40.60
N LYS A 117 -55.44 58.56 -40.39
CA LYS A 117 -56.88 58.74 -40.27
C LYS A 117 -57.22 59.57 -39.04
N ALA A 118 -56.55 59.30 -37.92
CA ALA A 118 -56.80 60.07 -36.70
C ALA A 118 -56.40 61.52 -36.87
N LEU A 119 -55.30 61.77 -37.58
CA LEU A 119 -54.88 63.15 -37.83
C LEU A 119 -55.87 63.87 -38.72
N GLU A 120 -56.41 63.20 -39.73
CA GLU A 120 -57.45 63.80 -40.55
C GLU A 120 -58.68 64.12 -39.71
N ALA A 121 -59.08 63.20 -38.84
CA ALA A 121 -60.21 63.45 -37.95
C ALA A 121 -59.95 64.63 -37.04
N THR A 122 -58.75 64.72 -36.48
CA THR A 122 -58.42 65.83 -35.58
C THR A 122 -58.38 67.15 -36.32
N LEU A 123 -57.89 67.15 -37.56
CA LEU A 123 -57.92 68.37 -38.36
C LEU A 123 -59.35 68.81 -38.62
N SER A 124 -60.25 67.86 -38.89
CA SER A 124 -61.66 68.21 -39.00
C SER A 124 -62.22 68.69 -37.67
N PHE A 125 -61.63 68.24 -36.56
CA PHE A 125 -62.12 68.66 -35.24
C PHE A 125 -61.80 70.12 -34.97
N VAL A 126 -60.58 70.53 -35.25
CA VAL A 126 -60.07 71.82 -34.81
C VAL A 126 -60.19 72.89 -35.91
N ALA A 127 -61.05 72.65 -36.90
CA ALA A 127 -61.16 73.60 -38.01
C ALA A 127 -61.63 74.97 -37.53
N GLN A 128 -62.58 75.00 -36.59
CA GLN A 128 -63.08 76.28 -36.09
C GLN A 128 -62.01 77.02 -35.30
N ASN A 129 -61.34 76.33 -34.37
CA ASN A 129 -60.26 76.96 -33.63
C ASN A 129 -59.08 77.28 -34.55
N LYS A 130 -58.87 76.46 -35.58
CA LYS A 130 -57.91 76.81 -36.62
C LYS A 130 -58.24 78.15 -37.25
N ILE A 131 -59.50 78.35 -37.63
CA ILE A 131 -59.89 79.60 -38.26
C ILE A 131 -59.72 80.75 -37.28
N ASP A 132 -60.04 80.53 -36.02
CA ASP A 132 -59.90 81.58 -35.01
C ASP A 132 -58.43 81.98 -34.82
N SER A 133 -57.53 81.00 -34.79
CA SER A 133 -56.12 81.29 -34.46
C SER A 133 -55.31 81.66 -35.70
N LEU A 134 -55.25 80.77 -36.69
CA LEU A 134 -54.50 81.02 -37.91
C LEU A 134 -55.05 82.19 -38.71
N ASN A 135 -56.30 82.59 -38.45
CA ASN A 135 -56.96 83.68 -39.18
C ASN A 135 -56.99 83.40 -40.68
N LEU A 136 -57.26 82.16 -41.05
CA LEU A 136 -57.34 81.78 -42.46
C LEU A 136 -58.72 82.08 -43.03
N CYS A 142 -64.67 81.86 -45.84
CA CYS A 142 -64.87 80.79 -44.86
C CYS A 142 -66.32 80.33 -44.86
N SER A 143 -66.57 79.13 -44.32
CA SER A 143 -67.92 78.61 -44.27
C SER A 143 -68.78 79.35 -43.26
N GLU A 144 -68.16 79.91 -42.22
CA GLU A 144 -68.85 80.67 -41.16
C GLU A 144 -69.89 79.83 -40.43
N HIS A 145 -69.80 78.50 -40.52
CA HIS A 145 -70.72 77.62 -39.82
C HIS A 145 -70.01 76.40 -39.22
N ILE A 146 -68.71 76.50 -38.98
CA ILE A 146 -67.96 75.36 -38.45
C ILE A 146 -68.37 75.10 -37.01
N PRO A 147 -68.75 73.88 -36.63
CA PRO A 147 -69.10 73.61 -35.24
C PRO A 147 -67.89 73.74 -34.32
N SER A 148 -68.16 74.12 -33.08
CA SER A 148 -67.12 74.36 -32.08
C SER A 148 -67.01 73.12 -31.20
N THR A 149 -66.07 72.24 -31.55
CA THR A 149 -65.78 71.07 -30.73
C THR A 149 -64.98 71.50 -29.51
N ILE A 150 -65.51 71.21 -28.32
CA ILE A 150 -64.88 71.66 -27.09
C ILE A 150 -64.17 70.53 -26.34
N ALA A 151 -64.45 69.27 -26.66
CA ALA A 151 -63.84 68.16 -25.97
C ALA A 151 -63.85 66.93 -26.87
N VAL A 152 -62.75 66.20 -26.88
CA VAL A 152 -62.57 65.04 -27.73
C VAL A 152 -62.22 63.85 -26.85
N VAL A 153 -63.02 62.80 -26.93
CA VAL A 153 -62.72 61.56 -26.20
C VAL A 153 -61.60 60.86 -26.94
N GLY A 154 -60.47 60.66 -26.27
CA GLY A 154 -59.23 60.34 -26.93
C GLY A 154 -59.25 59.01 -27.65
N ALA A 155 -58.22 58.79 -28.44
CA ALA A 155 -58.11 57.60 -29.27
C ALA A 155 -57.74 56.40 -28.41
N THR A 156 -57.53 55.25 -29.06
CA THR A 156 -57.21 54.01 -28.37
C THR A 156 -55.72 53.75 -28.32
N GLY A 157 -55.04 53.80 -29.45
CA GLY A 157 -53.61 53.53 -29.47
C GLY A 157 -52.82 54.62 -28.78
N SER A 158 -51.65 54.25 -28.27
CA SER A 158 -50.79 55.21 -27.60
C SER A 158 -50.12 56.13 -28.60
N GLY A 159 -49.64 55.59 -29.73
CA GLY A 159 -49.11 56.44 -30.77
C GLY A 159 -50.17 57.33 -31.38
N VAL A 160 -51.38 56.77 -31.57
CA VAL A 160 -52.49 57.55 -32.09
C VAL A 160 -52.86 58.66 -31.12
N SER A 161 -52.94 58.35 -29.83
CA SER A 161 -53.27 59.36 -28.83
C SER A 161 -52.19 60.43 -28.76
N THR A 162 -50.92 60.03 -28.83
CA THR A 162 -49.83 61.00 -28.82
C THR A 162 -49.93 61.94 -30.02
N ALA A 163 -50.17 61.38 -31.21
CA ALA A 163 -50.26 62.20 -32.41
C ALA A 163 -51.44 63.16 -32.34
N VAL A 164 -52.58 62.69 -31.83
CA VAL A 164 -53.75 63.55 -31.73
C VAL A 164 -53.53 64.63 -30.67
N ALA A 165 -52.86 64.28 -29.58
CA ALA A 165 -52.64 65.24 -28.49
C ALA A 165 -51.65 66.32 -28.90
N ASN A 166 -50.62 65.97 -29.67
CA ASN A 166 -49.67 66.97 -30.14
C ASN A 166 -50.34 68.05 -30.96
N LEU A 167 -51.50 67.77 -31.55
CA LEU A 167 -52.25 68.76 -32.31
C LEU A 167 -53.37 69.39 -31.51
N LEU A 168 -53.98 68.66 -30.59
CA LEU A 168 -55.05 69.22 -29.77
C LEU A 168 -54.51 70.18 -28.70
N GLY A 169 -53.28 69.97 -28.24
CA GLY A 169 -52.73 70.83 -27.20
C GLY A 169 -52.42 72.24 -27.66
N LEU A 170 -52.38 72.48 -28.98
CA LEU A 170 -52.22 73.83 -29.48
C LEU A 170 -53.38 74.71 -29.06
N PHE A 171 -54.60 74.18 -29.16
CA PHE A 171 -55.82 74.90 -28.82
C PHE A 171 -56.30 74.60 -27.41
N TYR A 172 -55.54 73.81 -26.64
CA TYR A 172 -55.90 73.45 -25.27
C TYR A 172 -57.28 72.78 -25.20
N ILE A 173 -57.57 71.94 -26.20
CA ILE A 173 -58.80 71.16 -26.20
C ILE A 173 -58.59 69.92 -25.31
N PRO A 174 -59.41 69.72 -24.29
CA PRO A 174 -59.24 68.53 -23.46
C PRO A 174 -59.45 67.25 -24.25
N GLN A 175 -58.70 66.21 -23.87
CA GLN A 175 -58.76 64.90 -24.51
C GLN A 175 -58.75 63.83 -23.43
N VAL A 176 -59.91 63.24 -23.17
CA VAL A 176 -60.05 62.21 -22.14
C VAL A 176 -60.05 60.86 -22.85
N SER A 177 -58.87 60.27 -22.96
CA SER A 177 -58.74 58.95 -23.57
C SER A 177 -59.28 57.88 -22.63
N TYR A 178 -59.44 56.67 -23.17
CA TYR A 178 -60.02 55.58 -22.41
C TYR A 178 -59.15 54.33 -22.46
N ALA A 179 -58.34 54.21 -23.51
CA ALA A 179 -57.54 53.01 -23.72
C ALA A 179 -56.04 53.26 -23.73
N SER A 180 -55.58 54.41 -24.23
CA SER A 180 -54.16 54.68 -24.24
C SER A 180 -53.62 54.76 -22.81
N SER A 181 -52.55 54.02 -22.54
CA SER A 181 -52.03 53.92 -21.19
C SER A 181 -50.51 53.94 -21.15
N SER A 182 -49.87 54.56 -22.14
CA SER A 182 -48.42 54.66 -22.12
C SER A 182 -47.98 55.66 -21.05
N ARG A 183 -46.83 55.37 -20.44
CA ARG A 183 -46.27 56.30 -19.47
C ARG A 183 -45.73 57.57 -20.12
N LEU A 184 -45.61 57.59 -21.45
CA LEU A 184 -45.14 58.78 -22.14
C LEU A 184 -46.16 59.90 -22.14
N LEU A 185 -47.44 59.58 -22.01
CA LEU A 185 -48.51 60.57 -22.06
C LEU A 185 -48.73 61.28 -20.73
N SER A 186 -47.99 60.90 -19.69
CA SER A 186 -48.07 61.60 -18.41
C SER A 186 -47.23 62.86 -18.36
N ASN A 187 -46.34 63.06 -19.32
CA ASN A 187 -45.51 64.26 -19.38
C ASN A 187 -46.38 65.44 -19.77
N LYS A 188 -46.79 66.24 -18.79
CA LYS A 188 -47.67 67.37 -19.05
C LYS A 188 -46.96 68.58 -19.63
N ASN A 189 -45.63 68.54 -19.74
CA ASN A 189 -44.93 69.61 -20.43
C ASN A 189 -45.26 69.62 -21.92
N GLN A 190 -45.50 68.45 -22.50
CA GLN A 190 -45.80 68.31 -23.92
C GLN A 190 -47.28 68.07 -24.20
N PHE A 191 -47.93 67.20 -23.41
CA PHE A 191 -49.35 66.89 -23.58
C PHE A 191 -50.13 67.73 -22.57
N LYS A 192 -50.28 69.01 -22.89
CA LYS A 192 -50.89 69.95 -21.96
C LYS A 192 -52.35 69.60 -21.69
N SER A 193 -53.09 69.22 -22.72
CA SER A 193 -54.53 69.02 -22.62
C SER A 193 -54.93 67.56 -22.86
N PHE A 194 -54.16 66.63 -22.32
CA PHE A 194 -54.47 65.21 -22.41
C PHE A 194 -54.80 64.67 -21.04
N LEU A 195 -55.95 64.02 -20.92
CA LEU A 195 -56.37 63.34 -19.71
C LEU A 195 -56.57 61.86 -20.00
N ARG A 196 -56.71 61.08 -18.94
CA ARG A 196 -56.73 59.63 -19.07
C ARG A 196 -57.73 59.05 -18.08
N THR A 197 -58.61 58.18 -18.56
CA THR A 197 -59.51 57.44 -17.69
C THR A 197 -59.01 56.03 -17.40
N ILE A 198 -57.84 55.66 -17.93
CA ILE A 198 -57.26 54.35 -17.70
C ILE A 198 -55.89 54.55 -17.07
N PRO A 199 -55.52 53.78 -16.05
CA PRO A 199 -54.18 53.93 -15.46
C PRO A 199 -53.10 53.66 -16.49
N ASN A 200 -52.03 54.45 -16.42
CA ASN A 200 -50.89 54.20 -17.29
C ASN A 200 -50.16 52.94 -16.86
N ASP A 201 -49.48 52.30 -17.81
CA ASP A 201 -48.86 51.02 -17.52
C ASP A 201 -47.52 51.18 -16.82
N GLU A 202 -47.50 51.97 -15.75
CA GLU A 202 -46.40 51.94 -14.79
C GLU A 202 -46.67 50.97 -13.65
N HIS A 203 -47.94 50.62 -13.42
CA HIS A 203 -48.31 49.61 -12.46
C HIS A 203 -48.41 48.23 -13.06
N GLN A 204 -48.73 48.12 -14.36
CA GLN A 204 -48.87 46.81 -14.98
C GLN A 204 -47.54 46.10 -15.11
N ALA A 205 -46.49 46.82 -15.49
CA ALA A 205 -45.16 46.20 -15.57
C ALA A 205 -44.68 45.76 -14.20
N THR A 206 -44.91 46.59 -13.18
CA THR A 206 -44.62 46.19 -11.81
C THR A 206 -45.42 44.96 -11.43
N ALA A 207 -46.66 44.87 -11.90
CA ALA A 207 -47.51 43.73 -11.58
C ALA A 207 -46.97 42.44 -12.20
N MET A 208 -46.50 42.50 -13.46
CA MET A 208 -45.95 41.29 -14.03
C MET A 208 -44.61 40.93 -13.39
N ALA A 209 -43.83 41.94 -12.99
CA ALA A 209 -42.62 41.64 -12.22
C ALA A 209 -42.97 40.94 -10.91
N ASP A 210 -44.01 41.40 -10.23
CA ASP A 210 -44.47 40.74 -9.01
C ASP A 210 -44.96 39.33 -9.30
N ILE A 211 -45.63 39.13 -10.44
CA ILE A 211 -46.11 37.81 -10.81
C ILE A 211 -44.93 36.86 -11.01
N ILE A 212 -43.90 37.32 -11.71
CA ILE A 212 -42.74 36.47 -11.96
C ILE A 212 -42.00 36.16 -10.67
N GLU A 213 -41.88 37.16 -9.78
CA GLU A 213 -41.25 36.91 -8.49
C GLU A 213 -42.09 35.97 -7.63
N TYR A 214 -43.42 36.03 -7.78
CA TYR A 214 -44.31 35.19 -6.99
C TYR A 214 -44.19 33.72 -7.36
N PHE A 215 -43.98 33.44 -8.65
CA PHE A 215 -43.85 32.07 -9.14
C PHE A 215 -42.40 31.62 -9.21
N ARG A 216 -41.48 32.42 -8.71
CA ARG A 216 -40.07 32.06 -8.61
C ARG A 216 -39.47 31.70 -9.96
N TRP A 217 -39.46 32.66 -10.89
CA TRP A 217 -38.79 32.53 -12.16
C TRP A 217 -37.62 33.51 -12.23
N ASN A 218 -36.59 33.14 -12.98
CA ASN A 218 -35.49 34.06 -13.23
C ASN A 218 -34.99 34.00 -14.66
N TRP A 219 -35.65 33.26 -15.53
CA TRP A 219 -35.26 33.13 -16.94
C TRP A 219 -36.53 33.32 -17.79
N VAL A 220 -36.74 34.53 -18.28
CA VAL A 220 -37.94 34.89 -19.01
C VAL A 220 -37.55 35.55 -20.32
N GLY A 221 -38.52 35.68 -21.22
CA GLY A 221 -38.32 36.38 -22.47
C GLY A 221 -39.28 37.55 -22.60
N THR A 222 -38.99 38.49 -23.48
CA THR A 222 -39.81 39.69 -23.64
C THR A 222 -40.05 39.98 -25.11
N ILE A 223 -41.29 40.32 -25.43
CA ILE A 223 -41.68 40.76 -26.76
C ILE A 223 -42.51 42.04 -26.61
N ALA A 224 -42.18 43.06 -27.38
CA ALA A 224 -42.85 44.35 -27.27
C ALA A 224 -43.23 44.86 -28.65
N ALA A 225 -44.45 45.36 -28.76
CA ALA A 225 -44.88 46.02 -29.99
C ALA A 225 -44.04 47.27 -30.21
N ASP A 226 -43.61 47.49 -31.45
CA ASP A 226 -42.73 48.59 -31.75
C ASP A 226 -43.50 49.89 -31.93
N ASP A 227 -44.32 50.25 -30.94
CA ASP A 227 -45.00 51.52 -30.94
C ASP A 227 -44.84 52.18 -29.57
N ASP A 228 -45.53 53.29 -29.35
CA ASP A 228 -45.41 54.01 -28.09
C ASP A 228 -46.06 53.30 -26.94
N TYR A 229 -46.55 52.08 -27.11
CA TYR A 229 -47.17 51.32 -26.04
C TYR A 229 -46.35 50.12 -25.60
N GLY A 230 -45.67 49.45 -26.52
CA GLY A 230 -44.87 48.30 -26.16
C GLY A 230 -43.48 48.66 -25.67
N ARG A 231 -42.92 49.77 -26.15
CA ARG A 231 -41.54 50.10 -25.77
C ARG A 231 -41.44 50.64 -24.34
N PRO A 232 -42.16 51.70 -23.95
CA PRO A 232 -42.04 52.17 -22.57
C PRO A 232 -42.45 51.13 -21.55
N GLY A 233 -43.51 50.35 -21.84
CA GLY A 233 -43.93 49.32 -20.92
C GLY A 233 -42.89 48.23 -20.73
N ILE A 234 -42.30 47.77 -21.84
CA ILE A 234 -41.29 46.73 -21.71
C ILE A 234 -40.03 47.28 -21.04
N GLU A 235 -39.73 48.57 -21.23
CA GLU A 235 -38.58 49.14 -20.54
C GLU A 235 -38.81 49.24 -19.04
N LYS A 236 -40.02 49.66 -18.64
CA LYS A 236 -40.35 49.69 -17.22
C LYS A 236 -40.30 48.28 -16.62
N PHE A 237 -40.82 47.30 -17.35
CA PHE A 237 -40.74 45.93 -16.87
C PHE A 237 -39.30 45.45 -16.76
N ARG A 238 -38.46 45.84 -17.71
CA ARG A 238 -37.06 45.45 -17.64
C ARG A 238 -36.40 46.04 -16.40
N GLU A 239 -36.69 47.31 -16.10
CA GLU A 239 -36.15 47.91 -14.89
C GLU A 239 -36.62 47.17 -13.65
N GLU A 240 -37.93 46.87 -13.58
CA GLU A 240 -38.47 46.18 -12.41
C GLU A 240 -37.88 44.78 -12.26
N ALA A 241 -37.72 44.06 -13.37
CA ALA A 241 -37.17 42.71 -13.32
C ALA A 241 -35.69 42.73 -12.92
N GLU A 242 -34.94 43.71 -13.44
CA GLU A 242 -33.54 43.85 -13.02
C GLU A 242 -33.44 44.16 -11.54
N GLU A 243 -34.38 44.94 -11.01
CA GLU A 243 -34.41 45.20 -9.58
C GLU A 243 -34.68 43.92 -8.80
N ARG A 244 -35.54 43.05 -9.30
CA ARG A 244 -35.95 41.84 -8.60
C ARG A 244 -35.10 40.63 -8.94
N ASP A 245 -33.92 40.82 -9.53
CA ASP A 245 -33.00 39.74 -9.87
C ASP A 245 -33.67 38.71 -10.78
N ILE A 246 -34.15 39.20 -11.92
CA ILE A 246 -34.77 38.36 -12.94
C ILE A 246 -34.02 38.58 -14.24
N CYS A 247 -33.56 37.51 -14.86
CA CYS A 247 -32.72 37.59 -16.06
C CYS A 247 -33.60 37.36 -17.29
N ILE A 248 -33.60 38.31 -18.20
CA ILE A 248 -34.37 38.24 -19.43
C ILE A 248 -33.45 37.73 -20.53
N ASP A 249 -33.85 36.62 -21.17
CA ASP A 249 -33.00 36.01 -22.19
C ASP A 249 -32.93 36.86 -23.45
N PHE A 250 -34.08 37.33 -23.93
CA PHE A 250 -34.14 38.08 -25.18
C PHE A 250 -35.20 39.16 -25.08
N SER A 251 -35.02 40.22 -25.85
CA SER A 251 -36.00 41.29 -25.97
C SER A 251 -36.12 41.65 -27.45
N GLU A 252 -37.22 41.25 -28.07
CA GLU A 252 -37.42 41.44 -29.49
C GLU A 252 -38.63 42.32 -29.74
N LEU A 253 -38.55 43.13 -30.79
CA LEU A 253 -39.58 44.09 -31.15
C LEU A 253 -40.33 43.59 -32.38
N ILE A 254 -41.67 43.57 -32.28
CA ILE A 254 -42.52 43.13 -33.37
C ILE A 254 -43.46 44.28 -33.73
N SER A 255 -44.09 44.15 -34.89
CA SER A 255 -45.00 45.18 -35.38
C SER A 255 -46.02 44.53 -36.30
N GLN A 256 -47.15 45.23 -36.48
CA GLN A 256 -48.19 44.72 -37.36
C GLN A 256 -47.71 44.65 -38.81
N TYR A 257 -46.89 45.62 -39.23
CA TYR A 257 -46.38 45.68 -40.59
C TYR A 257 -45.04 44.96 -40.73
N SER A 258 -44.80 43.94 -39.91
CA SER A 258 -43.56 43.19 -39.99
C SER A 258 -43.46 42.46 -41.32
N ASP A 259 -42.25 42.39 -41.86
CA ASP A 259 -41.99 41.59 -43.05
C ASP A 259 -41.77 40.14 -42.65
N GLU A 260 -41.52 39.29 -43.64
CA GLU A 260 -41.29 37.87 -43.37
C GLU A 260 -39.95 37.64 -42.70
N GLU A 261 -38.93 38.42 -43.08
CA GLU A 261 -37.58 38.17 -42.58
C GLU A 261 -37.47 38.43 -41.08
N GLU A 262 -38.02 39.56 -40.61
CA GLU A 262 -37.88 39.88 -39.19
C GLU A 262 -38.78 39.01 -38.33
N ILE A 263 -39.96 38.62 -38.84
CA ILE A 263 -40.77 37.64 -38.13
C ILE A 263 -40.03 36.31 -38.01
N GLN A 264 -39.37 35.89 -39.10
CA GLN A 264 -38.59 34.66 -39.05
C GLN A 264 -37.47 34.76 -38.02
N HIS A 265 -36.78 35.91 -37.99
CA HIS A 265 -35.72 36.09 -37.01
C HIS A 265 -36.24 36.05 -35.58
N VAL A 266 -37.39 36.68 -35.34
CA VAL A 266 -37.98 36.67 -34.00
C VAL A 266 -38.35 35.25 -33.60
N VAL A 267 -38.96 34.50 -34.52
CA VAL A 267 -39.34 33.12 -34.20
C VAL A 267 -38.11 32.27 -33.93
N GLU A 268 -37.05 32.46 -34.72
CA GLU A 268 -35.82 31.71 -34.50
C GLU A 268 -35.22 32.03 -33.13
N VAL A 269 -35.25 33.31 -32.73
CA VAL A 269 -34.77 33.70 -31.41
C VAL A 269 -35.62 33.03 -30.33
N ILE A 270 -36.93 33.01 -30.52
CA ILE A 270 -37.82 32.42 -29.52
C ILE A 270 -37.53 30.93 -29.35
N GLN A 271 -37.39 30.21 -30.48
CA GLN A 271 -37.20 28.77 -30.40
C GLN A 271 -35.78 28.39 -30.00
N ASN A 272 -34.82 29.30 -30.18
CA ASN A 272 -33.44 29.05 -29.78
C ASN A 272 -33.19 29.30 -28.31
N SER A 273 -34.24 29.62 -27.54
CA SER A 273 -34.11 30.00 -26.15
C SER A 273 -34.77 28.97 -25.25
N THR A 274 -34.19 28.79 -24.06
CA THR A 274 -34.74 27.89 -23.06
C THR A 274 -35.65 28.60 -22.07
N ALA A 275 -35.93 29.88 -22.28
CA ALA A 275 -36.85 30.60 -21.40
C ALA A 275 -38.28 30.18 -21.70
N LYS A 276 -38.95 29.63 -20.68
CA LYS A 276 -40.30 29.10 -20.85
C LYS A 276 -41.39 30.10 -20.53
N VAL A 277 -41.03 31.33 -20.17
CA VAL A 277 -42.00 32.38 -19.86
C VAL A 277 -41.71 33.57 -20.76
N ILE A 278 -42.73 34.02 -21.49
CA ILE A 278 -42.60 35.16 -22.40
C ILE A 278 -43.58 36.24 -21.94
N VAL A 279 -43.05 37.44 -21.73
CA VAL A 279 -43.84 38.59 -21.29
C VAL A 279 -44.02 39.49 -22.51
N VAL A 280 -45.27 39.77 -22.87
CA VAL A 280 -45.59 40.47 -24.10
C VAL A 280 -46.30 41.78 -23.77
N PHE A 281 -45.77 42.88 -24.28
CA PHE A 281 -46.45 44.16 -24.36
C PHE A 281 -46.80 44.42 -25.82
N SER A 282 -48.06 44.21 -26.18
CA SER A 282 -48.50 44.45 -27.55
C SER A 282 -50.01 44.53 -27.57
N SER A 283 -50.53 44.90 -28.73
CA SER A 283 -51.96 44.81 -29.02
C SER A 283 -52.19 43.68 -30.01
N GLY A 284 -53.46 43.39 -30.28
CA GLY A 284 -53.83 42.30 -31.16
C GLY A 284 -53.26 42.43 -32.56
N PRO A 285 -53.52 43.57 -33.22
CA PRO A 285 -52.99 43.74 -34.58
C PRO A 285 -51.48 43.63 -34.69
N ASP A 286 -50.74 44.15 -33.72
CA ASP A 286 -49.27 44.08 -33.78
C ASP A 286 -48.74 42.73 -33.35
N LEU A 287 -49.56 41.90 -32.71
CA LEU A 287 -49.16 40.56 -32.31
C LEU A 287 -49.55 39.49 -33.32
N GLU A 288 -50.53 39.76 -34.16
CA GLU A 288 -51.08 38.75 -35.07
C GLU A 288 -50.02 38.05 -35.92
N PRO A 289 -49.09 38.73 -36.59
CA PRO A 289 -48.11 38.00 -37.40
C PRO A 289 -47.26 37.03 -36.61
N LEU A 290 -46.78 37.44 -35.42
CA LEU A 290 -45.91 36.58 -34.64
C LEU A 290 -46.64 35.33 -34.17
N ILE A 291 -47.87 35.49 -33.66
CA ILE A 291 -48.62 34.33 -33.19
C ILE A 291 -49.00 33.44 -34.36
N LYS A 292 -49.31 34.03 -35.52
CA LYS A 292 -49.59 33.22 -36.70
C LYS A 292 -48.39 32.36 -37.06
N GLU A 293 -47.20 32.95 -37.07
CA GLU A 293 -46.00 32.19 -37.41
C GLU A 293 -45.70 31.13 -36.37
N ILE A 294 -45.89 31.45 -35.08
CA ILE A 294 -45.62 30.49 -34.03
C ILE A 294 -46.57 29.30 -34.14
N VAL A 295 -47.85 29.56 -34.40
CA VAL A 295 -48.82 28.48 -34.56
C VAL A 295 -48.49 27.65 -35.78
N ARG A 296 -48.09 28.29 -36.89
CA ARG A 296 -47.69 27.55 -38.07
C ARG A 296 -46.49 26.65 -37.77
N ARG A 297 -45.53 27.14 -37.00
CA ARG A 297 -44.40 26.32 -36.57
C ARG A 297 -44.75 25.40 -35.41
N ASN A 298 -45.91 25.59 -34.79
CA ASN A 298 -46.38 24.75 -33.68
C ASN A 298 -45.36 24.72 -32.55
N ILE A 299 -45.06 25.91 -32.03
CA ILE A 299 -44.18 26.05 -30.87
C ILE A 299 -45.06 26.06 -29.63
N THR A 300 -44.87 25.07 -28.76
CA THR A 300 -45.71 24.90 -27.58
C THR A 300 -44.83 24.68 -26.36
N GLY A 301 -45.28 25.17 -25.22
CA GLY A 301 -44.57 25.01 -23.98
C GLY A 301 -44.33 26.32 -23.25
N LYS A 302 -44.33 27.42 -24.00
CA LYS A 302 -44.08 28.72 -23.41
C LYS A 302 -45.28 29.20 -22.61
N ILE A 303 -45.01 30.04 -21.62
CA ILE A 303 -46.03 30.66 -20.80
C ILE A 303 -46.07 32.14 -21.14
N TRP A 304 -47.25 32.63 -21.51
CA TRP A 304 -47.41 34.00 -21.99
C TRP A 304 -48.03 34.87 -20.90
N LEU A 305 -47.37 35.98 -20.59
CA LEU A 305 -47.89 36.98 -19.66
C LEU A 305 -48.33 38.18 -20.50
N ALA A 306 -49.64 38.28 -20.72
CA ALA A 306 -50.20 39.28 -21.60
C ALA A 306 -50.48 40.58 -20.84
N SER A 307 -50.24 41.70 -21.51
CA SER A 307 -50.69 42.98 -20.99
C SER A 307 -52.17 43.15 -21.28
N GLU A 308 -52.77 44.19 -20.67
CA GLU A 308 -54.21 44.37 -20.76
C GLU A 308 -54.69 44.67 -22.17
N ALA A 309 -53.79 45.01 -23.10
CA ALA A 309 -54.22 45.30 -24.47
C ALA A 309 -54.73 44.05 -25.18
N TRP A 310 -54.00 42.95 -25.06
CA TRP A 310 -54.39 41.72 -25.74
C TRP A 310 -54.67 40.57 -24.78
N ALA A 311 -54.71 40.81 -23.48
CA ALA A 311 -55.11 39.77 -22.55
C ALA A 311 -56.57 39.39 -22.72
N SER A 312 -57.36 40.21 -23.40
CA SER A 312 -58.76 39.92 -23.69
C SER A 312 -59.07 40.18 -25.17
N SER A 313 -58.07 40.04 -26.03
CA SER A 313 -58.24 40.33 -27.45
C SER A 313 -58.88 39.16 -28.17
N SER A 314 -59.90 39.45 -28.97
CA SER A 314 -60.51 38.42 -29.80
C SER A 314 -59.62 38.03 -30.98
N LEU A 315 -58.71 38.91 -31.40
CA LEU A 315 -57.80 38.57 -32.48
C LEU A 315 -56.79 37.51 -32.08
N ILE A 316 -56.55 37.34 -30.79
CA ILE A 316 -55.58 36.37 -30.29
C ILE A 316 -56.26 35.22 -29.58
N ALA A 317 -57.32 35.50 -28.81
CA ALA A 317 -58.05 34.45 -28.09
C ALA A 317 -59.01 33.75 -29.05
N MET A 318 -58.43 32.92 -29.91
CA MET A 318 -59.20 32.11 -30.84
C MET A 318 -58.83 30.63 -30.66
N PRO A 319 -59.79 29.73 -30.83
CA PRO A 319 -59.55 28.32 -30.48
C PRO A 319 -58.40 27.68 -31.25
N GLN A 320 -58.18 28.07 -32.50
CA GLN A 320 -57.12 27.45 -33.29
C GLN A 320 -55.74 27.72 -32.72
N TYR A 321 -55.59 28.78 -31.92
CA TYR A 321 -54.30 29.12 -31.32
C TYR A 321 -54.16 28.62 -29.89
N PHE A 322 -55.21 28.01 -29.32
CA PHE A 322 -55.18 27.63 -27.91
C PHE A 322 -54.16 26.53 -27.63
N HIS A 323 -53.68 25.83 -28.65
CA HIS A 323 -52.62 24.86 -28.46
C HIS A 323 -51.24 25.51 -28.44
N VAL A 324 -51.17 26.83 -28.57
CA VAL A 324 -49.92 27.58 -28.49
C VAL A 324 -49.97 28.63 -27.39
N VAL A 325 -51.04 29.41 -27.34
CA VAL A 325 -51.16 30.50 -26.38
C VAL A 325 -52.20 30.17 -25.32
N GLY A 326 -52.41 28.88 -25.07
CA GLY A 326 -53.30 28.49 -24.00
C GLY A 326 -52.70 28.77 -22.63
N GLY A 327 -53.58 28.99 -21.66
CA GLY A 327 -53.13 29.27 -20.31
C GLY A 327 -52.33 30.55 -20.18
N THR A 328 -52.80 31.63 -20.78
CA THR A 328 -52.12 32.92 -20.72
C THR A 328 -52.64 33.72 -19.53
N ILE A 329 -51.73 34.15 -18.67
CA ILE A 329 -52.06 34.96 -17.50
C ILE A 329 -51.94 36.41 -17.90
N GLY A 330 -53.07 37.09 -18.07
CA GLY A 330 -53.09 38.47 -18.51
C GLY A 330 -53.76 39.37 -17.48
N PHE A 331 -53.94 40.62 -17.88
CA PHE A 331 -54.52 41.65 -17.04
C PHE A 331 -55.79 42.19 -17.69
N ALA A 332 -56.74 42.60 -16.85
CA ALA A 332 -57.96 43.22 -17.32
C ALA A 332 -58.35 44.34 -16.36
N LEU A 333 -58.76 45.46 -16.92
CA LEU A 333 -59.17 46.59 -16.09
C LEU A 333 -60.45 46.24 -15.32
N LYS A 334 -60.65 46.94 -14.21
CA LYS A 334 -61.85 46.73 -13.42
C LYS A 334 -63.09 47.08 -14.24
N ALA A 335 -64.08 46.19 -14.20
CA ALA A 335 -65.26 46.32 -15.04
C ALA A 335 -66.32 47.16 -14.35
N GLY A 336 -66.85 48.15 -15.08
CA GLY A 336 -67.95 48.94 -14.59
C GLY A 336 -69.29 48.37 -14.96
N GLN A 337 -70.34 48.98 -14.43
CA GLN A 337 -71.71 48.54 -14.66
C GLN A 337 -72.55 49.74 -15.11
N ILE A 338 -72.99 49.72 -16.36
CA ILE A 338 -73.88 50.73 -16.90
C ILE A 338 -75.27 50.11 -16.99
N PRO A 339 -76.25 50.59 -16.20
CA PRO A 339 -77.53 49.86 -16.09
C PRO A 339 -78.27 49.68 -17.40
N GLY A 340 -78.28 50.68 -18.27
CA GLY A 340 -79.08 50.62 -19.47
C GLY A 340 -78.28 50.58 -20.75
N PHE A 341 -77.18 49.83 -20.75
CA PHE A 341 -76.28 49.79 -21.89
C PHE A 341 -76.61 48.67 -22.86
N ARG A 342 -76.94 47.49 -22.34
CA ARG A 342 -77.23 46.35 -23.22
C ARG A 342 -78.43 46.62 -24.10
N GLU A 343 -79.47 47.24 -23.54
CA GLU A 343 -80.67 47.54 -24.33
C GLU A 343 -80.33 48.51 -25.46
N PHE A 344 -79.53 49.54 -25.17
CA PHE A 344 -79.13 50.47 -26.22
C PHE A 344 -78.28 49.78 -27.27
N LEU A 345 -77.41 48.86 -26.84
CA LEU A 345 -76.58 48.12 -27.79
C LEU A 345 -77.44 47.28 -28.72
N LYS A 346 -78.49 46.64 -28.17
CA LYS A 346 -79.40 45.84 -28.99
C LYS A 346 -80.30 46.68 -29.87
N LYS A 347 -80.56 47.94 -29.48
CA LYS A 347 -81.51 48.78 -30.19
C LYS A 347 -80.98 49.32 -31.51
N VAL A 348 -79.70 49.06 -31.85
CA VAL A 348 -79.13 49.62 -33.07
C VAL A 348 -79.89 49.10 -34.29
N HIS A 349 -80.14 49.99 -35.24
CA HIS A 349 -80.87 49.66 -36.46
C HIS A 349 -80.25 50.46 -37.61
N PRO A 350 -79.92 49.81 -38.72
CA PRO A 350 -79.30 50.55 -39.84
C PRO A 350 -80.21 51.58 -40.47
N ARG A 351 -81.53 51.44 -40.34
CA ARG A 351 -82.45 52.40 -40.92
C ARG A 351 -82.68 53.61 -40.02
N LYS A 352 -82.93 53.36 -38.73
CA LYS A 352 -83.15 54.44 -37.77
C LYS A 352 -81.84 54.85 -37.09
N SER A 353 -80.82 55.12 -37.90
CA SER A 353 -79.52 55.56 -37.41
C SER A 353 -79.02 56.74 -38.23
N VAL A 354 -79.89 57.73 -38.44
CA VAL A 354 -79.49 58.94 -39.15
C VAL A 354 -78.33 59.63 -38.45
N HIS A 355 -78.24 59.49 -37.13
CA HIS A 355 -77.16 60.08 -36.34
C HIS A 355 -75.96 59.17 -36.21
N ASN A 356 -75.97 58.00 -36.85
CA ASN A 356 -74.85 57.05 -36.75
C ASN A 356 -74.57 56.51 -38.15
N GLY A 357 -73.50 57.01 -38.78
CA GLY A 357 -73.14 56.58 -40.11
C GLY A 357 -72.33 55.30 -40.18
N PHE A 358 -71.89 54.77 -39.04
CA PHE A 358 -71.18 53.50 -38.99
C PHE A 358 -72.11 52.32 -38.75
N ALA A 359 -73.41 52.56 -38.56
CA ALA A 359 -74.35 51.46 -38.30
C ALA A 359 -74.55 50.60 -39.54
N LYS A 360 -74.51 51.21 -40.72
CA LYS A 360 -74.70 50.45 -41.95
C LYS A 360 -73.61 49.41 -42.12
N GLU A 361 -72.35 49.81 -41.95
CA GLU A 361 -71.26 48.87 -42.06
C GLU A 361 -71.30 47.83 -40.94
N PHE A 362 -71.76 48.22 -39.76
CA PHE A 362 -71.91 47.25 -38.68
C PHE A 362 -72.90 46.16 -39.05
N TRP A 363 -74.05 46.55 -39.60
CA TRP A 363 -75.05 45.59 -40.06
C TRP A 363 -74.47 44.69 -41.13
N GLU A 364 -73.78 45.29 -42.11
CA GLU A 364 -73.19 44.51 -43.19
C GLU A 364 -72.21 43.48 -42.65
N GLU A 365 -71.36 43.89 -41.69
CA GLU A 365 -70.35 42.98 -41.17
C GLU A 365 -70.96 41.88 -40.32
N THR A 366 -71.97 42.21 -39.49
CA THR A 366 -72.51 41.19 -38.60
C THR A 366 -73.40 40.20 -39.35
N PHE A 367 -74.03 40.61 -40.45
CA PHE A 367 -74.92 39.73 -41.20
C PHE A 367 -74.35 39.32 -42.54
N ASN A 368 -73.11 39.72 -42.85
CA ASN A 368 -72.43 39.31 -44.08
C ASN A 368 -73.25 39.64 -45.33
N CYS A 369 -74.12 40.64 -45.24
CA CYS A 369 -75.02 41.03 -46.31
C CYS A 369 -74.69 42.43 -46.79
N HIS A 370 -75.18 42.76 -47.98
CA HIS A 370 -74.92 44.04 -48.64
C HIS A 370 -76.20 44.86 -48.66
N LEU A 371 -76.25 45.90 -47.84
CA LEU A 371 -77.41 46.78 -47.82
C LEU A 371 -77.50 47.60 -49.11
N GLN A 372 -78.73 47.85 -49.54
CA GLN A 372 -78.95 48.62 -50.76
C GLN A 372 -79.24 50.08 -50.45
N PHE A 402 -72.77 36.98 -53.83
CA PHE A 402 -72.45 36.95 -52.40
C PHE A 402 -72.91 38.24 -51.73
N ARG A 403 -74.07 38.75 -52.15
CA ARG A 403 -74.67 39.97 -51.60
C ARG A 403 -76.11 39.63 -51.19
N PRO A 404 -76.28 38.94 -50.07
CA PRO A 404 -77.64 38.58 -49.64
C PRO A 404 -78.47 39.82 -49.31
N LEU A 405 -79.78 39.69 -49.51
CA LEU A 405 -80.69 40.78 -49.17
C LEU A 405 -80.73 40.99 -47.66
N CYS A 406 -80.72 42.25 -47.26
CA CYS A 406 -80.70 42.64 -45.85
C CYS A 406 -82.10 43.06 -45.44
N THR A 407 -82.86 42.11 -44.88
CA THR A 407 -84.17 42.44 -44.34
C THR A 407 -84.03 43.19 -43.02
N GLY A 408 -85.00 44.04 -42.74
CA GLY A 408 -85.00 44.79 -41.50
C GLY A 408 -85.45 44.02 -40.28
N ASP A 409 -85.89 42.78 -40.45
CA ASP A 409 -86.37 41.95 -39.36
C ASP A 409 -85.28 41.07 -38.76
N GLU A 410 -84.04 41.18 -39.24
CA GLU A 410 -82.97 40.37 -38.70
C GLU A 410 -82.66 40.76 -37.27
N ASN A 411 -82.38 39.77 -36.42
CA ASN A 411 -82.12 39.98 -35.01
C ASN A 411 -80.61 39.99 -34.77
N ILE A 412 -80.12 41.05 -34.14
CA ILE A 412 -78.69 41.16 -33.87
C ILE A 412 -78.24 40.15 -32.83
N SER A 413 -79.14 39.66 -31.99
CA SER A 413 -78.78 38.69 -30.96
C SER A 413 -78.45 37.31 -31.53
N SER A 414 -78.71 37.09 -32.82
CA SER A 414 -78.47 35.78 -33.40
C SER A 414 -76.99 35.52 -33.66
N VAL A 415 -76.22 36.55 -33.98
CA VAL A 415 -74.82 36.40 -34.37
C VAL A 415 -73.95 36.40 -33.13
N GLU A 416 -72.79 35.74 -33.24
CA GLU A 416 -71.79 35.70 -32.17
C GLU A 416 -70.70 36.70 -32.54
N THR A 417 -70.82 37.91 -32.01
CA THR A 417 -69.85 38.97 -32.23
C THR A 417 -69.56 39.65 -30.90
N PRO A 418 -68.36 40.21 -30.73
CA PRO A 418 -68.03 40.88 -29.46
C PRO A 418 -68.84 42.15 -29.21
N TYR A 419 -69.62 42.61 -30.19
CA TYR A 419 -70.37 43.85 -30.03
C TYR A 419 -71.39 43.74 -28.91
N ILE A 420 -72.01 42.57 -28.75
CA ILE A 420 -72.96 42.35 -27.67
C ILE A 420 -72.60 41.14 -26.80
N ASP A 421 -71.68 40.29 -27.25
CA ASP A 421 -71.25 39.14 -26.45
C ASP A 421 -70.05 39.57 -25.60
N TYR A 422 -70.35 40.18 -24.46
CA TYR A 422 -69.32 40.62 -23.54
C TYR A 422 -69.63 40.10 -22.14
N THR A 423 -68.59 39.67 -21.44
CA THR A 423 -68.73 39.29 -20.04
C THR A 423 -68.54 40.47 -19.10
N HIS A 424 -67.76 41.47 -19.52
CA HIS A 424 -67.47 42.62 -18.68
C HIS A 424 -67.22 43.83 -19.55
N LEU A 425 -67.49 45.01 -18.99
CA LEU A 425 -67.29 46.29 -19.67
C LEU A 425 -66.11 46.99 -18.99
N ARG A 426 -64.97 47.01 -19.67
CA ARG A 426 -63.74 47.56 -19.10
C ARG A 426 -63.34 48.87 -19.76
N ILE A 427 -63.16 48.88 -21.08
CA ILE A 427 -62.88 50.12 -21.78
C ILE A 427 -64.14 50.85 -22.20
N SER A 428 -65.25 50.12 -22.42
CA SER A 428 -66.52 50.78 -22.70
C SER A 428 -66.96 51.62 -21.50
N TYR A 429 -66.81 51.08 -20.29
CA TYR A 429 -67.08 51.88 -19.10
C TYR A 429 -66.10 53.04 -18.98
N ASN A 430 -64.87 52.87 -19.47
CA ASN A 430 -63.94 54.00 -19.51
C ASN A 430 -64.44 55.10 -20.44
N VAL A 431 -65.02 54.71 -21.58
CA VAL A 431 -65.61 55.69 -22.49
C VAL A 431 -66.75 56.42 -21.80
N TYR A 432 -67.62 55.65 -21.14
CA TYR A 432 -68.75 56.25 -20.43
C TYR A 432 -68.28 57.21 -19.35
N LEU A 433 -67.28 56.80 -18.59
CA LEU A 433 -66.74 57.65 -17.52
C LEU A 433 -66.09 58.91 -18.09
N ALA A 434 -65.41 58.80 -19.22
CA ALA A 434 -64.75 59.96 -19.81
C ALA A 434 -65.76 60.98 -20.27
N VAL A 435 -66.77 60.55 -21.03
CA VAL A 435 -67.77 61.52 -21.48
C VAL A 435 -68.56 62.07 -20.30
N TYR A 436 -68.82 61.24 -19.30
CA TYR A 436 -69.53 61.72 -18.12
C TYR A 436 -68.71 62.75 -17.35
N SER A 437 -67.38 62.57 -17.32
CA SER A 437 -66.52 63.55 -16.68
C SER A 437 -66.48 64.86 -17.46
N ILE A 438 -66.50 64.77 -18.79
CA ILE A 438 -66.61 65.99 -19.60
C ILE A 438 -67.89 66.73 -19.26
N ALA A 439 -69.01 66.00 -19.20
CA ALA A 439 -70.28 66.61 -18.86
C ALA A 439 -70.29 67.18 -17.46
N HIS A 440 -69.60 66.53 -16.52
CA HIS A 440 -69.58 67.03 -15.15
C HIS A 440 -68.71 68.26 -15.00
N ALA A 441 -67.63 68.35 -15.79
CA ALA A 441 -66.87 69.60 -15.84
C ALA A 441 -67.72 70.71 -16.42
N LEU A 442 -68.49 70.42 -17.45
CA LEU A 442 -69.43 71.41 -17.99
C LEU A 442 -70.44 71.83 -16.94
N GLN A 443 -70.95 70.89 -16.17
CA GLN A 443 -71.90 71.20 -15.10
C GLN A 443 -71.25 72.09 -14.04
N ASP A 444 -70.03 71.75 -13.64
CA ASP A 444 -69.31 72.58 -12.67
C ASP A 444 -69.12 73.99 -13.19
N ILE A 445 -68.93 74.14 -14.50
CA ILE A 445 -68.95 75.48 -15.10
C ILE A 445 -70.32 76.11 -14.93
N TYR A 446 -71.38 75.33 -15.17
CA TYR A 446 -72.73 75.89 -15.15
C TYR A 446 -73.16 76.28 -13.73
N THR A 447 -72.84 75.45 -12.74
CA THR A 447 -73.21 75.72 -11.36
C THR A 447 -72.15 76.50 -10.60
N CYS A 448 -71.34 77.29 -11.29
CA CYS A 448 -70.28 78.07 -10.67
C CYS A 448 -70.88 79.40 -10.21
N LEU A 449 -71.02 79.57 -8.91
CA LEU A 449 -71.48 80.84 -8.37
C LEU A 449 -70.40 81.91 -8.54
N PRO A 450 -70.75 83.12 -8.96
CA PRO A 450 -69.74 84.15 -9.17
C PRO A 450 -69.02 84.51 -7.87
N GLY A 451 -67.75 84.83 -8.00
CA GLY A 451 -66.89 85.15 -6.86
C GLY A 451 -66.14 83.97 -6.29
N ARG A 452 -66.74 82.78 -6.34
CA ARG A 452 -66.13 81.57 -5.83
C ARG A 452 -65.45 80.73 -6.91
N GLY A 453 -65.38 81.23 -8.14
CA GLY A 453 -64.82 80.46 -9.23
C GLY A 453 -63.30 80.37 -9.14
N LEU A 454 -62.75 79.49 -9.97
CA LEU A 454 -61.32 79.23 -10.03
C LEU A 454 -60.61 80.06 -11.09
N PHE A 455 -61.32 80.98 -11.74
CA PHE A 455 -60.73 81.85 -12.74
C PHE A 455 -60.01 83.03 -12.08
N THR A 456 -59.67 84.05 -12.87
CA THR A 456 -58.81 85.14 -12.40
C THR A 456 -59.32 85.81 -11.13
N ASN A 457 -60.49 86.44 -11.21
CA ASN A 457 -61.04 87.19 -10.08
C ASN A 457 -62.15 86.41 -9.39
N GLY A 458 -62.02 85.09 -9.36
CA GLY A 458 -63.04 84.25 -8.79
C GLY A 458 -64.28 84.15 -9.67
N SER A 459 -64.15 84.63 -10.91
CA SER A 459 -65.25 84.62 -11.84
C SER A 459 -65.52 83.20 -12.33
N CYS A 460 -66.55 83.06 -13.16
CA CYS A 460 -66.93 81.77 -13.72
C CYS A 460 -67.13 81.91 -15.22
N ALA A 461 -66.87 80.81 -15.93
CA ALA A 461 -67.00 80.81 -17.38
C ALA A 461 -68.47 80.91 -17.77
N ASP A 462 -68.72 81.65 -18.85
CA ASP A 462 -70.08 81.79 -19.36
C ASP A 462 -70.51 80.50 -20.06
N ILE A 463 -71.54 79.84 -19.52
CA ILE A 463 -72.02 78.60 -20.11
C ILE A 463 -72.56 78.85 -21.51
N LYS A 464 -73.03 80.06 -21.78
CA LYS A 464 -73.51 80.39 -23.12
C LYS A 464 -72.39 80.39 -24.15
N LYS A 465 -71.18 80.79 -23.74
CA LYS A 465 -70.03 80.87 -24.63
C LYS A 465 -68.83 80.18 -24.00
N VAL A 466 -69.03 78.96 -23.52
CA VAL A 466 -67.96 78.22 -22.86
C VAL A 466 -66.88 77.85 -23.87
N GLU A 467 -65.63 78.07 -23.48
CA GLU A 467 -64.47 77.75 -24.32
C GLU A 467 -63.84 76.45 -23.88
N ALA A 468 -63.02 75.88 -24.77
CA ALA A 468 -62.40 74.59 -24.50
C ALA A 468 -61.42 74.67 -23.34
N TRP A 469 -60.64 75.75 -23.27
CA TRP A 469 -59.65 75.86 -22.20
C TRP A 469 -60.30 75.96 -20.83
N GLN A 470 -61.48 76.58 -20.75
CA GLN A 470 -62.22 76.59 -19.48
C GLN A 470 -62.63 75.18 -19.07
N VAL A 471 -63.07 74.37 -20.04
CA VAL A 471 -63.41 72.98 -19.74
C VAL A 471 -62.17 72.22 -19.28
N LEU A 472 -61.03 72.47 -19.92
CA LEU A 472 -59.79 71.83 -19.49
C LEU A 472 -59.43 72.22 -18.07
N LYS A 473 -59.59 73.51 -17.74
CA LYS A 473 -59.28 73.97 -16.38
C LYS A 473 -60.18 73.31 -15.36
N HIS A 474 -61.47 73.19 -15.67
CA HIS A 474 -62.38 72.52 -14.76
C HIS A 474 -62.07 71.04 -14.63
N LEU A 475 -61.59 70.41 -15.72
CA LEU A 475 -61.22 69.00 -15.65
C LEU A 475 -59.95 68.79 -14.83
N ARG A 476 -59.03 69.76 -14.85
CA ARG A 476 -57.81 69.64 -14.06
C ARG A 476 -58.12 69.52 -12.57
N HIS A 477 -59.08 70.29 -12.09
CA HIS A 477 -59.50 70.26 -10.69
C HIS A 477 -60.82 69.50 -10.50
N LEU A 478 -61.19 68.65 -11.46
CA LEU A 478 -62.45 67.93 -11.36
C LEU A 478 -62.38 66.89 -10.25
N ASN A 479 -63.51 66.70 -9.57
CA ASN A 479 -63.63 65.68 -8.53
C ASN A 479 -65.11 65.33 -8.44
N PHE A 480 -65.49 64.19 -9.04
CA PHE A 480 -66.87 63.78 -9.12
C PHE A 480 -67.01 62.30 -8.81
N THR A 481 -68.20 61.91 -8.37
CA THR A 481 -68.49 60.53 -8.00
C THR A 481 -69.17 59.81 -9.16
N ASN A 482 -68.67 58.64 -9.50
CA ASN A 482 -69.14 57.89 -10.67
C ASN A 482 -70.45 57.18 -10.34
N ASN A 483 -70.87 56.29 -11.23
CA ASN A 483 -72.10 55.54 -11.01
C ASN A 483 -71.96 54.59 -9.82
N MET A 484 -70.78 54.02 -9.60
CA MET A 484 -70.53 53.13 -8.49
C MET A 484 -70.08 53.86 -7.23
N GLY A 485 -70.01 55.18 -7.26
CA GLY A 485 -69.69 55.95 -6.08
C GLY A 485 -68.22 55.99 -5.72
N GLU A 486 -67.36 56.23 -6.70
CA GLU A 486 -65.94 56.47 -6.47
C GLU A 486 -65.54 57.80 -7.08
N GLN A 487 -64.59 58.47 -6.43
CA GLN A 487 -64.15 59.78 -6.89
C GLN A 487 -63.22 59.64 -8.09
N VAL A 488 -63.53 60.37 -9.16
CA VAL A 488 -62.72 60.36 -10.37
C VAL A 488 -61.89 61.64 -10.33
N THR A 489 -60.68 61.54 -9.80
CA THR A 489 -59.79 62.69 -9.62
C THR A 489 -58.55 62.47 -10.47
N PHE A 490 -58.37 63.33 -11.48
CA PHE A 490 -57.16 63.30 -12.29
C PHE A 490 -56.01 63.96 -11.53
N ASP A 491 -54.85 63.31 -11.56
CA ASP A 491 -53.68 63.82 -10.85
C ASP A 491 -53.08 64.99 -11.63
N GLU A 492 -51.96 65.51 -11.13
CA GLU A 492 -51.24 66.55 -11.87
C GLU A 492 -50.69 65.99 -13.18
N CYS A 493 -50.47 64.67 -13.24
CA CYS A 493 -50.07 64.01 -14.47
C CYS A 493 -51.26 63.72 -15.38
N GLY A 494 -52.48 63.95 -14.92
CA GLY A 494 -53.66 63.84 -15.75
C GLY A 494 -54.29 62.47 -15.83
N ASP A 495 -53.70 61.46 -15.21
CA ASP A 495 -54.20 60.10 -15.31
C ASP A 495 -54.94 59.69 -14.04
N LEU A 496 -55.47 58.48 -14.06
CA LEU A 496 -56.14 57.85 -12.92
C LEU A 496 -55.29 56.72 -12.37
N VAL A 497 -55.75 56.16 -11.26
CA VAL A 497 -55.18 54.95 -10.68
C VAL A 497 -56.33 53.95 -10.51
N GLY A 498 -56.12 52.73 -10.99
CA GLY A 498 -57.17 51.73 -10.95
C GLY A 498 -56.61 50.36 -10.64
N ASN A 499 -57.47 49.52 -10.09
CA ASN A 499 -57.11 48.15 -9.78
C ASN A 499 -57.06 47.31 -11.06
N TYR A 500 -56.27 46.26 -11.02
CA TYR A 500 -56.10 45.34 -12.13
C TYR A 500 -56.73 44.00 -11.79
N SER A 501 -57.26 43.33 -12.80
CA SER A 501 -57.83 41.99 -12.65
C SER A 501 -56.99 41.02 -13.46
N ILE A 502 -56.59 39.91 -12.84
CA ILE A 502 -55.77 38.89 -13.47
C ILE A 502 -56.68 37.79 -13.99
N ILE A 503 -56.55 37.46 -15.27
CA ILE A 503 -57.38 36.45 -15.91
C ILE A 503 -56.49 35.42 -16.57
N ASN A 504 -57.01 34.20 -16.69
CA ASN A 504 -56.31 33.11 -17.34
C ASN A 504 -57.14 32.61 -18.50
N TRP A 505 -56.47 32.01 -19.48
CA TRP A 505 -57.11 31.57 -20.72
C TRP A 505 -57.36 30.06 -20.63
N HIS A 506 -58.61 29.68 -20.40
CA HIS A 506 -59.04 28.29 -20.46
C HIS A 506 -59.90 28.06 -21.70
N LEU A 507 -59.87 26.83 -22.19
CA LEU A 507 -60.79 26.45 -23.25
C LEU A 507 -62.21 26.39 -22.71
N SER A 508 -63.17 26.79 -23.52
CA SER A 508 -64.56 26.79 -23.08
C SER A 508 -65.02 25.35 -22.84
N PRO A 509 -65.72 25.10 -21.73
CA PRO A 509 -66.23 23.74 -21.48
C PRO A 509 -67.29 23.34 -22.50
N GLU A 510 -68.28 24.21 -22.70
CA GLU A 510 -69.36 23.92 -23.63
C GLU A 510 -68.92 24.20 -25.07
N ASP A 511 -68.57 25.45 -25.37
CA ASP A 511 -68.14 25.83 -26.70
C ASP A 511 -66.64 25.55 -26.85
N GLY A 512 -66.04 26.05 -27.93
CA GLY A 512 -64.62 25.86 -28.14
C GLY A 512 -63.82 27.13 -27.98
N SER A 513 -64.50 28.24 -27.68
CA SER A 513 -63.86 29.53 -27.58
C SER A 513 -62.98 29.59 -26.34
N ILE A 514 -62.33 30.74 -26.15
CA ILE A 514 -61.48 30.96 -24.99
C ILE A 514 -62.29 31.65 -23.91
N VAL A 515 -62.08 31.26 -22.66
CA VAL A 515 -62.79 31.82 -21.52
C VAL A 515 -61.77 32.42 -20.57
N PHE A 516 -61.99 33.68 -20.19
CA PHE A 516 -61.08 34.41 -19.31
C PHE A 516 -61.61 34.29 -17.89
N LYS A 517 -61.05 33.36 -17.13
CA LYS A 517 -61.44 33.12 -15.74
C LYS A 517 -60.49 33.86 -14.82
N GLU A 518 -61.04 34.66 -13.92
CA GLU A 518 -60.23 35.46 -13.01
C GLU A 518 -59.50 34.56 -12.02
N VAL A 519 -58.22 34.87 -11.79
CA VAL A 519 -57.37 34.11 -10.88
C VAL A 519 -56.76 34.98 -9.80
N GLY A 520 -57.20 36.23 -9.70
CA GLY A 520 -56.65 37.15 -8.72
C GLY A 520 -56.82 38.58 -9.21
N TYR A 521 -56.15 39.49 -8.51
CA TYR A 521 -56.21 40.90 -8.84
C TYR A 521 -54.86 41.54 -8.50
N TYR A 522 -54.78 42.86 -8.66
CA TYR A 522 -53.56 43.61 -8.35
C TYR A 522 -54.02 44.92 -7.70
N ASN A 523 -54.07 44.93 -6.38
CA ASN A 523 -54.54 46.09 -5.62
C ASN A 523 -53.46 47.17 -5.64
N VAL A 524 -53.59 48.12 -6.55
CA VAL A 524 -52.62 49.21 -6.66
C VAL A 524 -52.60 50.09 -5.42
N TYR A 525 -53.70 50.14 -4.66
CA TYR A 525 -53.78 50.99 -3.48
C TYR A 525 -53.02 50.44 -2.29
N ALA A 526 -52.61 49.17 -2.33
CA ALA A 526 -51.92 48.55 -1.21
C ALA A 526 -50.46 49.01 -1.16
N LYS A 527 -49.79 48.63 -0.08
CA LYS A 527 -48.38 48.97 0.09
C LYS A 527 -47.52 48.16 -0.86
N LYS A 528 -46.29 48.63 -1.07
CA LYS A 528 -45.37 47.94 -1.95
C LYS A 528 -45.09 46.53 -1.46
N GLY A 529 -45.22 45.56 -2.37
CA GLY A 529 -45.05 44.17 -2.03
C GLY A 529 -46.29 43.46 -1.56
N GLU A 530 -47.38 44.19 -1.30
CA GLU A 530 -48.64 43.60 -0.87
C GLU A 530 -49.76 43.86 -1.87
N ARG A 531 -49.41 44.13 -3.12
CA ARG A 531 -50.42 44.42 -4.14
C ARG A 531 -50.90 43.16 -4.83
N LEU A 532 -49.98 42.27 -5.19
CA LEU A 532 -50.33 41.10 -5.98
C LEU A 532 -51.07 40.06 -5.14
N PHE A 533 -52.17 39.56 -5.68
CA PHE A 533 -52.90 38.46 -5.06
C PHE A 533 -53.29 37.47 -6.14
N ILE A 534 -52.84 36.22 -6.00
CA ILE A 534 -53.08 35.19 -6.99
C ILE A 534 -53.66 33.96 -6.30
N ASN A 535 -54.77 33.44 -6.84
CA ASN A 535 -55.34 32.17 -6.38
C ASN A 535 -54.78 31.08 -7.29
N GLU A 536 -53.73 30.40 -6.82
CA GLU A 536 -53.03 29.43 -7.64
C GLU A 536 -53.93 28.25 -8.02
N GLU A 537 -54.85 27.87 -7.13
CA GLU A 537 -55.68 26.71 -7.37
C GLU A 537 -56.63 26.87 -8.55
N LYS A 538 -56.80 28.09 -9.06
CA LYS A 538 -57.74 28.37 -10.14
C LYS A 538 -57.05 28.49 -11.50
N ILE A 539 -55.78 28.10 -11.60
CA ILE A 539 -54.99 28.34 -12.80
C ILE A 539 -54.72 27.02 -13.51
N LEU A 540 -55.17 26.93 -14.76
CA LEU A 540 -54.73 25.87 -15.67
C LEU A 540 -53.54 26.42 -16.44
N TRP A 541 -52.37 25.86 -16.21
CA TRP A 541 -51.13 26.54 -16.55
C TRP A 541 -50.95 26.69 -18.06
N SER A 542 -50.93 25.56 -18.78
CA SER A 542 -50.93 25.59 -20.24
C SER A 542 -52.32 25.38 -20.82
N GLY A 543 -53.36 25.72 -20.04
CA GLY A 543 -54.73 25.45 -20.40
C GLY A 543 -55.23 24.11 -19.95
N PHE A 544 -54.33 23.18 -19.60
CA PHE A 544 -54.70 21.85 -19.14
C PHE A 544 -53.97 21.40 -17.87
N SER A 545 -52.76 21.88 -17.61
CA SER A 545 -51.95 21.38 -16.51
C SER A 545 -52.34 22.04 -15.19
N ARG A 546 -51.66 21.63 -14.12
CA ARG A 546 -51.90 22.20 -12.81
C ARG A 546 -50.61 22.42 -12.01
N GLU A 547 -49.45 22.38 -12.66
CA GLU A 547 -48.16 22.54 -11.99
C GLU A 547 -47.43 23.74 -12.57
N VAL A 548 -46.78 24.51 -11.69
CA VAL A 548 -46.06 25.71 -12.10
C VAL A 548 -44.85 25.30 -12.95
N PRO A 549 -44.74 25.81 -14.16
CA PRO A 549 -43.62 25.41 -15.03
C PRO A 549 -42.29 25.90 -14.49
N PHE A 550 -41.24 25.17 -14.83
CA PHE A 550 -39.88 25.51 -14.46
C PHE A 550 -39.27 26.37 -15.55
N SER A 551 -38.93 27.62 -15.21
CA SER A 551 -38.37 28.57 -16.16
C SER A 551 -37.13 29.23 -15.59
N ASN A 552 -36.24 28.43 -15.03
CA ASN A 552 -34.93 28.89 -14.59
C ASN A 552 -33.87 28.45 -15.58
N CYS A 553 -32.82 29.25 -15.71
CA CYS A 553 -31.76 28.93 -16.68
C CYS A 553 -31.06 27.63 -16.32
N SER A 554 -30.76 27.42 -15.04
CA SER A 554 -30.09 26.21 -14.59
C SER A 554 -30.79 25.70 -13.34
N ARG A 555 -30.77 24.38 -13.17
CA ARG A 555 -31.38 23.76 -12.01
C ARG A 555 -30.64 24.17 -10.73
N ASP A 556 -31.39 24.23 -9.63
CA ASP A 556 -30.82 24.64 -8.36
C ASP A 556 -29.72 23.68 -7.94
N CYS A 557 -28.59 24.25 -7.50
CA CYS A 557 -27.49 23.43 -6.99
C CYS A 557 -27.88 22.77 -5.68
N LEU A 558 -27.34 21.58 -5.44
CA LEU A 558 -27.66 20.83 -4.24
C LEU A 558 -26.87 21.39 -3.05
N ALA A 559 -27.11 20.80 -1.88
CA ALA A 559 -26.45 21.27 -0.67
C ALA A 559 -24.94 21.05 -0.73
N GLY A 560 -24.51 19.92 -1.27
CA GLY A 560 -23.08 19.63 -1.34
C GLY A 560 -22.32 20.38 -2.41
N THR A 561 -23.02 21.10 -3.29
CA THR A 561 -22.40 21.80 -4.41
C THR A 561 -22.50 23.30 -4.20
N ARG A 562 -21.79 24.03 -5.07
CA ARG A 562 -21.82 25.49 -5.06
C ARG A 562 -21.91 25.98 -6.50
N LYS A 563 -22.44 27.20 -6.64
CA LYS A 563 -22.65 27.77 -7.96
C LYS A 563 -21.33 28.18 -8.59
N GLY A 564 -21.15 27.82 -9.86
CA GLY A 564 -19.97 28.21 -10.60
C GLY A 564 -20.35 28.91 -11.89
N ILE A 565 -19.63 29.99 -12.20
CA ILE A 565 -20.02 30.83 -13.33
C ILE A 565 -19.73 30.12 -14.64
N ILE A 566 -20.41 30.58 -15.69
CA ILE A 566 -20.11 30.20 -17.07
C ILE A 566 -19.79 31.48 -17.82
N GLU A 567 -18.63 31.51 -18.48
CA GLU A 567 -18.21 32.70 -19.20
C GLU A 567 -19.20 33.04 -20.31
N GLY A 568 -19.58 34.31 -20.37
CA GLY A 568 -20.51 34.77 -21.38
C GLY A 568 -21.98 34.60 -21.04
N GLU A 569 -22.30 34.04 -19.89
CA GLU A 569 -23.68 33.82 -19.52
C GLU A 569 -24.07 34.69 -18.32
N PRO A 570 -25.35 35.06 -18.19
CA PRO A 570 -25.77 35.89 -17.06
C PRO A 570 -25.71 35.16 -15.72
N THR A 571 -26.00 35.88 -14.64
CA THR A 571 -25.89 35.29 -13.30
C THR A 571 -26.90 34.19 -13.07
N CYS A 572 -28.03 34.22 -13.79
CA CYS A 572 -29.05 33.18 -13.62
C CYS A 572 -28.62 31.84 -14.17
N CYS A 573 -27.53 31.77 -14.93
CA CYS A 573 -26.99 30.52 -15.46
C CYS A 573 -25.67 30.24 -14.76
N PHE A 574 -25.58 29.09 -14.10
CA PHE A 574 -24.39 28.74 -13.33
C PHE A 574 -24.18 27.24 -13.37
N GLU A 575 -23.05 26.80 -12.84
CA GLU A 575 -22.72 25.39 -12.72
C GLU A 575 -22.92 24.94 -11.27
N CYS A 576 -22.63 23.67 -11.02
CA CYS A 576 -22.88 23.02 -9.73
C CYS A 576 -21.60 22.37 -9.22
N VAL A 577 -20.51 23.13 -9.22
CA VAL A 577 -19.22 22.59 -8.77
C VAL A 577 -19.32 22.13 -7.33
N GLU A 578 -18.82 20.92 -7.06
CA GLU A 578 -18.86 20.35 -5.73
C GLU A 578 -17.91 21.08 -4.79
N CYS A 579 -18.32 21.17 -3.53
CA CYS A 579 -17.46 21.81 -2.52
C CYS A 579 -16.19 21.00 -2.33
N PRO A 580 -15.05 21.65 -2.14
CA PRO A 580 -13.80 20.91 -1.87
C PRO A 580 -13.83 20.27 -0.49
N ASP A 581 -12.85 19.40 -0.26
CA ASP A 581 -12.76 18.69 1.02
C ASP A 581 -12.45 19.67 2.14
N GLY A 582 -13.10 19.46 3.29
CA GLY A 582 -12.97 20.34 4.42
C GLY A 582 -13.97 21.49 4.44
N GLU A 583 -14.76 21.65 3.39
CA GLU A 583 -15.76 22.71 3.31
C GLU A 583 -17.14 22.09 3.16
N TYR A 584 -18.15 22.82 3.63
CA TYR A 584 -19.53 22.33 3.62
C TYR A 584 -20.45 23.46 3.21
N SER A 585 -21.65 23.09 2.77
CA SER A 585 -22.70 24.05 2.45
C SER A 585 -24.04 23.44 2.83
N ASP A 586 -24.81 24.17 3.64
CA ASP A 586 -26.08 23.65 4.12
C ASP A 586 -27.26 24.12 3.27
N GLU A 587 -27.22 25.34 2.77
CA GLU A 587 -28.33 25.87 1.98
C GLU A 587 -28.34 25.22 0.59
N THR A 588 -29.38 25.57 -0.18
CA THR A 588 -29.51 25.02 -1.53
C THR A 588 -28.63 25.75 -2.53
N ASP A 589 -28.88 27.04 -2.73
CA ASP A 589 -28.11 27.86 -3.66
C ASP A 589 -27.01 28.56 -2.87
N ALA A 590 -25.81 28.00 -2.93
CA ALA A 590 -24.66 28.55 -2.22
C ALA A 590 -23.68 29.13 -3.24
N SER A 591 -23.35 30.41 -3.08
CA SER A 591 -22.40 31.05 -3.98
C SER A 591 -20.98 30.56 -3.73
N ALA A 592 -20.65 30.23 -2.48
CA ALA A 592 -19.31 29.74 -2.15
C ALA A 592 -19.40 28.96 -0.84
N CYS A 593 -18.81 27.77 -0.83
CA CYS A 593 -18.80 26.95 0.38
C CYS A 593 -17.92 27.62 1.44
N ASN A 594 -18.38 27.59 2.68
CA ASN A 594 -17.64 28.17 3.80
C ASN A 594 -16.87 27.08 4.53
N LYS A 595 -15.67 27.42 4.97
CA LYS A 595 -14.79 26.44 5.60
C LYS A 595 -15.36 25.98 6.93
N CYS A 596 -15.18 24.69 7.22
CA CYS A 596 -15.62 24.14 8.49
C CYS A 596 -14.78 24.72 9.62
N PRO A 597 -15.37 24.95 10.80
CA PRO A 597 -14.63 25.57 11.90
C PRO A 597 -13.59 24.63 12.50
N ASP A 598 -12.85 25.12 13.49
CA ASP A 598 -11.81 24.32 14.14
C ASP A 598 -12.44 23.14 14.88
N ASP A 599 -11.66 22.05 14.99
CA ASP A 599 -12.11 20.81 15.61
C ASP A 599 -13.34 20.24 14.90
N PHE A 600 -13.45 20.54 13.61
CA PHE A 600 -14.58 20.09 12.81
C PHE A 600 -14.12 19.84 11.39
N TRP A 601 -14.80 18.92 10.70
CA TRP A 601 -14.43 18.55 9.35
C TRP A 601 -15.70 18.29 8.54
N SER A 602 -15.57 18.44 7.23
CA SER A 602 -16.67 18.21 6.32
C SER A 602 -17.02 16.73 6.26
N ASN A 603 -18.29 16.45 5.98
CA ASN A 603 -18.76 15.08 5.83
C ASN A 603 -18.22 14.49 4.52
N GLU A 604 -18.59 13.23 4.26
CA GLU A 604 -18.13 12.57 3.04
C GLU A 604 -18.67 13.24 1.79
N ASN A 605 -19.90 13.74 1.83
CA ASN A 605 -20.51 14.41 0.70
C ASN A 605 -20.45 15.94 0.82
N HIS A 606 -19.67 16.45 1.77
CA HIS A 606 -19.48 17.89 1.99
C HIS A 606 -20.78 18.61 2.34
N THR A 607 -21.78 17.87 2.81
CA THR A 607 -23.07 18.49 3.15
C THR A 607 -23.02 19.14 4.54
N SER A 608 -22.78 18.33 5.57
CA SER A 608 -22.71 18.81 6.94
C SER A 608 -21.27 18.85 7.42
N CYS A 609 -21.09 19.21 8.68
CA CYS A 609 -19.78 19.27 9.31
C CYS A 609 -19.76 18.36 10.53
N ILE A 610 -18.71 17.55 10.64
CA ILE A 610 -18.57 16.61 11.74
C ILE A 610 -17.28 16.91 12.50
N ALA A 611 -17.13 16.46 13.72
CA ALA A 611 -15.87 16.82 14.38
C ALA A 611 -14.74 15.86 14.07
N LYS A 612 -13.50 16.34 14.15
CA LYS A 612 -12.35 15.51 13.85
C LYS A 612 -12.20 14.51 14.97
N GLU A 613 -11.20 13.65 14.93
CA GLU A 613 -11.16 12.57 15.92
C GLU A 613 -10.10 12.72 17.00
N ILE A 614 -10.44 12.30 18.20
CA ILE A 614 -9.53 12.39 19.34
C ILE A 614 -8.70 11.12 19.42
N GLU A 615 -7.86 10.89 18.44
CA GLU A 615 -6.94 9.77 18.44
C GLU A 615 -5.91 9.94 19.54
N PHE A 616 -5.75 8.91 20.37
CA PHE A 616 -4.81 8.87 21.48
C PHE A 616 -4.79 7.47 22.03
N LEU A 617 -3.66 7.08 22.61
CA LEU A 617 -3.53 5.75 23.19
C LEU A 617 -4.39 5.66 24.46
N SER A 618 -5.17 4.58 24.57
CA SER A 618 -6.04 4.38 25.72
C SER A 618 -6.22 2.88 25.91
N TRP A 619 -7.06 2.53 26.88
CA TRP A 619 -7.42 1.13 27.10
C TRP A 619 -8.44 0.71 26.05
N THR A 620 -8.98 -0.50 26.18
CA THR A 620 -9.94 -1.07 25.23
C THR A 620 -9.40 -1.00 23.79
N GLU A 621 -8.10 -1.25 23.65
CA GLU A 621 -7.43 -1.32 22.38
C GLU A 621 -6.60 -2.59 22.31
N PRO A 622 -6.44 -3.18 21.13
CA PRO A 622 -5.58 -4.38 21.02
C PRO A 622 -4.15 -4.12 21.46
N PHE A 623 -3.68 -2.88 21.37
CA PHE A 623 -2.36 -2.51 21.87
C PHE A 623 -2.41 -2.10 23.34
N GLY A 624 -3.42 -1.32 23.73
CA GLY A 624 -3.47 -0.80 25.09
C GLY A 624 -3.73 -1.87 26.14
N ILE A 625 -4.63 -2.80 25.86
CA ILE A 625 -5.03 -3.77 26.89
C ILE A 625 -3.88 -4.71 27.20
N ALA A 626 -3.17 -5.19 26.18
CA ALA A 626 -2.03 -6.06 26.43
C ALA A 626 -0.94 -5.33 27.20
N LEU A 627 -0.74 -4.06 26.88
CA LEU A 627 0.29 -3.27 27.55
C LEU A 627 -0.04 -3.07 29.02
N THR A 628 -1.29 -2.67 29.33
CA THR A 628 -1.66 -2.49 30.72
C THR A 628 -1.73 -3.83 31.45
N LEU A 629 -2.01 -4.92 30.73
CA LEU A 629 -1.93 -6.24 31.33
C LEU A 629 -0.51 -6.57 31.73
N PHE A 630 0.47 -6.24 30.87
CA PHE A 630 1.86 -6.44 31.23
C PHE A 630 2.25 -5.58 32.43
N ALA A 631 1.76 -4.34 32.46
CA ALA A 631 2.07 -3.46 33.59
C ALA A 631 1.53 -4.03 34.90
N VAL A 632 0.27 -4.45 34.91
CA VAL A 632 -0.31 -4.99 36.13
C VAL A 632 0.33 -6.32 36.49
N LEU A 633 0.78 -7.10 35.50
CA LEU A 633 1.52 -8.32 35.80
C LEU A 633 2.84 -7.99 36.47
N GLY A 634 3.52 -6.94 36.01
CA GLY A 634 4.73 -6.52 36.67
C GLY A 634 4.48 -6.08 38.11
N ILE A 635 3.39 -5.35 38.33
CA ILE A 635 3.02 -4.96 39.69
C ILE A 635 2.76 -6.19 40.55
N PHE A 636 2.04 -7.17 40.00
CA PHE A 636 1.72 -8.38 40.76
C PHE A 636 2.97 -9.16 41.12
N LEU A 637 3.90 -9.32 40.17
CA LEU A 637 5.15 -10.01 40.48
C LEU A 637 5.95 -9.24 41.52
N THR A 638 5.99 -7.91 41.41
CA THR A 638 6.78 -7.14 42.36
C THR A 638 6.20 -7.27 43.76
N ALA A 639 4.87 -7.20 43.87
CA ALA A 639 4.22 -7.34 45.17
C ALA A 639 4.40 -8.75 45.73
N PHE A 640 4.36 -9.77 44.87
CA PHE A 640 4.59 -11.13 45.33
C PHE A 640 6.00 -11.29 45.86
N VAL A 641 6.99 -10.70 45.18
CA VAL A 641 8.37 -10.77 45.66
C VAL A 641 8.52 -10.03 46.98
N LEU A 642 7.86 -8.88 47.11
CA LEU A 642 7.89 -8.15 48.39
C LEU A 642 7.25 -8.98 49.50
N GLY A 643 6.14 -9.65 49.20
CA GLY A 643 5.51 -10.50 50.20
C GLY A 643 6.40 -11.68 50.59
N VAL A 644 7.14 -12.23 49.63
CA VAL A 644 8.08 -13.29 49.95
C VAL A 644 9.18 -12.77 50.86
N PHE A 645 9.72 -11.59 50.56
CA PHE A 645 10.77 -11.02 51.39
C PHE A 645 10.27 -10.67 52.79
N ILE A 646 9.00 -10.28 52.91
CA ILE A 646 8.40 -10.05 54.22
C ILE A 646 8.21 -11.37 54.97
N LYS A 647 7.73 -12.40 54.27
CA LYS A 647 7.45 -13.67 54.94
C LYS A 647 8.72 -14.29 55.49
N PHE A 648 9.74 -14.43 54.66
CA PHE A 648 11.03 -14.95 55.10
C PHE A 648 11.97 -13.80 55.46
N ARG A 649 11.50 -12.95 56.37
CA ARG A 649 12.25 -11.77 56.78
C ARG A 649 13.29 -12.05 57.84
N ASN A 650 13.14 -13.14 58.60
CA ASN A 650 14.11 -13.47 59.64
C ASN A 650 15.19 -14.43 59.16
N THR A 651 14.98 -15.10 58.04
CA THR A 651 16.02 -15.93 57.45
C THR A 651 17.17 -15.04 57.02
N PRO A 652 18.43 -15.40 57.33
CA PRO A 652 19.53 -14.45 57.12
C PRO A 652 20.11 -14.49 55.71
N ILE A 653 19.38 -15.11 54.77
CA ILE A 653 19.75 -14.99 53.36
C ILE A 653 19.57 -13.55 52.89
N VAL A 654 18.48 -12.91 53.29
CA VAL A 654 18.22 -11.53 52.91
C VAL A 654 18.90 -10.52 53.85
N LYS A 655 19.30 -10.94 55.05
CA LYS A 655 19.90 -10.03 56.01
C LYS A 655 21.29 -9.58 55.63
N ALA A 656 21.90 -10.19 54.61
CA ALA A 656 23.26 -9.84 54.23
C ALA A 656 23.33 -8.70 53.23
N THR A 657 22.20 -8.15 52.79
CA THR A 657 22.18 -7.11 51.77
C THR A 657 21.23 -5.98 52.18
N ASN A 658 21.33 -5.54 53.43
CA ASN A 658 20.57 -4.40 53.94
C ASN A 658 19.07 -4.61 53.75
N ARG A 659 18.55 -5.59 54.50
CA ARG A 659 17.18 -6.04 54.35
C ARG A 659 16.17 -4.89 54.42
N GLU A 660 16.44 -3.89 55.26
CA GLU A 660 15.53 -2.75 55.36
C GLU A 660 15.50 -1.98 54.05
N LEU A 661 16.65 -1.81 53.41
CA LEU A 661 16.75 -1.10 52.15
C LEU A 661 16.07 -1.86 51.01
N SER A 662 15.96 -3.18 51.13
CA SER A 662 15.31 -3.96 50.09
C SER A 662 13.83 -3.60 49.95
N TYR A 663 13.17 -3.30 51.07
CA TYR A 663 11.78 -2.87 51.01
C TYR A 663 11.64 -1.55 50.29
N LEU A 664 12.57 -0.62 50.52
CA LEU A 664 12.56 0.63 49.77
C LEU A 664 12.76 0.38 48.29
N LEU A 665 13.66 -0.55 47.95
CA LEU A 665 13.86 -0.90 46.54
C LEU A 665 12.58 -1.45 45.92
N LEU A 666 11.89 -2.33 46.66
CA LEU A 666 10.66 -2.93 46.14
C LEU A 666 9.55 -1.90 45.98
N PHE A 667 9.45 -0.96 46.93
CA PHE A 667 8.47 0.10 46.78
C PHE A 667 8.80 0.99 45.58
N SER A 668 10.09 1.28 45.38
CA SER A 668 10.49 2.03 44.20
C SER A 668 10.13 1.29 42.93
N LEU A 669 10.24 -0.04 42.94
CA LEU A 669 9.83 -0.83 41.79
C LEU A 669 8.32 -0.76 41.57
N LEU A 670 7.54 -0.82 42.65
CA LEU A 670 6.11 -0.57 42.55
C LEU A 670 5.83 0.75 41.84
N CYS A 671 6.47 1.81 42.30
CA CYS A 671 6.20 3.13 41.74
C CYS A 671 6.66 3.23 40.29
N CYS A 672 7.79 2.60 39.96
CA CYS A 672 8.28 2.61 38.59
C CYS A 672 7.32 1.87 37.65
N PHE A 673 6.79 0.72 38.10
CA PHE A 673 5.80 0.02 37.30
C PHE A 673 4.52 0.84 37.15
N SER A 674 4.09 1.49 38.22
CA SER A 674 2.88 2.29 38.16
C SER A 674 3.03 3.50 37.25
N SER A 675 4.25 4.06 37.17
CA SER A 675 4.47 5.22 36.32
C SER A 675 4.21 4.91 34.85
N SER A 676 4.26 3.63 34.48
CA SER A 676 3.96 3.25 33.10
C SER A 676 2.51 3.51 32.73
N LEU A 677 1.59 3.51 33.70
CA LEU A 677 0.18 3.70 33.40
C LEU A 677 -0.15 5.14 33.07
N PHE A 678 0.80 6.07 33.22
CA PHE A 678 0.53 7.47 32.91
C PHE A 678 0.53 7.73 31.41
N PHE A 679 1.35 7.00 30.64
CA PHE A 679 1.44 7.19 29.21
C PHE A 679 0.27 6.60 28.43
N ILE A 680 -0.51 5.72 29.06
CA ILE A 680 -1.60 5.04 28.37
C ILE A 680 -2.95 5.73 28.58
N GLY A 681 -3.05 6.63 29.56
CA GLY A 681 -4.30 7.30 29.84
C GLY A 681 -4.56 8.49 28.92
N GLU A 682 -5.61 9.22 29.24
CA GLU A 682 -5.93 10.44 28.52
C GLU A 682 -4.87 11.48 28.81
N PRO A 683 -4.22 12.06 27.80
CA PRO A 683 -3.18 13.07 28.07
C PRO A 683 -3.77 14.36 28.60
N GLN A 684 -4.25 14.34 29.84
CA GLN A 684 -4.78 15.53 30.47
C GLN A 684 -3.65 16.48 30.85
N ASP A 685 -4.00 17.59 31.49
CA ASP A 685 -2.99 18.56 31.90
C ASP A 685 -2.04 17.96 32.94
N TRP A 686 -2.60 17.38 34.00
CA TRP A 686 -1.77 16.88 35.09
C TRP A 686 -0.93 15.68 34.67
N THR A 687 -1.44 14.85 33.76
CA THR A 687 -0.70 13.66 33.33
C THR A 687 0.62 14.05 32.69
N CYS A 688 0.59 15.01 31.76
CA CYS A 688 1.81 15.40 31.06
C CYS A 688 2.82 16.05 31.99
N ARG A 689 2.36 16.74 33.03
CA ARG A 689 3.27 17.37 33.98
C ARG A 689 3.96 16.37 34.90
N LEU A 690 3.52 15.12 34.92
CA LEU A 690 3.98 14.17 35.92
C LEU A 690 4.47 12.84 35.34
N ARG A 691 4.10 12.48 34.11
CA ARG A 691 4.43 11.16 33.59
C ARG A 691 5.92 10.91 33.58
N GLN A 692 6.70 11.89 33.12
CA GLN A 692 8.15 11.74 33.09
C GLN A 692 8.79 11.92 34.46
N PRO A 693 8.44 12.98 35.21
CA PRO A 693 9.05 13.13 36.55
C PRO A 693 8.78 11.96 37.47
N ALA A 694 7.59 11.37 37.42
CA ALA A 694 7.27 10.25 38.30
C ALA A 694 8.17 9.05 38.01
N PHE A 695 8.31 8.70 36.73
CA PHE A 695 9.15 7.57 36.38
C PHE A 695 10.60 7.89 36.70
N GLY A 696 11.00 9.14 36.52
CA GLY A 696 12.38 9.52 36.85
C GLY A 696 12.69 9.36 38.33
N ILE A 697 11.80 9.85 39.20
CA ILE A 697 12.05 9.73 40.63
C ILE A 697 12.01 8.26 41.04
N SER A 698 11.11 7.49 40.43
CA SER A 698 11.06 6.06 40.71
C SER A 698 12.38 5.39 40.35
N PHE A 699 12.86 5.62 39.13
CA PHE A 699 14.06 4.94 38.68
C PHE A 699 15.30 5.38 39.46
N VAL A 700 15.37 6.65 39.86
CA VAL A 700 16.51 7.06 40.67
C VAL A 700 16.44 6.43 42.05
N LEU A 701 15.26 6.42 42.67
CA LEU A 701 15.09 5.78 43.97
C LEU A 701 15.40 4.29 43.87
N CYS A 702 15.36 3.74 42.65
CA CYS A 702 15.71 2.35 42.42
C CYS A 702 17.20 2.13 42.20
N ILE A 703 17.81 2.80 41.21
CA ILE A 703 19.22 2.58 40.89
C ILE A 703 20.11 3.04 42.04
N SER A 704 19.83 4.22 42.61
CA SER A 704 20.65 4.69 43.72
C SER A 704 20.55 3.75 44.91
N CYS A 705 19.35 3.21 45.15
CA CYS A 705 19.18 2.24 46.23
C CYS A 705 19.99 0.97 45.96
N ILE A 706 20.01 0.50 44.71
CA ILE A 706 20.85 -0.64 44.36
C ILE A 706 22.32 -0.33 44.60
N LEU A 707 22.76 0.86 44.15
CA LEU A 707 24.17 1.22 44.26
C LEU A 707 24.60 1.33 45.72
N VAL A 708 23.75 1.90 46.56
CA VAL A 708 24.06 2.00 47.99
C VAL A 708 23.97 0.63 48.66
N LYS A 709 23.14 -0.27 48.11
CA LYS A 709 22.92 -1.58 48.74
C LYS A 709 24.22 -2.36 48.92
N THR A 710 25.21 -2.10 48.07
CA THR A 710 26.48 -2.83 48.12
C THR A 710 27.11 -2.73 49.51
N ASN A 711 27.15 -3.85 50.23
CA ASN A 711 27.65 -3.85 51.60
C ASN A 711 29.15 -3.60 51.67
N ARG A 712 29.87 -3.77 50.56
CA ARG A 712 31.31 -3.53 50.52
C ARG A 712 31.65 -2.07 50.23
N VAL A 713 30.66 -1.23 49.95
CA VAL A 713 30.89 0.18 49.65
C VAL A 713 30.25 1.11 50.68
N LEU A 714 29.42 0.59 51.59
CA LEU A 714 28.88 1.45 52.65
C LEU A 714 29.98 2.00 53.53
N LEU A 715 31.07 1.25 53.69
CA LEU A 715 32.28 1.72 54.37
C LEU A 715 33.41 1.59 53.35
N VAL A 716 33.59 2.64 52.54
CA VAL A 716 34.57 2.62 51.48
C VAL A 716 35.95 2.98 52.02
N LYS A 728 28.71 11.23 64.51
CA LYS A 728 28.49 9.79 64.52
C LYS A 728 27.09 9.46 64.02
N TRP A 729 26.77 9.90 62.81
CA TRP A 729 25.46 9.66 62.20
C TRP A 729 25.45 8.39 61.35
N TRP A 730 25.88 7.27 61.95
CA TRP A 730 25.85 5.99 61.27
C TRP A 730 25.57 4.90 62.29
N GLY A 731 24.98 3.80 61.81
CA GLY A 731 24.62 2.69 62.68
C GLY A 731 23.11 2.53 62.76
N LEU A 732 22.40 3.64 62.86
CA LEU A 732 20.94 3.64 62.85
C LEU A 732 20.37 3.96 61.48
N ASN A 733 20.92 4.97 60.79
CA ASN A 733 20.51 5.29 59.42
C ASN A 733 21.70 5.97 58.74
N LEU A 734 22.42 5.19 57.92
CA LEU A 734 23.54 5.69 57.15
C LEU A 734 23.31 5.53 55.65
N GLN A 735 22.88 4.35 55.22
CA GLN A 735 22.61 4.12 53.80
C GLN A 735 21.44 4.97 53.32
N PHE A 736 20.42 5.14 54.16
CA PHE A 736 19.23 5.87 53.76
C PHE A 736 19.56 7.32 53.41
N LEU A 737 20.39 7.98 54.22
CA LEU A 737 20.76 9.36 53.91
C LEU A 737 21.57 9.46 52.62
N LEU A 738 22.48 8.50 52.40
CA LEU A 738 23.31 8.54 51.20
C LEU A 738 22.45 8.36 49.94
N VAL A 739 21.49 7.43 49.98
CA VAL A 739 20.59 7.28 48.84
C VAL A 739 19.65 8.47 48.72
N PHE A 740 19.27 9.07 49.85
CA PHE A 740 18.32 10.17 49.83
C PHE A 740 18.92 11.43 49.23
N LEU A 741 20.22 11.64 49.42
CA LEU A 741 20.87 12.78 48.76
C LEU A 741 20.81 12.62 47.25
N CYS A 742 21.13 11.43 46.75
CA CYS A 742 21.12 11.19 45.32
C CYS A 742 19.71 11.33 44.74
N THR A 743 18.71 10.83 45.47
CA THR A 743 17.33 11.03 45.03
C THR A 743 16.95 12.51 45.08
N PHE A 744 17.37 13.21 46.14
CA PHE A 744 16.97 14.60 46.37
C PHE A 744 17.49 15.49 45.25
N MET A 745 18.69 15.21 44.74
CA MET A 745 19.19 15.95 43.59
C MET A 745 18.19 15.90 42.44
N GLN A 746 17.68 14.70 42.15
CA GLN A 746 16.72 14.56 41.08
C GLN A 746 15.38 15.22 41.42
N ILE A 747 14.96 15.14 42.69
CA ILE A 747 13.73 15.83 43.08
C ILE A 747 13.84 17.31 42.81
N VAL A 748 14.97 17.92 43.15
CA VAL A 748 15.06 19.37 42.98
C VAL A 748 15.15 19.74 41.50
N ILE A 749 15.88 18.97 40.69
CA ILE A 749 15.88 19.33 39.27
C ILE A 749 14.48 19.17 38.69
N CYS A 750 13.75 18.14 39.13
CA CYS A 750 12.36 17.97 38.71
C CYS A 750 11.51 19.17 39.13
N VAL A 751 11.69 19.66 40.36
CA VAL A 751 10.86 20.75 40.82
C VAL A 751 11.18 22.05 40.09
N ILE A 752 12.45 22.30 39.76
CA ILE A 752 12.77 23.51 39.00
C ILE A 752 12.21 23.41 37.59
N TRP A 753 12.22 22.21 36.98
CA TRP A 753 11.60 22.06 35.68
C TRP A 753 10.08 22.24 35.74
N LEU A 754 9.46 21.73 36.80
CA LEU A 754 8.01 21.82 36.93
C LEU A 754 7.57 23.24 37.28
N TYR A 755 8.44 24.03 37.91
CA TYR A 755 8.10 25.40 38.27
C TYR A 755 8.39 26.37 37.13
N THR A 756 9.56 26.26 36.51
CA THR A 756 9.93 27.21 35.45
C THR A 756 9.08 27.03 34.21
N ALA A 757 9.13 25.84 33.61
CA ALA A 757 8.41 25.55 32.37
C ALA A 757 7.62 24.25 32.56
N PRO A 758 6.44 24.34 33.18
CA PRO A 758 5.64 23.14 33.39
C PRO A 758 5.20 22.53 32.07
N PRO A 759 5.10 21.21 31.99
CA PRO A 759 4.62 20.58 30.77
C PRO A 759 3.14 20.90 30.52
N SER A 760 2.78 20.88 29.24
CA SER A 760 1.42 21.20 28.82
C SER A 760 0.90 20.12 27.88
N SER A 761 -0.41 19.91 27.91
CA SER A 761 -1.07 18.91 27.07
C SER A 761 -1.32 19.53 25.70
N TYR A 762 -0.33 19.39 24.83
CA TYR A 762 -0.40 19.96 23.49
C TYR A 762 -1.42 19.18 22.66
N ARG A 763 -2.43 19.89 22.16
CA ARG A 763 -3.39 19.32 21.21
C ARG A 763 -2.89 19.61 19.79
N ASN A 764 -2.31 18.60 19.15
CA ASN A 764 -1.67 18.77 17.85
C ASN A 764 -2.58 18.20 16.76
N GLN A 765 -2.77 18.97 15.69
CA GLN A 765 -3.56 18.55 14.55
C GLN A 765 -2.84 18.81 13.23
N GLU A 766 -1.57 19.17 13.26
CA GLU A 766 -0.83 19.42 12.03
C GLU A 766 -0.44 18.13 11.32
N LEU A 767 -0.27 17.03 12.07
CA LEU A 767 0.11 15.76 11.46
C LEU A 767 -0.98 15.25 10.55
N GLU A 768 -2.22 15.25 11.02
CA GLU A 768 -3.37 14.81 10.24
C GLU A 768 -4.41 15.93 10.21
N ASP A 769 -4.85 16.31 9.02
CA ASP A 769 -5.81 17.40 8.89
C ASP A 769 -7.16 17.01 9.47
N GLU A 770 -7.53 15.73 9.39
CA GLU A 770 -8.83 15.26 9.83
C GLU A 770 -8.82 14.65 11.22
N ILE A 771 -7.64 14.41 11.81
CA ILE A 771 -7.51 13.73 13.08
C ILE A 771 -6.74 14.63 14.05
N ILE A 772 -7.27 14.80 15.25
CA ILE A 772 -6.60 15.55 16.31
C ILE A 772 -5.83 14.58 17.19
N PHE A 773 -4.53 14.82 17.35
CA PHE A 773 -3.69 13.99 18.21
C PHE A 773 -3.44 14.74 19.50
N ILE A 774 -3.83 14.12 20.62
CA ILE A 774 -3.60 14.70 21.94
C ILE A 774 -2.26 14.20 22.44
N THR A 775 -1.28 15.09 22.46
CA THR A 775 0.08 14.78 22.91
C THR A 775 0.40 15.62 24.15
N CYS A 776 1.65 15.53 24.60
CA CYS A 776 2.11 16.30 25.74
C CYS A 776 3.36 17.07 25.35
N HIS A 777 3.35 18.37 25.63
CA HIS A 777 4.50 19.22 25.42
C HIS A 777 5.24 19.43 26.73
N GLU A 778 6.56 19.51 26.65
CA GLU A 778 7.40 19.67 27.82
C GLU A 778 7.87 21.09 28.07
N GLY A 779 7.88 21.94 27.04
CA GLY A 779 8.39 23.28 27.21
C GLY A 779 9.89 23.34 26.99
N SER A 780 10.65 23.31 28.07
CA SER A 780 12.11 23.30 28.01
C SER A 780 12.58 21.85 27.93
N LEU A 781 13.15 21.48 26.77
CA LEU A 781 13.68 20.14 26.59
C LEU A 781 15.06 19.97 27.24
N MET A 782 15.73 21.07 27.56
CA MET A 782 17.05 20.98 28.18
C MET A 782 16.97 20.39 29.59
N ALA A 783 15.93 20.74 30.34
CA ALA A 783 15.79 20.17 31.68
C ALA A 783 15.50 18.68 31.63
N LEU A 784 14.67 18.25 30.68
CA LEU A 784 14.44 16.82 30.50
C LEU A 784 15.72 16.10 30.06
N GLY A 785 16.51 16.74 29.19
CA GLY A 785 17.79 16.18 28.82
C GLY A 785 18.72 16.04 30.02
N PHE A 786 18.74 17.04 30.89
CA PHE A 786 19.52 16.96 32.12
C PHE A 786 19.03 15.83 33.02
N LEU A 787 17.70 15.69 33.11
CA LEU A 787 17.12 14.60 33.90
C LEU A 787 17.59 13.24 33.39
N ILE A 788 17.45 13.02 32.09
CA ILE A 788 17.84 11.74 31.48
C ILE A 788 19.33 11.52 31.63
N GLY A 789 20.13 12.57 31.43
CA GLY A 789 21.58 12.43 31.58
C GLY A 789 22.00 12.09 32.99
N TYR A 790 21.35 12.72 33.99
CA TYR A 790 21.67 12.41 35.37
C TYR A 790 21.29 10.97 35.71
N THR A 791 20.12 10.52 35.26
CA THR A 791 19.73 9.14 35.50
C THR A 791 20.70 8.16 34.83
N CYS A 792 21.10 8.46 33.59
CA CYS A 792 22.03 7.59 32.89
C CYS A 792 23.40 7.59 33.56
N LEU A 793 23.84 8.75 34.07
CA LEU A 793 25.11 8.81 34.77
C LEU A 793 25.08 7.99 36.06
N LEU A 794 23.97 8.08 36.82
CA LEU A 794 23.86 7.27 38.02
C LEU A 794 23.85 5.78 37.68
N ALA A 795 23.12 5.41 36.63
CA ALA A 795 23.10 4.00 36.22
C ALA A 795 24.47 3.52 35.77
N ALA A 796 25.20 4.37 35.05
CA ALA A 796 26.54 4.00 34.60
C ALA A 796 27.50 3.88 35.78
N ILE A 797 27.35 4.74 36.79
CA ILE A 797 28.16 4.61 37.99
C ILE A 797 27.88 3.29 38.68
N CYS A 798 26.60 2.92 38.79
CA CYS A 798 26.24 1.64 39.38
C CYS A 798 26.82 0.48 38.57
N PHE A 799 26.75 0.58 37.23
CA PHE A 799 27.31 -0.46 36.37
C PHE A 799 28.81 -0.60 36.56
N PHE A 800 29.52 0.52 36.64
CA PHE A 800 30.96 0.47 36.85
C PHE A 800 31.30 -0.14 38.21
N PHE A 801 30.57 0.26 39.26
CA PHE A 801 30.85 -0.26 40.58
C PHE A 801 30.55 -1.75 40.67
N ALA A 802 29.54 -2.23 39.93
CA ALA A 802 29.23 -3.64 39.90
C ALA A 802 30.13 -4.44 38.97
N PHE A 803 30.80 -3.78 38.03
CA PHE A 803 31.66 -4.47 37.08
C PHE A 803 32.97 -4.95 37.71
N LYS A 804 33.38 -4.35 38.83
CA LYS A 804 34.63 -4.73 39.47
C LYS A 804 34.46 -5.87 40.47
N SER A 805 33.23 -6.25 40.80
CA SER A 805 32.97 -7.29 41.78
C SER A 805 32.20 -8.47 41.17
N ARG A 806 32.40 -8.73 39.87
CA ARG A 806 31.64 -9.78 39.20
C ARG A 806 31.94 -11.15 39.81
N LYS A 807 33.22 -11.44 40.06
CA LYS A 807 33.63 -12.76 40.50
C LYS A 807 33.43 -13.01 41.98
N LEU A 808 33.15 -11.98 42.76
CA LEU A 808 32.92 -12.17 44.19
C LEU A 808 31.49 -12.67 44.42
N PRO A 809 31.31 -13.85 45.01
CA PRO A 809 29.95 -14.40 45.22
C PRO A 809 29.29 -13.86 46.48
N GLU A 810 29.17 -12.54 46.56
CA GLU A 810 28.54 -11.89 47.72
C GLU A 810 27.04 -12.07 47.62
N ASN A 811 26.51 -13.01 48.42
CA ASN A 811 25.09 -13.34 48.45
C ASN A 811 24.63 -13.76 47.05
N PHE A 812 25.15 -14.92 46.64
CA PHE A 812 24.70 -15.62 45.43
C PHE A 812 25.09 -14.86 44.16
N ASN A 813 26.32 -14.34 44.14
CA ASN A 813 26.85 -13.60 43.00
C ASN A 813 25.94 -12.44 42.62
N GLU A 814 25.53 -11.67 43.62
CA GLU A 814 24.60 -10.57 43.39
C GLU A 814 25.24 -9.48 42.52
N ALA A 815 26.54 -9.22 42.75
CA ALA A 815 27.20 -8.15 42.02
C ALA A 815 27.30 -8.43 40.52
N LYS A 816 27.22 -9.70 40.11
CA LYS A 816 27.14 -10.01 38.68
C LYS A 816 25.76 -9.68 38.12
N PHE A 817 24.71 -9.93 38.91
CA PHE A 817 23.37 -9.64 38.41
C PHE A 817 23.05 -8.15 38.46
N ILE A 818 23.74 -7.39 39.31
CA ILE A 818 23.68 -5.93 39.16
C ILE A 818 24.17 -5.54 37.78
N THR A 819 25.28 -6.13 37.35
CA THR A 819 25.83 -5.86 36.02
C THR A 819 24.86 -6.27 34.93
N PHE A 820 24.25 -7.45 35.08
CA PHE A 820 23.29 -7.91 34.08
C PHE A 820 22.10 -6.96 33.96
N SER A 821 21.56 -6.54 35.10
CA SER A 821 20.41 -5.63 35.09
C SER A 821 20.77 -4.29 34.49
N MET A 822 21.94 -3.76 34.83
CA MET A 822 22.36 -2.48 34.26
C MET A 822 22.57 -2.58 32.76
N LEU A 823 23.15 -3.69 32.30
CA LEU A 823 23.35 -3.88 30.86
C LEU A 823 22.01 -3.99 30.14
N ILE A 824 21.05 -4.68 30.74
CA ILE A 824 19.71 -4.75 30.14
C ILE A 824 19.09 -3.38 30.06
N PHE A 825 19.22 -2.57 31.12
CA PHE A 825 18.68 -1.22 31.12
C PHE A 825 19.30 -0.38 30.00
N PHE A 826 20.63 -0.46 29.85
CA PHE A 826 21.29 0.33 28.82
C PHE A 826 20.90 -0.14 27.42
N ILE A 827 20.77 -1.45 27.23
CA ILE A 827 20.32 -1.97 25.94
C ILE A 827 18.94 -1.43 25.62
N VAL A 828 18.03 -1.46 26.60
CA VAL A 828 16.66 -1.03 26.37
C VAL A 828 16.62 0.44 26.02
N TRP A 829 17.33 1.27 26.77
CA TRP A 829 17.24 2.71 26.54
C TRP A 829 18.16 3.19 25.43
N ILE A 830 19.00 2.33 24.87
CA ILE A 830 19.72 2.67 23.63
C ILE A 830 18.98 2.17 22.40
N SER A 831 18.16 1.12 22.52
CA SER A 831 17.28 0.72 21.43
C SER A 831 15.99 1.51 21.40
N PHE A 832 15.64 2.20 22.48
CA PHE A 832 14.49 3.09 22.48
C PHE A 832 14.72 4.32 21.63
N ILE A 833 15.98 4.74 21.44
CA ILE A 833 16.26 5.95 20.67
C ILE A 833 15.78 5.84 19.23
N PRO A 834 16.11 4.78 18.45
CA PRO A 834 15.62 4.71 17.07
C PRO A 834 14.15 4.35 17.00
N ALA A 835 13.68 3.57 17.98
CA ALA A 835 12.27 3.20 18.02
C ALA A 835 11.37 4.38 18.33
N TYR A 836 11.86 5.38 19.06
CA TYR A 836 11.06 6.55 19.39
C TYR A 836 11.04 7.56 18.24
N ALA A 837 12.20 7.88 17.68
CA ALA A 837 12.21 8.81 16.56
C ALA A 837 11.90 8.09 15.26
N SER A 838 10.87 7.24 15.29
CA SER A 838 10.28 6.66 14.09
C SER A 838 8.76 6.64 14.12
N THR A 839 8.13 6.70 15.29
CA THR A 839 6.69 6.60 15.43
C THR A 839 6.04 7.97 15.31
N TYR A 840 4.94 8.03 14.57
CA TYR A 840 4.19 9.27 14.36
C TYR A 840 2.71 8.96 14.57
N GLY A 841 2.19 9.32 15.75
CA GLY A 841 0.77 9.13 16.00
C GLY A 841 0.44 8.62 17.39
N LYS A 842 -0.58 7.78 17.48
CA LYS A 842 -1.00 7.26 18.78
C LYS A 842 0.05 6.32 19.36
N PHE A 843 0.83 5.66 18.52
CA PHE A 843 1.84 4.71 19.00
C PHE A 843 3.17 5.41 19.28
N VAL A 844 3.11 6.52 20.01
CA VAL A 844 4.31 7.20 20.45
C VAL A 844 4.44 7.18 21.98
N SER A 845 3.33 7.17 22.70
CA SER A 845 3.35 6.91 24.14
C SER A 845 3.35 5.42 24.45
N ALA A 846 3.33 4.57 23.42
CA ALA A 846 3.38 3.13 23.59
C ALA A 846 4.79 2.56 23.50
N VAL A 847 5.79 3.37 23.15
CA VAL A 847 7.15 2.89 23.03
C VAL A 847 7.98 3.23 24.27
N GLU A 848 7.85 4.45 24.80
CA GLU A 848 8.53 4.78 26.04
C GLU A 848 8.01 3.95 27.20
N VAL A 849 6.71 3.65 27.19
CA VAL A 849 6.16 2.74 28.18
C VAL A 849 6.68 1.32 28.01
N ILE A 850 6.92 0.88 26.77
CA ILE A 850 7.52 -0.43 26.55
C ILE A 850 8.94 -0.46 27.10
N ALA A 851 9.70 0.61 26.87
CA ALA A 851 11.05 0.69 27.42
C ALA A 851 11.02 0.71 28.95
N ILE A 852 10.05 1.39 29.53
CA ILE A 852 9.93 1.42 30.99
C ILE A 852 9.65 0.01 31.52
N LEU A 853 8.72 -0.70 30.88
CA LEU A 853 8.43 -2.06 31.30
C LEU A 853 9.66 -2.95 31.17
N ALA A 854 10.39 -2.82 30.06
CA ALA A 854 11.57 -3.66 29.85
C ALA A 854 12.64 -3.37 30.90
N ALA A 855 12.92 -2.10 31.17
CA ALA A 855 13.92 -1.76 32.18
C ALA A 855 13.51 -2.24 33.56
N SER A 856 12.24 -2.07 33.92
CA SER A 856 11.78 -2.51 35.24
C SER A 856 11.83 -4.02 35.37
N PHE A 857 11.45 -4.75 34.31
CA PHE A 857 11.57 -6.21 34.32
C PHE A 857 13.03 -6.63 34.49
N GLY A 858 13.92 -6.01 33.72
CA GLY A 858 15.33 -6.36 33.82
C GLY A 858 15.91 -6.08 35.19
N LEU A 859 15.45 -5.01 35.84
CA LEU A 859 15.93 -4.69 37.17
C LEU A 859 15.35 -5.63 38.22
N LEU A 860 14.07 -5.97 38.11
CA LEU A 860 13.45 -6.79 39.15
C LEU A 860 13.83 -8.25 39.03
N ALA A 861 13.56 -8.87 37.87
CA ALA A 861 13.76 -10.31 37.75
C ALA A 861 15.21 -10.68 37.97
N CYS A 862 16.11 -10.04 37.22
CA CYS A 862 17.51 -10.40 37.26
C CYS A 862 18.09 -10.28 38.66
N ILE A 863 17.59 -9.36 39.48
CA ILE A 863 18.25 -9.02 40.73
C ILE A 863 17.58 -9.70 41.93
N PHE A 864 16.28 -9.98 41.85
CA PHE A 864 15.61 -10.63 42.97
C PHE A 864 15.32 -12.11 42.77
N PHE A 865 15.20 -12.59 41.53
CA PHE A 865 14.85 -14.00 41.32
C PHE A 865 15.93 -14.94 41.81
N ASN A 866 17.18 -14.47 41.89
CA ASN A 866 18.22 -15.26 42.54
C ASN A 866 17.82 -15.64 43.96
N LYS A 867 17.43 -14.64 44.76
CA LYS A 867 17.00 -14.92 46.12
C LYS A 867 15.70 -15.72 46.12
N ILE A 868 14.76 -15.36 45.24
CA ILE A 868 13.44 -15.97 45.29
C ILE A 868 13.50 -17.45 44.95
N TYR A 869 14.34 -17.86 43.99
CA TYR A 869 14.40 -19.25 43.59
C TYR A 869 15.07 -20.14 44.64
N ILE A 870 15.64 -19.56 45.69
CA ILE A 870 16.23 -20.31 46.78
C ILE A 870 15.38 -20.22 48.04
N ILE A 871 14.71 -19.09 48.26
CA ILE A 871 13.94 -18.91 49.49
C ILE A 871 12.75 -19.86 49.54
N LEU A 872 12.00 -19.97 48.44
CA LEU A 872 10.74 -20.69 48.45
C LEU A 872 10.69 -21.89 47.51
N PHE A 873 11.59 -21.99 46.54
CA PHE A 873 11.52 -23.08 45.57
C PHE A 873 12.06 -24.37 46.19
N LYS A 874 12.28 -25.38 45.35
CA LYS A 874 12.74 -26.68 45.84
C LYS A 874 14.03 -26.60 46.66
N PRO A 875 15.06 -25.82 46.29
CA PRO A 875 16.21 -25.67 47.19
C PRO A 875 15.92 -24.74 48.37
N SER A 876 14.79 -25.00 49.05
CA SER A 876 14.47 -24.25 50.26
C SER A 876 15.49 -24.53 51.36
N ARG A 877 15.92 -25.78 51.50
CA ARG A 877 16.99 -26.13 52.42
C ARG A 877 18.36 -25.97 51.75
N ASN A 878 18.56 -24.81 51.15
CA ASN A 878 19.84 -24.38 50.63
C ASN A 878 20.24 -23.03 51.18
N THR A 879 19.31 -22.31 51.81
CA THR A 879 19.64 -21.09 52.51
C THR A 879 20.47 -21.40 53.75
N ILE A 880 21.40 -20.50 54.07
CA ILE A 880 22.30 -20.67 55.21
C ILE A 880 22.93 -19.33 55.52
N GLU A 881 23.40 -19.18 56.76
CA GLU A 881 24.13 -17.97 57.16
C GLU A 881 25.63 -18.12 56.88
N GLU A 882 25.95 -18.49 55.65
CA GLU A 882 27.33 -18.69 55.25
C GLU A 882 27.80 -17.58 54.31
N VAL A 883 27.03 -17.34 53.26
CA VAL A 883 27.38 -16.33 52.27
C VAL A 883 26.16 -15.48 51.92
N TYR B 31 -50.14 84.51 -40.62
CA TYR B 31 -50.60 83.21 -40.14
C TYR B 31 -50.41 83.08 -38.64
N GLY B 32 -50.20 81.84 -38.18
CA GLY B 32 -50.04 81.57 -36.77
C GLY B 32 -48.86 82.27 -36.15
N PRO B 33 -47.64 81.86 -36.53
CA PRO B 33 -46.43 82.52 -36.01
C PRO B 33 -46.23 83.88 -36.68
N ASP B 34 -46.19 84.93 -35.86
CA ASP B 34 -46.00 86.27 -36.38
C ASP B 34 -44.56 86.55 -36.80
N GLN B 35 -43.59 85.79 -36.29
CA GLN B 35 -42.18 85.97 -36.63
C GLN B 35 -41.76 84.87 -37.59
N ARG B 36 -41.18 85.25 -38.71
CA ARG B 36 -40.84 84.31 -39.76
C ARG B 36 -39.80 84.95 -40.67
N ALA B 37 -39.26 84.14 -41.58
CA ALA B 37 -38.29 84.59 -42.58
C ALA B 37 -38.72 84.00 -43.92
N GLN B 38 -39.52 84.76 -44.66
CA GLN B 38 -40.14 84.25 -45.89
C GLN B 38 -39.81 85.15 -47.06
N LYS B 39 -39.76 84.53 -48.25
CA LYS B 39 -39.50 85.23 -49.50
C LYS B 39 -40.32 84.57 -50.60
N LYS B 40 -40.96 85.38 -51.43
CA LYS B 40 -41.81 84.84 -52.48
C LYS B 40 -40.98 84.18 -53.58
N GLY B 41 -41.58 83.24 -54.28
CA GLY B 41 -40.91 82.54 -55.35
C GLY B 41 -41.88 81.61 -56.06
N ASP B 42 -41.42 81.06 -57.18
CA ASP B 42 -42.23 80.13 -57.95
C ASP B 42 -42.54 78.86 -57.15
N ILE B 43 -41.53 78.32 -56.48
CA ILE B 43 -41.67 77.12 -55.67
C ILE B 43 -41.26 77.47 -54.24
N ILE B 44 -42.13 77.18 -53.29
CA ILE B 44 -41.93 77.53 -51.89
C ILE B 44 -41.45 76.30 -51.13
N LEU B 45 -40.36 76.46 -50.38
CA LEU B 45 -39.79 75.39 -49.56
C LEU B 45 -39.94 75.77 -48.10
N GLY B 46 -40.59 74.90 -47.33
CA GLY B 46 -40.74 75.14 -45.91
C GLY B 46 -39.45 74.88 -45.15
N GLY B 47 -39.41 75.39 -43.92
CA GLY B 47 -38.24 75.21 -43.10
C GLY B 47 -38.55 75.30 -41.62
N LEU B 48 -37.90 74.47 -40.81
CA LEU B 48 -38.14 74.42 -39.38
C LEU B 48 -36.80 74.34 -38.67
N PHE B 49 -36.37 75.46 -38.08
CA PHE B 49 -35.07 75.54 -37.44
C PHE B 49 -35.24 76.02 -36.01
N PRO B 50 -34.45 75.50 -35.08
CA PRO B 50 -34.53 75.98 -33.70
C PRO B 50 -33.77 77.28 -33.52
N ILE B 51 -34.51 78.39 -33.43
CA ILE B 51 -33.87 79.67 -33.15
C ILE B 51 -33.69 79.86 -31.65
N HIS B 52 -34.49 79.18 -30.83
CA HIS B 52 -34.33 79.21 -29.39
C HIS B 52 -34.27 77.79 -28.86
N PHE B 53 -33.58 77.62 -27.73
CA PHE B 53 -33.41 76.30 -27.12
C PHE B 53 -34.65 75.83 -26.37
N GLY B 54 -35.62 76.71 -26.14
CA GLY B 54 -36.82 76.32 -25.43
C GLY B 54 -37.73 77.50 -25.24
N VAL B 55 -38.83 77.25 -24.53
CA VAL B 55 -39.82 78.28 -24.24
C VAL B 55 -39.78 78.58 -22.74
N ALA B 56 -40.41 79.70 -22.38
CA ALA B 56 -40.43 80.12 -20.99
C ALA B 56 -41.20 79.13 -20.13
N ALA B 57 -40.64 78.82 -18.95
CA ALA B 57 -41.27 77.89 -18.02
C ALA B 57 -42.39 78.61 -17.28
N LYS B 58 -43.53 78.72 -17.96
CA LYS B 58 -44.70 79.40 -17.42
C LYS B 58 -45.79 78.35 -17.18
N ASP B 59 -45.94 77.95 -15.92
CA ASP B 59 -46.96 76.96 -15.55
C ASP B 59 -48.30 77.68 -15.46
N GLN B 60 -49.10 77.53 -16.50
CA GLN B 60 -50.39 78.22 -16.57
C GLN B 60 -51.44 77.49 -15.73
N ASP B 61 -52.10 78.23 -14.84
CA ASP B 61 -53.21 77.70 -14.06
C ASP B 61 -54.55 77.83 -14.78
N LEU B 62 -54.58 78.41 -15.98
CA LEU B 62 -55.78 78.57 -16.78
C LEU B 62 -56.82 79.44 -16.07
N LYS B 63 -56.38 80.39 -15.25
CA LYS B 63 -57.31 81.35 -14.67
C LYS B 63 -57.93 82.22 -15.74
N SER B 64 -57.13 82.62 -16.73
CA SER B 64 -57.59 83.43 -17.85
C SER B 64 -57.41 82.64 -19.14
N ARG B 65 -57.67 83.31 -20.26
CA ARG B 65 -57.46 82.68 -21.56
C ARG B 65 -55.98 82.40 -21.76
N PRO B 66 -55.60 81.19 -22.17
CA PRO B 66 -54.18 80.90 -22.40
C PRO B 66 -53.61 81.80 -23.49
N GLU B 67 -52.36 82.22 -23.28
CA GLU B 67 -51.67 83.09 -24.21
C GLU B 67 -50.45 82.37 -24.77
N SER B 68 -50.02 82.78 -25.96
CA SER B 68 -48.88 82.14 -26.60
C SER B 68 -47.64 82.29 -25.75
N VAL B 69 -46.91 81.19 -25.56
CA VAL B 69 -45.69 81.20 -24.77
C VAL B 69 -44.60 81.91 -25.56
N GLU B 70 -43.52 82.28 -24.87
CA GLU B 70 -42.41 83.00 -25.48
C GLU B 70 -41.15 82.14 -25.41
N CYS B 71 -40.28 82.33 -26.40
CA CYS B 71 -39.01 81.62 -26.46
C CYS B 71 -37.94 82.44 -25.76
N ILE B 72 -37.03 81.74 -25.07
CA ILE B 72 -36.15 82.37 -24.07
C ILE B 72 -34.71 82.50 -24.58
N ARG B 73 -34.04 81.37 -24.84
CA ARG B 73 -32.61 81.36 -25.06
C ARG B 73 -32.30 81.28 -26.54
N TYR B 74 -31.68 82.34 -27.08
CA TYR B 74 -31.37 82.37 -28.50
C TYR B 74 -30.38 81.29 -28.87
N ASN B 75 -30.57 80.69 -30.04
CA ASN B 75 -29.72 79.62 -30.56
C ASN B 75 -29.05 80.11 -31.83
N PHE B 76 -27.76 80.43 -31.74
CA PHE B 76 -27.04 80.92 -32.91
C PHE B 76 -26.74 79.80 -33.89
N ARG B 77 -26.61 78.57 -33.40
CA ARG B 77 -26.45 77.42 -34.30
C ARG B 77 -27.68 77.28 -35.20
N GLY B 78 -28.87 77.44 -34.62
CA GLY B 78 -30.08 77.37 -35.43
C GLY B 78 -30.15 78.46 -36.48
N PHE B 79 -29.74 79.68 -36.11
CA PHE B 79 -29.72 80.75 -37.09
C PHE B 79 -28.69 80.51 -38.18
N ARG B 80 -27.55 79.90 -37.84
CA ARG B 80 -26.60 79.53 -38.87
C ARG B 80 -27.18 78.48 -39.81
N TRP B 81 -27.93 77.53 -39.27
CA TRP B 81 -28.59 76.53 -40.12
C TRP B 81 -29.62 77.20 -41.04
N LEU B 82 -30.38 78.15 -40.50
CA LEU B 82 -31.33 78.90 -41.32
C LEU B 82 -30.62 79.65 -42.44
N GLN B 83 -29.51 80.29 -42.11
CA GLN B 83 -28.71 80.97 -43.13
C GLN B 83 -28.17 79.98 -44.15
N ALA B 84 -27.84 78.76 -43.72
CA ALA B 84 -27.38 77.73 -44.66
C ALA B 84 -28.46 77.39 -45.66
N MET B 85 -29.69 77.20 -45.18
CA MET B 85 -30.80 76.92 -46.09
C MET B 85 -31.03 78.09 -47.05
N ILE B 86 -31.01 79.33 -46.53
CA ILE B 86 -31.23 80.49 -47.37
C ILE B 86 -30.13 80.61 -48.41
N PHE B 87 -28.88 80.37 -48.02
CA PHE B 87 -27.77 80.44 -48.95
C PHE B 87 -27.88 79.37 -50.03
N ALA B 88 -28.28 78.16 -49.65
CA ALA B 88 -28.47 77.12 -50.65
C ALA B 88 -29.55 77.50 -51.65
N ILE B 89 -30.67 78.05 -51.16
CA ILE B 89 -31.75 78.46 -52.07
C ILE B 89 -31.28 79.58 -52.99
N GLU B 90 -30.56 80.56 -52.44
CA GLU B 90 -30.06 81.66 -53.25
C GLU B 90 -29.07 81.18 -54.31
N GLU B 91 -28.20 80.23 -53.95
CA GLU B 91 -27.26 79.67 -54.91
C GLU B 91 -27.99 78.89 -55.99
N ILE B 92 -29.06 78.18 -55.62
CA ILE B 92 -29.87 77.48 -56.61
C ILE B 92 -30.48 78.47 -57.59
N ASN B 93 -31.05 79.55 -57.07
CA ASN B 93 -31.67 80.54 -57.95
C ASN B 93 -30.65 81.22 -58.85
N SER B 94 -29.47 81.54 -58.31
CA SER B 94 -28.45 82.22 -59.10
C SER B 94 -27.89 81.34 -60.20
N SER B 95 -27.58 80.09 -59.87
CA SER B 95 -26.97 79.19 -60.84
C SER B 95 -27.97 78.82 -61.92
N PRO B 96 -27.66 79.05 -63.21
CA PRO B 96 -28.61 78.70 -64.26
C PRO B 96 -28.50 77.24 -64.69
N ALA B 97 -27.40 76.59 -64.31
CA ALA B 97 -27.18 75.22 -64.72
C ALA B 97 -28.18 74.27 -64.07
N LEU B 98 -28.54 74.53 -62.81
CA LEU B 98 -29.38 73.59 -62.07
C LEU B 98 -30.85 73.75 -62.42
N LEU B 99 -31.43 74.91 -62.12
CA LEU B 99 -32.86 75.15 -62.30
C LEU B 99 -33.06 76.45 -63.05
N PRO B 100 -32.82 76.45 -64.36
CA PRO B 100 -33.02 77.68 -65.14
C PRO B 100 -34.48 78.02 -65.29
N ASN B 101 -34.75 79.32 -65.41
CA ASN B 101 -36.11 79.85 -65.63
C ASN B 101 -37.07 79.37 -64.54
N LEU B 102 -36.58 79.31 -63.30
CA LEU B 102 -37.41 78.90 -62.18
C LEU B 102 -36.78 79.42 -60.90
N THR B 103 -37.59 80.04 -60.04
CA THR B 103 -37.11 80.65 -58.81
C THR B 103 -37.63 79.86 -57.60
N LEU B 104 -36.79 79.75 -56.58
CA LEU B 104 -37.13 79.03 -55.36
C LEU B 104 -37.39 80.03 -54.24
N GLY B 105 -38.54 79.90 -53.59
CA GLY B 105 -38.88 80.68 -52.42
C GLY B 105 -38.74 79.84 -51.16
N TYR B 106 -39.06 80.47 -50.03
CA TYR B 106 -39.03 79.78 -48.76
C TYR B 106 -39.97 80.44 -47.77
N ARG B 107 -40.44 79.66 -46.81
CA ARG B 107 -41.19 80.16 -45.65
C ARG B 107 -40.63 79.44 -44.43
N ILE B 108 -39.60 80.03 -43.84
CA ILE B 108 -38.88 79.42 -42.73
C ILE B 108 -39.44 79.93 -41.41
N PHE B 109 -39.69 79.02 -40.48
CA PHE B 109 -40.33 79.34 -39.22
C PHE B 109 -39.44 78.92 -38.06
N ASP B 110 -39.95 79.11 -36.85
CA ASP B 110 -39.24 78.80 -35.61
C ASP B 110 -39.98 77.70 -34.88
N THR B 111 -39.24 76.70 -34.41
CA THR B 111 -39.80 75.64 -33.59
C THR B 111 -39.45 75.76 -32.11
N CYS B 112 -38.34 76.40 -31.79
CA CYS B 112 -37.91 76.63 -30.40
C CYS B 112 -37.77 75.31 -29.63
N ASN B 113 -37.40 74.24 -30.34
CA ASN B 113 -37.27 72.90 -29.78
C ASN B 113 -38.57 72.42 -29.13
N THR B 114 -39.70 72.98 -29.55
CA THR B 114 -40.99 72.69 -28.94
C THR B 114 -41.94 72.13 -29.99
N VAL B 115 -42.67 71.09 -29.62
CA VAL B 115 -43.57 70.43 -30.57
C VAL B 115 -44.71 71.35 -30.96
N SER B 116 -45.26 72.12 -30.00
CA SER B 116 -46.44 72.92 -30.30
C SER B 116 -46.14 74.03 -31.31
N LYS B 117 -45.00 74.70 -31.16
CA LYS B 117 -44.65 75.76 -32.11
C LYS B 117 -44.42 75.18 -33.51
N ALA B 118 -43.76 74.03 -33.59
CA ALA B 118 -43.55 73.40 -34.89
C ALA B 118 -44.86 72.94 -35.50
N LEU B 119 -45.80 72.47 -34.67
CA LEU B 119 -47.11 72.10 -35.19
C LEU B 119 -47.85 73.31 -35.72
N GLU B 120 -47.74 74.46 -35.04
CA GLU B 120 -48.34 75.68 -35.56
C GLU B 120 -47.72 76.05 -36.90
N ALA B 121 -46.40 75.97 -37.02
CA ALA B 121 -45.74 76.28 -38.28
C ALA B 121 -46.16 75.31 -39.38
N THR B 122 -46.26 74.02 -39.05
CA THR B 122 -46.68 73.04 -40.04
C THR B 122 -48.12 73.27 -40.49
N LEU B 123 -49.00 73.60 -39.55
CA LEU B 123 -50.37 73.96 -39.91
C LEU B 123 -50.38 75.17 -40.82
N SER B 124 -49.44 76.10 -40.63
CA SER B 124 -49.27 77.17 -41.60
C SER B 124 -48.80 76.64 -42.95
N PHE B 125 -47.96 75.60 -42.95
CA PHE B 125 -47.45 75.06 -44.20
C PHE B 125 -48.55 74.40 -45.03
N VAL B 126 -49.40 73.61 -44.38
CA VAL B 126 -50.36 72.76 -45.08
C VAL B 126 -51.74 73.42 -45.16
N ALA B 127 -51.80 74.76 -45.05
CA ALA B 127 -53.09 75.44 -45.09
C ALA B 127 -53.81 75.20 -46.41
N GLN B 128 -53.08 75.27 -47.53
CA GLN B 128 -53.72 75.12 -48.83
C GLN B 128 -54.24 73.70 -49.05
N ASN B 129 -53.39 72.70 -48.79
CA ASN B 129 -53.80 71.32 -49.00
C ASN B 129 -54.97 70.94 -48.09
N LYS B 130 -54.91 71.38 -46.83
CA LYS B 130 -55.96 71.03 -45.88
C LYS B 130 -57.26 71.78 -46.16
N ILE B 131 -57.18 73.04 -46.62
CA ILE B 131 -58.39 73.74 -47.02
C ILE B 131 -58.97 73.14 -48.28
N ASP B 132 -58.13 72.56 -49.15
CA ASP B 132 -58.64 71.85 -50.31
C ASP B 132 -59.33 70.55 -49.91
N SER B 133 -58.74 69.83 -48.94
CA SER B 133 -59.31 68.56 -48.51
C SER B 133 -60.61 68.76 -47.75
N LEU B 134 -60.69 69.80 -46.92
CA LEU B 134 -61.86 70.01 -46.08
C LEU B 134 -62.91 70.88 -46.74
N ASN B 135 -62.51 71.86 -47.55
CA ASN B 135 -63.41 72.72 -48.31
C ASN B 135 -64.38 73.47 -47.39
N LEU B 136 -63.79 74.36 -46.58
CA LEU B 136 -64.56 75.30 -45.78
C LEU B 136 -64.93 76.57 -46.55
N ASP B 137 -64.88 76.53 -47.87
CA ASP B 137 -65.21 77.67 -48.72
C ASP B 137 -64.41 78.91 -48.36
N CYS B 142 -60.16 81.90 -46.53
CA CYS B 142 -60.63 81.83 -47.90
C CYS B 142 -59.91 82.85 -48.77
N SER B 143 -58.61 82.99 -48.55
CA SER B 143 -57.82 83.93 -49.35
C SER B 143 -57.68 83.48 -50.80
N GLU B 144 -57.71 82.17 -51.04
CA GLU B 144 -57.60 81.58 -52.37
C GLU B 144 -56.30 81.97 -53.08
N HIS B 145 -55.30 82.41 -52.32
CA HIS B 145 -54.02 82.79 -52.90
C HIS B 145 -52.84 82.33 -52.06
N ILE B 146 -53.06 81.51 -51.03
CA ILE B 146 -51.96 81.04 -50.19
C ILE B 146 -51.07 80.11 -51.00
N PRO B 147 -49.75 80.30 -50.98
CA PRO B 147 -48.88 79.40 -51.74
C PRO B 147 -48.80 78.02 -51.11
N SER B 148 -48.51 77.04 -51.96
CA SER B 148 -48.41 75.65 -51.54
C SER B 148 -46.96 75.29 -51.28
N THR B 149 -46.70 74.66 -50.14
CA THR B 149 -45.35 74.26 -49.77
C THR B 149 -44.99 72.96 -50.49
N ILE B 150 -44.03 73.04 -51.40
CA ILE B 150 -43.64 71.85 -52.17
C ILE B 150 -42.91 70.86 -51.28
N ALA B 151 -41.97 71.35 -50.47
CA ALA B 151 -41.20 70.48 -49.59
C ALA B 151 -40.83 71.24 -48.33
N VAL B 152 -40.53 70.50 -47.27
CA VAL B 152 -40.20 71.07 -45.98
C VAL B 152 -38.87 70.49 -45.53
N VAL B 153 -37.96 71.36 -45.10
CA VAL B 153 -36.73 70.91 -44.46
C VAL B 153 -37.04 70.60 -43.00
N GLY B 154 -36.83 69.35 -42.61
CA GLY B 154 -37.38 68.85 -41.35
C GLY B 154 -36.80 69.53 -40.13
N ALA B 155 -37.41 69.21 -38.99
CA ALA B 155 -37.02 69.80 -37.73
C ALA B 155 -35.68 69.23 -37.25
N THR B 156 -35.20 69.73 -36.12
CA THR B 156 -33.94 69.27 -35.55
C THR B 156 -34.14 68.08 -34.62
N GLY B 157 -34.95 68.26 -33.58
CA GLY B 157 -35.17 67.18 -32.63
C GLY B 157 -35.93 66.03 -33.26
N SER B 158 -35.73 64.85 -32.70
CA SER B 158 -36.42 63.67 -33.22
C SER B 158 -37.91 63.70 -32.88
N GLY B 159 -38.25 64.09 -31.65
CA GLY B 159 -39.65 64.14 -31.28
C GLY B 159 -40.44 65.16 -32.09
N VAL B 160 -39.87 66.36 -32.23
CA VAL B 160 -40.53 67.38 -33.03
C VAL B 160 -40.58 66.98 -34.50
N SER B 161 -39.56 66.29 -35.00
CA SER B 161 -39.59 65.81 -36.37
C SER B 161 -40.69 64.78 -36.57
N THR B 162 -40.86 63.85 -35.62
CA THR B 162 -41.95 62.88 -35.72
C THR B 162 -43.30 63.57 -35.68
N ALA B 163 -43.46 64.56 -34.79
CA ALA B 163 -44.72 65.27 -34.70
C ALA B 163 -45.04 66.01 -35.99
N VAL B 164 -44.03 66.63 -36.60
CA VAL B 164 -44.24 67.34 -37.87
C VAL B 164 -44.52 66.36 -39.00
N ALA B 165 -43.81 65.22 -39.01
CA ALA B 165 -43.96 64.25 -40.08
C ALA B 165 -45.34 63.60 -40.04
N ASN B 166 -45.87 63.35 -38.84
CA ASN B 166 -47.18 62.74 -38.73
C ASN B 166 -48.26 63.57 -39.43
N LEU B 167 -48.04 64.88 -39.55
CA LEU B 167 -48.97 65.76 -40.24
C LEU B 167 -48.56 66.06 -41.66
N LEU B 168 -47.26 66.06 -41.96
CA LEU B 168 -46.81 66.34 -43.32
C LEU B 168 -47.06 65.16 -44.25
N GLY B 169 -46.79 63.94 -43.80
CA GLY B 169 -47.03 62.77 -44.61
C GLY B 169 -48.49 62.52 -44.92
N LEU B 170 -49.40 63.23 -44.24
CA LEU B 170 -50.81 63.14 -44.58
C LEU B 170 -51.07 63.59 -46.01
N PHE B 171 -50.43 64.68 -46.43
CA PHE B 171 -50.57 65.20 -47.78
C PHE B 171 -49.41 64.79 -48.67
N TYR B 172 -48.55 63.89 -48.21
CA TYR B 172 -47.40 63.38 -48.98
C TYR B 172 -46.45 64.50 -49.38
N ILE B 173 -46.35 65.53 -48.55
CA ILE B 173 -45.36 66.59 -48.74
C ILE B 173 -44.01 66.07 -48.24
N PRO B 174 -42.98 66.05 -49.08
CA PRO B 174 -41.69 65.52 -48.62
C PRO B 174 -41.09 66.37 -47.52
N GLN B 175 -40.41 65.70 -46.59
CA GLN B 175 -39.77 66.35 -45.46
C GLN B 175 -38.34 65.82 -45.36
N VAL B 176 -37.37 66.65 -45.70
CA VAL B 176 -35.98 66.23 -45.68
C VAL B 176 -35.30 66.81 -44.45
N SER B 177 -35.29 66.05 -43.36
CA SER B 177 -34.68 66.50 -42.12
C SER B 177 -33.17 66.50 -42.22
N TYR B 178 -32.53 67.38 -41.47
CA TYR B 178 -31.07 67.50 -41.50
C TYR B 178 -30.40 66.98 -40.24
N ALA B 179 -31.12 66.88 -39.12
CA ALA B 179 -30.50 66.51 -37.86
C ALA B 179 -31.18 65.31 -37.22
N SER B 180 -32.50 65.17 -37.42
CA SER B 180 -33.26 64.09 -36.80
C SER B 180 -32.65 62.74 -37.15
N SER B 181 -32.15 62.03 -36.14
CA SER B 181 -31.42 60.79 -36.35
C SER B 181 -32.05 59.62 -35.61
N SER B 182 -33.31 59.73 -35.21
CA SER B 182 -33.95 58.64 -34.49
C SER B 182 -34.14 57.43 -35.40
N ARG B 183 -33.99 56.23 -34.83
CA ARG B 183 -34.27 55.02 -35.58
C ARG B 183 -35.76 54.84 -35.82
N LEU B 184 -36.61 55.52 -35.05
CA LEU B 184 -38.06 55.41 -35.23
C LEU B 184 -38.51 56.06 -36.52
N LEU B 185 -37.70 56.95 -37.09
CA LEU B 185 -38.09 57.69 -38.29
C LEU B 185 -37.77 56.93 -39.57
N SER B 186 -37.17 55.75 -39.47
CA SER B 186 -36.97 54.90 -40.63
C SER B 186 -38.17 54.03 -40.93
N ASN B 187 -39.21 54.08 -40.10
CA ASN B 187 -40.43 53.30 -40.30
C ASN B 187 -41.26 54.00 -41.36
N LYS B 188 -41.05 53.61 -42.62
CA LYS B 188 -41.77 54.23 -43.72
C LYS B 188 -43.24 53.85 -43.76
N ASN B 189 -43.67 52.86 -42.97
CA ASN B 189 -45.09 52.58 -42.87
C ASN B 189 -45.85 53.75 -42.26
N GLN B 190 -45.25 54.41 -41.27
CA GLN B 190 -45.87 55.53 -40.56
C GLN B 190 -45.43 56.88 -41.11
N PHE B 191 -44.13 57.07 -41.35
CA PHE B 191 -43.59 58.31 -41.88
C PHE B 191 -43.31 58.10 -43.36
N LYS B 192 -44.34 58.31 -44.18
CA LYS B 192 -44.23 57.99 -45.60
C LYS B 192 -43.30 58.95 -46.32
N SER B 193 -43.45 60.25 -46.09
CA SER B 193 -42.75 61.29 -46.83
C SER B 193 -41.59 61.87 -46.01
N PHE B 194 -40.91 61.04 -45.24
CA PHE B 194 -39.79 61.49 -44.42
C PHE B 194 -38.49 60.96 -45.01
N LEU B 195 -37.56 61.85 -45.28
CA LEU B 195 -36.20 61.53 -45.67
C LEU B 195 -35.25 62.37 -44.85
N ARG B 196 -34.05 61.87 -44.61
CA ARG B 196 -33.08 62.61 -43.82
C ARG B 196 -31.70 62.51 -44.43
N THR B 197 -30.87 63.52 -44.18
CA THR B 197 -29.51 63.57 -44.65
C THR B 197 -28.51 63.20 -43.56
N ILE B 198 -28.98 62.70 -42.42
CA ILE B 198 -28.11 62.30 -41.32
C ILE B 198 -28.37 60.84 -40.99
N PRO B 199 -27.33 60.03 -40.78
CA PRO B 199 -27.54 58.63 -40.40
C PRO B 199 -28.24 58.51 -39.05
N ASN B 200 -28.98 57.42 -38.89
CA ASN B 200 -29.69 57.17 -37.65
C ASN B 200 -28.70 56.72 -36.56
N ASP B 201 -29.25 56.41 -35.38
CA ASP B 201 -28.44 56.09 -34.20
C ASP B 201 -28.07 54.62 -34.09
N GLU B 202 -28.45 53.78 -35.07
CA GLU B 202 -28.01 52.40 -35.04
C GLU B 202 -26.49 52.32 -35.11
N HIS B 203 -25.89 53.00 -36.08
CA HIS B 203 -24.44 53.02 -36.21
C HIS B 203 -23.78 53.74 -35.04
N GLN B 204 -24.42 54.79 -34.51
CA GLN B 204 -23.83 55.49 -33.37
C GLN B 204 -23.78 54.60 -32.13
N ALA B 205 -24.85 53.86 -31.86
CA ALA B 205 -24.85 52.93 -30.73
C ALA B 205 -23.85 51.82 -30.95
N THR B 206 -23.76 51.29 -32.17
CA THR B 206 -22.75 50.28 -32.47
C THR B 206 -21.36 50.82 -32.23
N ALA B 207 -21.11 52.07 -32.63
CA ALA B 207 -19.80 52.68 -32.46
C ALA B 207 -19.47 52.88 -30.99
N MET B 208 -20.46 53.27 -30.18
CA MET B 208 -20.20 53.45 -28.75
C MET B 208 -19.93 52.11 -28.07
N ALA B 209 -20.66 51.07 -28.46
CA ALA B 209 -20.36 49.74 -27.94
C ALA B 209 -18.96 49.30 -28.34
N ASP B 210 -18.57 49.58 -29.58
CA ASP B 210 -17.22 49.23 -30.05
C ASP B 210 -16.16 50.00 -29.26
N ILE B 211 -16.44 51.27 -28.95
CA ILE B 211 -15.49 52.06 -28.16
C ILE B 211 -15.35 51.48 -26.76
N ILE B 212 -16.47 51.10 -26.14
CA ILE B 212 -16.43 50.55 -24.80
C ILE B 212 -15.64 49.25 -24.78
N GLU B 213 -15.91 48.36 -25.75
CA GLU B 213 -15.18 47.10 -25.78
C GLU B 213 -13.73 47.27 -26.23
N TYR B 214 -13.41 48.38 -26.91
CA TYR B 214 -12.05 48.62 -27.36
C TYR B 214 -11.14 49.03 -26.21
N PHE B 215 -11.69 49.73 -25.21
CA PHE B 215 -10.93 50.21 -24.07
C PHE B 215 -11.05 49.29 -22.86
N ARG B 216 -11.56 48.07 -23.06
CA ARG B 216 -11.60 47.02 -22.05
C ARG B 216 -12.35 47.49 -20.80
N TRP B 217 -13.64 47.75 -21.00
CA TRP B 217 -14.54 48.14 -19.92
C TRP B 217 -15.75 47.22 -19.91
N ASN B 218 -16.28 46.96 -18.72
CA ASN B 218 -17.51 46.19 -18.60
C ASN B 218 -18.49 46.76 -17.59
N TRP B 219 -18.16 47.86 -16.92
CA TRP B 219 -19.04 48.44 -15.90
C TRP B 219 -19.31 49.88 -16.30
N VAL B 220 -20.45 50.13 -16.95
CA VAL B 220 -20.78 51.43 -17.51
C VAL B 220 -22.09 51.93 -16.91
N GLY B 221 -22.46 53.16 -17.27
CA GLY B 221 -23.75 53.71 -16.89
C GLY B 221 -24.36 54.42 -18.06
N THR B 222 -25.69 54.41 -18.11
CA THR B 222 -26.43 54.95 -19.23
C THR B 222 -27.35 56.08 -18.77
N ILE B 223 -27.31 57.19 -19.50
CA ILE B 223 -28.21 58.32 -19.29
C ILE B 223 -28.81 58.68 -20.64
N ALA B 224 -30.14 58.83 -20.68
CA ALA B 224 -30.82 59.09 -21.93
C ALA B 224 -31.83 60.22 -21.74
N ALA B 225 -32.01 61.01 -22.80
CA ALA B 225 -33.04 62.04 -22.78
C ALA B 225 -34.41 61.42 -22.97
N ASP B 226 -35.35 61.82 -22.12
CA ASP B 226 -36.71 61.28 -22.15
C ASP B 226 -37.47 61.86 -23.34
N ASP B 227 -37.03 61.45 -24.53
CA ASP B 227 -37.70 61.85 -25.77
C ASP B 227 -37.44 60.78 -26.81
N ASP B 228 -37.92 61.03 -28.04
CA ASP B 228 -37.85 60.04 -29.10
C ASP B 228 -36.44 59.83 -29.63
N TYR B 229 -35.47 60.63 -29.21
CA TYR B 229 -34.10 60.49 -29.69
C TYR B 229 -33.22 59.69 -28.73
N GLY B 230 -33.34 59.92 -27.43
CA GLY B 230 -32.50 59.24 -26.47
C GLY B 230 -32.90 57.81 -26.18
N ARG B 231 -34.21 57.57 -26.08
CA ARG B 231 -34.69 56.24 -25.71
C ARG B 231 -34.34 55.17 -26.75
N PRO B 232 -34.62 55.34 -28.04
CA PRO B 232 -34.25 54.27 -28.99
C PRO B 232 -32.75 54.04 -29.09
N GLY B 233 -31.96 55.11 -29.11
CA GLY B 233 -30.52 54.94 -29.17
C GLY B 233 -29.98 54.23 -27.95
N ILE B 234 -30.47 54.60 -26.76
CA ILE B 234 -29.98 53.96 -25.54
C ILE B 234 -30.43 52.51 -25.49
N GLU B 235 -31.62 52.19 -26.01
CA GLU B 235 -32.06 50.80 -26.03
C GLU B 235 -31.18 49.98 -26.99
N LYS B 236 -30.87 50.53 -28.15
CA LYS B 236 -30.00 49.84 -29.09
C LYS B 236 -28.62 49.61 -28.48
N PHE B 237 -28.08 50.63 -27.81
CA PHE B 237 -26.78 50.47 -27.16
C PHE B 237 -26.84 49.44 -26.05
N ARG B 238 -27.93 49.41 -25.29
CA ARG B 238 -28.06 48.42 -24.23
C ARG B 238 -28.08 47.00 -24.79
N GLU B 239 -28.84 46.79 -25.86
CA GLU B 239 -28.87 45.48 -26.50
C GLU B 239 -27.49 45.08 -27.01
N GLU B 240 -26.79 46.01 -27.64
CA GLU B 240 -25.46 45.71 -28.18
C GLU B 240 -24.46 45.44 -27.07
N ALA B 241 -24.53 46.20 -25.98
CA ALA B 241 -23.64 45.98 -24.85
C ALA B 241 -23.88 44.62 -24.21
N GLU B 242 -25.15 44.24 -24.05
CA GLU B 242 -25.45 42.90 -23.56
C GLU B 242 -24.94 41.84 -24.53
N GLU B 243 -24.93 42.15 -25.83
CA GLU B 243 -24.33 41.24 -26.80
C GLU B 243 -22.84 41.10 -26.58
N ARG B 244 -22.16 42.20 -26.24
CA ARG B 244 -20.71 42.22 -26.09
C ARG B 244 -20.27 41.95 -24.65
N ASP B 245 -21.17 41.52 -23.78
CA ASP B 245 -20.86 41.21 -22.38
C ASP B 245 -20.34 42.44 -21.65
N ILE B 246 -21.10 43.54 -21.74
CA ILE B 246 -20.84 44.76 -21.01
C ILE B 246 -22.01 44.98 -20.05
N CYS B 247 -21.70 45.15 -18.77
CA CYS B 247 -22.71 45.27 -17.74
C CYS B 247 -23.01 46.74 -17.47
N ILE B 248 -24.29 47.10 -17.49
CA ILE B 248 -24.74 48.47 -17.30
C ILE B 248 -25.17 48.62 -15.85
N ASP B 249 -24.48 49.49 -15.11
CA ASP B 249 -24.76 49.63 -13.68
C ASP B 249 -26.10 50.31 -13.45
N PHE B 250 -26.37 51.40 -14.16
CA PHE B 250 -27.60 52.16 -13.97
C PHE B 250 -28.09 52.69 -15.30
N SER B 251 -29.40 52.89 -15.38
CA SER B 251 -30.04 53.43 -16.57
C SER B 251 -31.09 54.44 -16.11
N GLU B 252 -30.85 55.72 -16.39
CA GLU B 252 -31.72 56.78 -15.91
C GLU B 252 -32.09 57.71 -17.07
N LEU B 253 -33.28 58.28 -16.99
CA LEU B 253 -33.80 59.17 -18.01
C LEU B 253 -33.91 60.58 -17.47
N ILE B 254 -33.51 61.55 -18.30
CA ILE B 254 -33.53 62.96 -17.93
C ILE B 254 -34.29 63.74 -18.99
N SER B 255 -34.71 64.94 -18.62
CA SER B 255 -35.44 65.81 -19.52
C SER B 255 -35.11 67.26 -19.20
N GLN B 256 -35.37 68.13 -20.17
CA GLN B 256 -35.10 69.55 -19.99
C GLN B 256 -35.96 70.14 -18.88
N TYR B 257 -37.18 69.65 -18.72
CA TYR B 257 -38.12 70.13 -17.71
C TYR B 257 -38.11 69.27 -16.46
N SER B 258 -37.00 68.59 -16.17
CA SER B 258 -36.91 67.76 -14.98
C SER B 258 -36.92 68.64 -13.73
N ASP B 259 -37.72 68.24 -12.73
CA ASP B 259 -37.80 68.99 -11.50
C ASP B 259 -36.60 68.66 -10.60
N GLU B 260 -36.62 69.20 -9.39
CA GLU B 260 -35.47 69.05 -8.50
C GLU B 260 -35.36 67.65 -7.94
N GLU B 261 -36.50 67.00 -7.65
CA GLU B 261 -36.46 65.68 -7.02
C GLU B 261 -35.88 64.63 -7.96
N GLU B 262 -36.36 64.60 -9.21
CA GLU B 262 -35.88 63.60 -10.16
C GLU B 262 -34.41 63.80 -10.49
N ILE B 263 -33.98 65.04 -10.69
CA ILE B 263 -32.58 65.29 -10.98
C ILE B 263 -31.71 64.97 -9.77
N GLN B 264 -32.22 65.23 -8.56
CA GLN B 264 -31.48 64.84 -7.36
C GLN B 264 -31.32 63.33 -7.29
N HIS B 265 -32.39 62.59 -7.61
CA HIS B 265 -32.30 61.13 -7.62
C HIS B 265 -31.30 60.63 -8.65
N VAL B 266 -31.29 61.25 -9.83
CA VAL B 266 -30.33 60.85 -10.86
C VAL B 266 -28.90 61.11 -10.41
N VAL B 267 -28.66 62.29 -9.81
CA VAL B 267 -27.31 62.59 -9.34
C VAL B 267 -26.91 61.65 -8.22
N GLU B 268 -27.86 61.28 -7.36
CA GLU B 268 -27.56 60.32 -6.29
C GLU B 268 -27.17 58.96 -6.85
N VAL B 269 -27.90 58.48 -7.87
CA VAL B 269 -27.57 57.18 -8.43
C VAL B 269 -26.27 57.24 -9.21
N ILE B 270 -25.91 58.40 -9.75
CA ILE B 270 -24.59 58.54 -10.35
C ILE B 270 -23.50 58.52 -9.29
N GLN B 271 -23.76 59.14 -8.13
CA GLN B 271 -22.77 59.17 -7.06
C GLN B 271 -22.53 57.78 -6.48
N ASN B 272 -23.61 57.07 -6.15
CA ASN B 272 -23.47 55.76 -5.54
C ASN B 272 -22.80 54.75 -6.45
N SER B 273 -22.88 54.96 -7.76
CA SER B 273 -22.30 54.00 -8.70
C SER B 273 -20.79 54.06 -8.70
N THR B 274 -20.16 52.90 -8.81
CA THR B 274 -18.71 52.82 -8.98
C THR B 274 -18.30 52.78 -10.45
N ALA B 275 -19.26 52.82 -11.37
CA ALA B 275 -18.93 52.82 -12.79
C ALA B 275 -18.37 54.18 -13.19
N LYS B 276 -17.16 54.17 -13.76
CA LYS B 276 -16.52 55.42 -14.14
C LYS B 276 -17.13 55.98 -15.41
N VAL B 277 -17.06 55.22 -16.50
CA VAL B 277 -17.56 55.71 -17.78
C VAL B 277 -19.08 55.75 -17.77
N ILE B 278 -19.64 56.80 -18.37
CA ILE B 278 -21.08 57.00 -18.42
C ILE B 278 -21.47 57.28 -19.86
N VAL B 279 -22.49 56.57 -20.34
CA VAL B 279 -23.00 56.72 -21.70
C VAL B 279 -24.21 57.66 -21.66
N VAL B 280 -24.18 58.68 -22.50
CA VAL B 280 -25.24 59.70 -22.54
C VAL B 280 -25.80 59.77 -23.96
N PHE B 281 -27.11 59.62 -24.08
CA PHE B 281 -27.86 59.83 -25.32
C PHE B 281 -28.83 60.97 -25.07
N SER B 282 -28.39 62.20 -25.30
CA SER B 282 -29.21 63.36 -24.98
C SER B 282 -28.77 64.53 -25.83
N SER B 283 -29.61 65.56 -25.86
CA SER B 283 -29.28 66.80 -26.52
C SER B 283 -28.74 67.81 -25.50
N GLY B 284 -28.32 68.97 -25.99
CA GLY B 284 -27.78 70.01 -25.15
C GLY B 284 -28.74 70.47 -24.06
N PRO B 285 -29.88 71.05 -24.47
CA PRO B 285 -30.85 71.53 -23.46
C PRO B 285 -31.36 70.43 -22.56
N ASP B 286 -31.55 69.21 -23.08
CA ASP B 286 -32.02 68.12 -22.23
C ASP B 286 -30.98 67.68 -21.21
N LEU B 287 -29.71 67.98 -21.45
CA LEU B 287 -28.64 67.58 -20.54
C LEU B 287 -28.18 68.69 -19.61
N GLU B 288 -28.44 69.96 -19.97
CA GLU B 288 -27.92 71.07 -19.17
C GLU B 288 -28.24 71.01 -17.69
N PRO B 289 -29.49 70.76 -17.25
CA PRO B 289 -29.73 70.73 -15.79
C PRO B 289 -28.90 69.69 -15.07
N LEU B 290 -28.77 68.49 -15.64
CA LEU B 290 -28.00 67.44 -14.98
C LEU B 290 -26.54 67.81 -14.89
N ILE B 291 -25.97 68.37 -15.95
CA ILE B 291 -24.56 68.73 -15.93
C ILE B 291 -24.34 69.89 -14.96
N LYS B 292 -25.32 70.80 -14.86
CA LYS B 292 -25.23 71.88 -13.89
C LYS B 292 -25.19 71.34 -12.47
N GLU B 293 -26.07 70.39 -12.16
CA GLU B 293 -26.08 69.80 -10.82
C GLU B 293 -24.79 69.03 -10.55
N ILE B 294 -24.29 68.28 -11.54
CA ILE B 294 -23.05 67.54 -11.37
C ILE B 294 -21.90 68.49 -11.07
N VAL B 295 -21.83 69.61 -11.80
CA VAL B 295 -20.77 70.57 -11.57
C VAL B 295 -20.93 71.23 -10.20
N ARG B 296 -22.17 71.52 -9.80
CA ARG B 296 -22.41 72.12 -8.49
C ARG B 296 -21.98 71.20 -7.36
N ARG B 297 -22.14 69.88 -7.54
CA ARG B 297 -21.67 68.91 -6.57
C ARG B 297 -20.23 68.52 -6.78
N ASN B 298 -19.57 69.04 -7.81
CA ASN B 298 -18.17 68.76 -8.12
C ASN B 298 -17.90 67.26 -8.18
N ILE B 299 -18.74 66.56 -8.94
CA ILE B 299 -18.52 65.13 -9.17
C ILE B 299 -17.51 64.97 -10.28
N THR B 300 -16.39 64.30 -9.97
CA THR B 300 -15.26 64.21 -10.89
C THR B 300 -14.78 62.77 -10.94
N GLY B 301 -14.13 62.42 -12.05
CA GLY B 301 -13.64 61.08 -12.26
C GLY B 301 -14.48 60.24 -13.20
N LYS B 302 -15.48 60.82 -13.83
CA LYS B 302 -16.35 60.10 -14.77
C LYS B 302 -15.97 60.43 -16.19
N ILE B 303 -16.04 59.43 -17.07
CA ILE B 303 -15.76 59.58 -18.49
C ILE B 303 -17.09 59.52 -19.23
N TRP B 304 -17.39 60.57 -19.99
CA TRP B 304 -18.67 60.70 -20.67
C TRP B 304 -18.52 60.29 -22.12
N LEU B 305 -19.26 59.28 -22.54
CA LEU B 305 -19.36 58.93 -23.96
C LEU B 305 -20.55 59.67 -24.54
N ALA B 306 -20.27 60.73 -25.29
CA ALA B 306 -21.29 61.66 -25.75
C ALA B 306 -21.85 61.19 -27.09
N SER B 307 -23.16 61.26 -27.23
CA SER B 307 -23.79 61.12 -28.53
C SER B 307 -23.51 62.36 -29.37
N GLU B 308 -23.77 62.25 -30.67
CA GLU B 308 -23.44 63.33 -31.58
C GLU B 308 -24.24 64.60 -31.26
N ALA B 309 -25.40 64.44 -30.62
CA ALA B 309 -26.25 65.59 -30.34
C ALA B 309 -25.57 66.59 -29.43
N TRP B 310 -24.92 66.12 -28.36
CA TRP B 310 -24.29 67.02 -27.40
C TRP B 310 -22.77 66.87 -27.36
N ALA B 311 -22.18 66.08 -28.25
CA ALA B 311 -20.72 65.99 -28.31
C ALA B 311 -20.09 67.31 -28.72
N SER B 312 -20.85 68.22 -29.31
CA SER B 312 -20.35 69.53 -29.70
C SER B 312 -21.29 70.65 -29.24
N SER B 313 -22.13 70.39 -28.26
CA SER B 313 -23.10 71.37 -27.80
C SER B 313 -22.41 72.43 -26.96
N SER B 314 -22.48 73.69 -27.41
CA SER B 314 -21.89 74.79 -26.66
C SER B 314 -22.55 74.98 -25.31
N LEU B 315 -23.74 74.42 -25.10
CA LEU B 315 -24.45 74.56 -23.84
C LEU B 315 -23.79 73.74 -22.74
N ILE B 316 -22.97 72.76 -23.09
CA ILE B 316 -22.30 71.90 -22.11
C ILE B 316 -20.80 72.02 -22.31
N ALA B 317 -20.38 72.37 -23.52
CA ALA B 317 -18.97 72.55 -23.84
C ALA B 317 -18.54 73.96 -23.46
N MET B 318 -18.60 74.23 -22.16
CA MET B 318 -18.16 75.50 -21.63
C MET B 318 -17.00 75.28 -20.64
N PRO B 319 -16.01 76.16 -20.65
CA PRO B 319 -14.80 75.91 -19.85
C PRO B 319 -15.06 75.78 -18.36
N GLN B 320 -16.07 76.46 -17.83
CA GLN B 320 -16.36 76.37 -16.41
C GLN B 320 -16.82 74.97 -16.00
N TYR B 321 -17.26 74.15 -16.95
CA TYR B 321 -17.62 72.77 -16.67
C TYR B 321 -16.48 71.78 -16.96
N PHE B 322 -15.33 72.26 -17.43
CA PHE B 322 -14.28 71.37 -17.89
C PHE B 322 -13.72 70.49 -16.77
N HIS B 323 -13.84 70.90 -15.51
CA HIS B 323 -13.40 70.06 -14.41
C HIS B 323 -14.32 68.86 -14.20
N VAL B 324 -15.47 68.82 -14.88
CA VAL B 324 -16.41 67.71 -14.79
C VAL B 324 -16.53 66.98 -16.13
N VAL B 325 -16.68 67.73 -17.23
CA VAL B 325 -16.92 67.15 -18.54
C VAL B 325 -15.65 67.03 -19.36
N GLY B 326 -14.49 67.38 -18.80
CA GLY B 326 -13.26 67.29 -19.56
C GLY B 326 -12.95 65.86 -19.95
N GLY B 327 -12.30 65.72 -21.11
CA GLY B 327 -11.97 64.40 -21.63
C GLY B 327 -13.20 63.58 -21.95
N THR B 328 -14.17 64.20 -22.63
CA THR B 328 -15.40 63.53 -23.04
C THR B 328 -15.24 63.07 -24.47
N ILE B 329 -15.42 61.78 -24.70
CA ILE B 329 -15.32 61.20 -26.04
C ILE B 329 -16.70 61.26 -26.67
N GLY B 330 -16.80 61.92 -27.83
CA GLY B 330 -18.06 62.13 -28.49
C GLY B 330 -17.99 61.73 -29.95
N PHE B 331 -19.05 62.09 -30.68
CA PHE B 331 -19.18 61.75 -32.09
C PHE B 331 -19.55 62.98 -32.89
N ALA B 332 -19.09 63.03 -34.13
CA ALA B 332 -19.37 64.13 -35.03
C ALA B 332 -19.44 63.61 -36.45
N LEU B 333 -20.35 64.17 -37.24
CA LEU B 333 -20.50 63.75 -38.63
C LEU B 333 -19.35 64.30 -39.47
N LYS B 334 -19.25 63.80 -40.69
CA LYS B 334 -18.22 64.25 -41.60
C LYS B 334 -18.45 65.70 -41.99
N ALA B 335 -17.38 66.49 -41.97
CA ALA B 335 -17.48 67.90 -42.28
C ALA B 335 -17.70 68.13 -43.77
N GLY B 336 -18.54 69.10 -44.11
CA GLY B 336 -18.78 69.48 -45.48
C GLY B 336 -17.95 70.68 -45.90
N GLN B 337 -18.08 71.03 -47.18
CA GLN B 337 -17.34 72.15 -47.77
C GLN B 337 -18.33 73.00 -48.57
N ILE B 338 -18.85 74.05 -47.95
CA ILE B 338 -19.70 75.02 -48.62
C ILE B 338 -18.85 76.24 -48.94
N PRO B 339 -18.56 76.51 -50.22
CA PRO B 339 -17.51 77.49 -50.55
C PRO B 339 -17.74 78.90 -50.04
N GLY B 340 -18.84 79.53 -50.44
CA GLY B 340 -19.05 80.93 -50.14
C GLY B 340 -19.91 81.17 -48.92
N PHE B 341 -20.02 80.17 -48.05
CA PHE B 341 -20.92 80.26 -46.92
C PHE B 341 -20.43 81.25 -45.87
N ARG B 342 -19.12 81.34 -45.68
CA ARG B 342 -18.58 82.21 -44.63
C ARG B 342 -18.91 83.67 -44.90
N GLU B 343 -18.71 84.12 -46.13
CA GLU B 343 -19.01 85.51 -46.47
C GLU B 343 -20.50 85.79 -46.35
N PHE B 344 -21.34 84.84 -46.76
CA PHE B 344 -22.78 85.03 -46.65
C PHE B 344 -23.22 85.12 -45.20
N LEU B 345 -22.60 84.33 -44.32
CA LEU B 345 -22.87 84.45 -42.89
C LEU B 345 -22.44 85.80 -42.37
N LYS B 346 -21.26 86.28 -42.82
CA LYS B 346 -20.77 87.59 -42.40
C LYS B 346 -21.61 88.75 -42.93
N LYS B 347 -22.37 88.54 -44.00
CA LYS B 347 -23.08 89.60 -44.68
C LYS B 347 -24.46 89.90 -44.11
N VAL B 348 -24.85 89.24 -43.02
CA VAL B 348 -26.18 89.46 -42.45
C VAL B 348 -26.27 90.88 -41.92
N HIS B 349 -27.38 91.56 -42.24
CA HIS B 349 -27.60 92.94 -41.80
C HIS B 349 -29.07 93.09 -41.43
N PRO B 350 -29.37 93.63 -40.25
CA PRO B 350 -30.78 93.75 -39.83
C PRO B 350 -31.61 94.62 -40.74
N ARG B 351 -31.03 95.65 -41.35
CA ARG B 351 -31.78 96.54 -42.23
C ARG B 351 -31.76 96.10 -43.68
N LYS B 352 -30.72 95.39 -44.10
CA LYS B 352 -30.60 94.95 -45.49
C LYS B 352 -31.25 93.59 -45.75
N SER B 353 -31.79 92.95 -44.73
CA SER B 353 -32.45 91.64 -44.86
C SER B 353 -33.95 91.86 -44.73
N VAL B 354 -34.60 92.16 -45.85
CA VAL B 354 -36.04 92.37 -45.84
C VAL B 354 -36.78 91.05 -45.60
N HIS B 355 -36.36 89.99 -46.29
CA HIS B 355 -37.06 88.72 -46.19
C HIS B 355 -36.81 88.01 -44.87
N ASN B 356 -35.63 88.17 -44.27
CA ASN B 356 -35.26 87.47 -43.04
C ASN B 356 -35.73 88.28 -41.86
N GLY B 357 -36.82 87.83 -41.23
CA GLY B 357 -37.35 88.51 -40.07
C GLY B 357 -36.69 88.15 -38.75
N PHE B 358 -35.80 87.17 -38.75
CA PHE B 358 -35.06 86.79 -37.55
C PHE B 358 -33.75 87.55 -37.40
N ALA B 359 -33.41 88.41 -38.36
CA ALA B 359 -32.14 89.12 -38.30
C ALA B 359 -32.14 90.16 -37.18
N LYS B 360 -33.28 90.81 -36.93
CA LYS B 360 -33.33 91.84 -35.91
C LYS B 360 -33.05 91.26 -34.52
N GLU B 361 -33.69 90.15 -34.18
CA GLU B 361 -33.44 89.52 -32.89
C GLU B 361 -32.01 89.01 -32.79
N PHE B 362 -31.47 88.51 -33.90
CA PHE B 362 -30.08 88.06 -33.90
C PHE B 362 -29.14 89.22 -33.59
N TRP B 363 -29.36 90.37 -34.23
CA TRP B 363 -28.54 91.55 -33.97
C TRP B 363 -28.67 91.97 -32.51
N GLU B 364 -29.90 92.01 -32.00
CA GLU B 364 -30.13 92.44 -30.63
C GLU B 364 -29.44 91.51 -29.63
N GLU B 365 -29.48 90.21 -29.87
CA GLU B 365 -28.89 89.26 -28.94
C GLU B 365 -27.38 89.12 -29.13
N THR B 366 -26.84 89.50 -30.28
CA THR B 366 -25.39 89.42 -30.45
C THR B 366 -24.67 90.69 -30.04
N PHE B 367 -25.35 91.84 -30.05
CA PHE B 367 -24.74 93.07 -29.59
C PHE B 367 -25.35 93.60 -28.29
N ASN B 368 -26.28 92.84 -27.70
CA ASN B 368 -26.89 93.21 -26.40
C ASN B 368 -27.49 94.60 -26.45
N CYS B 369 -28.07 94.96 -27.59
CA CYS B 369 -28.66 96.28 -27.79
C CYS B 369 -30.10 96.13 -28.24
N HIS B 370 -30.82 97.24 -28.23
CA HIS B 370 -32.22 97.27 -28.62
C HIS B 370 -32.36 98.03 -29.94
N LEU B 371 -33.13 97.45 -30.87
CA LEU B 371 -33.38 98.06 -32.17
C LEU B 371 -34.75 98.73 -32.12
N GLN B 372 -34.78 100.02 -32.44
CA GLN B 372 -36.03 100.77 -32.43
C GLN B 372 -36.47 101.12 -33.84
N ARG B 403 -30.11 98.50 -21.46
CA ARG B 403 -30.15 98.08 -22.86
C ARG B 403 -29.87 99.26 -23.79
N PRO B 404 -28.65 99.30 -24.35
CA PRO B 404 -28.31 100.40 -25.26
C PRO B 404 -29.08 100.35 -26.57
N LEU B 405 -28.82 101.31 -27.45
CA LEU B 405 -29.47 101.39 -28.75
C LEU B 405 -28.50 100.97 -29.84
N CYS B 406 -28.94 100.08 -30.72
CA CYS B 406 -28.10 99.58 -31.79
C CYS B 406 -27.80 100.70 -32.78
N THR B 407 -26.52 100.84 -33.15
CA THR B 407 -26.14 101.85 -34.14
C THR B 407 -26.52 101.42 -35.55
N GLY B 408 -26.73 100.13 -35.78
CA GLY B 408 -27.06 99.64 -37.11
C GLY B 408 -25.88 99.46 -38.03
N ASP B 409 -24.65 99.66 -37.53
CA ASP B 409 -23.46 99.50 -38.36
C ASP B 409 -22.34 98.76 -37.63
N GLU B 410 -22.66 97.99 -36.60
CA GLU B 410 -21.65 97.27 -35.86
C GLU B 410 -21.08 96.12 -36.69
N ASN B 411 -19.97 95.56 -36.21
CA ASN B 411 -19.29 94.47 -36.89
C ASN B 411 -19.64 93.15 -36.22
N ILE B 412 -20.12 92.19 -37.01
CA ILE B 412 -20.45 90.87 -36.48
C ILE B 412 -19.19 90.07 -36.16
N SER B 413 -18.06 90.39 -36.78
CA SER B 413 -16.82 89.67 -36.56
C SER B 413 -16.14 90.03 -35.24
N SER B 414 -16.80 90.79 -34.38
CA SER B 414 -16.25 91.17 -33.09
C SER B 414 -16.78 90.31 -31.94
N VAL B 415 -18.02 89.84 -32.03
CA VAL B 415 -18.61 89.04 -30.98
C VAL B 415 -18.28 87.58 -31.20
N GLU B 416 -18.16 86.83 -30.10
CA GLU B 416 -17.83 85.41 -30.15
C GLU B 416 -19.08 84.62 -29.74
N THR B 417 -19.90 84.30 -30.73
CA THR B 417 -21.10 83.51 -30.55
C THR B 417 -21.09 82.36 -31.57
N PRO B 418 -21.70 81.21 -31.24
CA PRO B 418 -21.59 80.05 -32.13
C PRO B 418 -22.33 80.24 -33.44
N TYR B 419 -21.94 81.24 -34.20
CA TYR B 419 -22.56 81.56 -35.48
C TYR B 419 -21.51 81.69 -36.57
N ILE B 420 -20.31 82.13 -36.21
CA ILE B 420 -19.26 82.38 -37.19
C ILE B 420 -17.95 81.75 -36.72
N ASP B 421 -17.87 81.41 -35.45
CA ASP B 421 -16.65 80.82 -34.87
C ASP B 421 -16.78 79.30 -34.84
N TYR B 422 -16.78 78.70 -36.03
CA TYR B 422 -16.91 77.26 -36.18
C TYR B 422 -15.67 76.68 -36.83
N THR B 423 -15.36 75.44 -36.46
CA THR B 423 -14.26 74.72 -37.07
C THR B 423 -14.72 73.93 -38.30
N HIS B 424 -15.89 73.30 -38.22
CA HIS B 424 -16.40 72.49 -39.32
C HIS B 424 -17.90 72.65 -39.42
N LEU B 425 -18.42 72.48 -40.62
CA LEU B 425 -19.86 72.53 -40.89
C LEU B 425 -20.35 71.09 -41.00
N ARG B 426 -21.18 70.67 -40.04
CA ARG B 426 -21.67 69.30 -39.99
C ARG B 426 -23.16 69.20 -40.22
N ILE B 427 -23.98 69.91 -39.45
CA ILE B 427 -25.40 69.96 -39.72
C ILE B 427 -25.76 71.07 -40.71
N SER B 428 -24.91 72.11 -40.82
CA SER B 428 -25.11 73.09 -41.87
C SER B 428 -24.94 72.46 -43.24
N TYR B 429 -23.97 71.55 -43.38
CA TYR B 429 -23.84 70.78 -44.60
C TYR B 429 -25.05 69.88 -44.82
N ASN B 430 -25.64 69.35 -43.75
CA ASN B 430 -26.85 68.55 -43.91
C ASN B 430 -28.01 69.40 -44.44
N VAL B 431 -28.15 70.62 -43.94
CA VAL B 431 -29.19 71.52 -44.45
C VAL B 431 -28.93 71.85 -45.92
N TYR B 432 -27.67 72.14 -46.25
CA TYR B 432 -27.30 72.43 -47.64
C TYR B 432 -27.60 71.25 -48.54
N LEU B 433 -27.28 70.04 -48.09
CA LEU B 433 -27.55 68.83 -48.86
C LEU B 433 -29.04 68.59 -49.00
N ALA B 434 -29.82 68.90 -47.97
CA ALA B 434 -31.27 68.74 -48.05
C ALA B 434 -31.86 69.66 -49.10
N VAL B 435 -31.45 70.93 -49.07
CA VAL B 435 -31.97 71.89 -50.04
C VAL B 435 -31.54 71.51 -51.45
N TYR B 436 -30.28 71.09 -51.62
CA TYR B 436 -29.84 70.63 -52.94
C TYR B 436 -30.55 69.36 -53.38
N SER B 437 -30.90 68.47 -52.45
CA SER B 437 -31.62 67.26 -52.83
C SER B 437 -33.02 67.59 -53.34
N ILE B 438 -33.71 68.51 -52.66
CA ILE B 438 -35.01 68.95 -53.15
C ILE B 438 -34.88 69.64 -54.50
N ALA B 439 -33.86 70.49 -54.65
CA ALA B 439 -33.65 71.19 -55.91
C ALA B 439 -33.33 70.23 -57.03
N HIS B 440 -32.56 69.17 -56.74
CA HIS B 440 -32.21 68.20 -57.76
C HIS B 440 -33.38 67.31 -58.14
N ALA B 441 -34.27 66.99 -57.19
CA ALA B 441 -35.51 66.34 -57.56
C ALA B 441 -36.33 67.23 -58.49
N LEU B 442 -36.40 68.52 -58.18
CA LEU B 442 -37.13 69.45 -59.05
C LEU B 442 -36.49 69.52 -60.44
N GLN B 443 -35.16 69.53 -60.49
CA GLN B 443 -34.46 69.55 -61.78
C GLN B 443 -34.68 68.27 -62.57
N ASP B 444 -34.68 67.12 -61.88
CA ASP B 444 -34.97 65.86 -62.55
C ASP B 444 -36.36 65.89 -63.16
N ILE B 445 -37.33 66.48 -62.45
CA ILE B 445 -38.64 66.70 -63.05
C ILE B 445 -38.53 67.64 -64.25
N TYR B 446 -37.71 68.69 -64.13
CA TYR B 446 -37.57 69.68 -65.20
C TYR B 446 -37.01 69.07 -66.47
N THR B 447 -35.98 68.23 -66.34
CA THR B 447 -35.32 67.62 -67.50
C THR B 447 -35.78 66.19 -67.74
N CYS B 448 -37.07 65.92 -67.52
CA CYS B 448 -37.63 64.60 -67.74
C CYS B 448 -38.09 64.48 -69.19
N LEU B 449 -37.44 63.58 -69.93
CA LEU B 449 -37.84 63.33 -71.31
C LEU B 449 -39.11 62.48 -71.34
N PRO B 450 -40.16 62.92 -72.05
CA PRO B 450 -41.40 62.14 -72.08
C PRO B 450 -41.16 60.75 -72.68
N GLY B 451 -41.88 59.76 -72.14
CA GLY B 451 -41.74 58.40 -72.57
C GLY B 451 -40.72 57.58 -71.83
N ARG B 452 -39.92 58.20 -70.95
CA ARG B 452 -38.92 57.46 -70.19
C ARG B 452 -38.84 57.92 -68.73
N GLY B 453 -39.81 58.69 -68.24
CA GLY B 453 -39.77 59.19 -66.88
C GLY B 453 -40.18 58.17 -65.86
N LEU B 454 -40.09 58.59 -64.59
CA LEU B 454 -40.48 57.73 -63.47
C LEU B 454 -41.98 57.54 -63.36
N PHE B 455 -42.77 58.31 -64.10
CA PHE B 455 -44.22 58.25 -64.00
C PHE B 455 -44.79 57.18 -64.94
N THR B 456 -46.11 57.09 -64.98
CA THR B 456 -46.77 56.07 -65.81
C THR B 456 -46.54 56.35 -67.28
N ASN B 457 -46.32 55.27 -68.04
CA ASN B 457 -46.10 55.36 -69.49
C ASN B 457 -44.93 56.27 -69.83
N GLY B 458 -43.96 56.38 -68.92
CA GLY B 458 -42.84 57.26 -69.13
C GLY B 458 -43.18 58.73 -69.12
N SER B 459 -44.33 59.10 -68.59
CA SER B 459 -44.74 60.49 -68.57
C SER B 459 -43.89 61.28 -67.57
N CYS B 460 -44.04 62.60 -67.61
CA CYS B 460 -43.28 63.51 -66.75
C CYS B 460 -44.21 64.54 -66.14
N ALA B 461 -43.85 64.98 -64.93
CA ALA B 461 -44.65 65.96 -64.23
C ALA B 461 -44.56 67.33 -64.90
N ASP B 462 -45.65 68.09 -64.79
CA ASP B 462 -45.70 69.42 -65.38
C ASP B 462 -45.04 70.43 -64.44
N ILE B 463 -44.11 71.21 -64.98
CA ILE B 463 -43.35 72.15 -64.15
C ILE B 463 -44.26 73.21 -63.56
N LYS B 464 -45.18 73.75 -64.37
CA LYS B 464 -46.07 74.80 -63.88
C LYS B 464 -47.05 74.32 -62.83
N LYS B 465 -47.22 73.00 -62.66
CA LYS B 465 -48.16 72.45 -61.70
C LYS B 465 -47.53 71.28 -60.95
N VAL B 466 -46.30 71.45 -60.49
CA VAL B 466 -45.64 70.41 -59.71
C VAL B 466 -46.37 70.23 -58.39
N GLU B 467 -46.61 68.97 -58.02
CA GLU B 467 -47.23 68.63 -56.76
C GLU B 467 -46.21 67.98 -55.83
N ALA B 468 -46.51 68.04 -54.53
CA ALA B 468 -45.56 67.58 -53.53
C ALA B 468 -45.29 66.09 -53.67
N TRP B 469 -46.33 65.30 -53.96
CA TRP B 469 -46.13 63.86 -54.06
C TRP B 469 -45.23 63.48 -55.23
N GLN B 470 -45.28 64.24 -56.33
CA GLN B 470 -44.35 64.01 -57.42
C GLN B 470 -42.91 64.26 -56.98
N VAL B 471 -42.70 65.33 -56.22
CA VAL B 471 -41.35 65.62 -55.72
C VAL B 471 -40.89 64.51 -54.79
N LEU B 472 -41.80 63.98 -53.95
CA LEU B 472 -41.44 62.87 -53.08
C LEU B 472 -41.09 61.62 -53.88
N LYS B 473 -41.86 61.34 -54.94
CA LYS B 473 -41.57 60.19 -55.78
C LYS B 473 -40.20 60.32 -56.44
N HIS B 474 -39.87 61.52 -56.93
CA HIS B 474 -38.55 61.73 -57.51
C HIS B 474 -37.46 61.67 -56.44
N LEU B 475 -37.78 62.08 -55.21
CA LEU B 475 -36.80 62.03 -54.14
C LEU B 475 -36.47 60.61 -53.74
N ARG B 476 -37.47 59.71 -53.77
CA ARG B 476 -37.20 58.31 -53.47
C ARG B 476 -36.20 57.72 -54.45
N HIS B 477 -36.38 57.99 -55.74
CA HIS B 477 -35.44 57.55 -56.77
C HIS B 477 -34.52 58.70 -57.17
N LEU B 478 -33.71 59.14 -56.22
CA LEU B 478 -32.76 60.22 -56.44
C LEU B 478 -31.34 59.71 -56.32
N ASN B 479 -30.46 60.18 -57.21
CA ASN B 479 -29.05 59.79 -57.21
C ASN B 479 -28.27 60.92 -57.86
N PHE B 480 -27.63 61.75 -57.03
CA PHE B 480 -26.89 62.89 -57.53
C PHE B 480 -25.59 63.04 -56.72
N THR B 481 -24.65 63.77 -57.31
CA THR B 481 -23.34 63.99 -56.72
C THR B 481 -23.25 65.42 -56.19
N ASN B 482 -22.84 65.55 -54.93
CA ASN B 482 -22.70 66.86 -54.31
C ASN B 482 -21.41 67.53 -54.78
N ASN B 483 -21.17 68.75 -54.29
CA ASN B 483 -19.97 69.48 -54.68
C ASN B 483 -18.69 68.82 -54.16
N MET B 484 -18.80 67.99 -53.12
CA MET B 484 -17.63 67.30 -52.60
C MET B 484 -17.26 66.06 -53.39
N GLY B 485 -18.09 65.67 -54.36
CA GLY B 485 -17.82 64.52 -55.19
C GLY B 485 -18.49 63.24 -54.77
N GLU B 486 -19.03 63.18 -53.55
CA GLU B 486 -19.71 61.99 -53.08
C GLU B 486 -21.09 61.88 -53.72
N GLN B 487 -21.61 60.66 -53.78
CA GLN B 487 -22.91 60.38 -54.34
C GLN B 487 -23.96 60.38 -53.23
N VAL B 488 -25.05 61.09 -53.44
CA VAL B 488 -26.11 61.24 -52.45
C VAL B 488 -27.30 60.41 -52.91
N THR B 489 -27.61 59.36 -52.15
CA THR B 489 -28.74 58.49 -52.44
C THR B 489 -29.48 58.20 -51.14
N PHE B 490 -30.80 58.18 -51.22
CA PHE B 490 -31.65 57.85 -50.09
C PHE B 490 -32.14 56.42 -50.24
N ASP B 491 -31.95 55.61 -49.21
CA ASP B 491 -32.30 54.20 -49.26
C ASP B 491 -33.81 54.04 -49.23
N GLU B 492 -34.26 52.77 -49.25
CA GLU B 492 -35.68 52.50 -49.10
C GLU B 492 -36.19 52.93 -47.73
N CYS B 493 -35.29 52.99 -46.75
CA CYS B 493 -35.64 53.54 -45.44
C CYS B 493 -35.62 55.06 -45.42
N GLY B 494 -35.19 55.70 -46.51
CA GLY B 494 -35.21 57.14 -46.62
C GLY B 494 -34.04 57.86 -45.99
N ASP B 495 -33.11 57.14 -45.39
CA ASP B 495 -32.01 57.73 -44.66
C ASP B 495 -30.75 57.76 -45.53
N LEU B 496 -29.64 58.18 -44.93
CA LEU B 496 -28.35 58.28 -45.60
C LEU B 496 -27.29 57.65 -44.71
N VAL B 497 -26.24 57.15 -45.36
CA VAL B 497 -25.14 56.47 -44.66
C VAL B 497 -23.91 57.35 -44.72
N GLY B 498 -23.28 57.58 -43.57
CA GLY B 498 -22.10 58.41 -43.50
C GLY B 498 -21.15 57.95 -42.41
N ASN B 499 -19.92 58.42 -42.51
CA ASN B 499 -18.91 58.14 -41.51
C ASN B 499 -19.12 58.98 -40.26
N TYR B 500 -18.50 58.55 -39.17
CA TYR B 500 -18.51 59.28 -37.91
C TYR B 500 -17.09 59.69 -37.57
N SER B 501 -16.97 60.84 -36.91
CA SER B 501 -15.69 61.34 -36.42
C SER B 501 -15.75 61.37 -34.90
N ILE B 502 -14.80 60.70 -34.26
CA ILE B 502 -14.75 60.63 -32.80
C ILE B 502 -13.85 61.73 -32.28
N ILE B 503 -14.36 62.51 -31.34
CA ILE B 503 -13.68 63.69 -30.84
C ILE B 503 -13.56 63.59 -29.32
N ASN B 504 -12.61 64.33 -28.78
CA ASN B 504 -12.38 64.40 -27.33
C ASN B 504 -12.43 65.86 -26.90
N TRP B 505 -12.90 66.08 -25.68
CA TRP B 505 -13.05 67.43 -25.14
C TRP B 505 -11.78 67.81 -24.39
N HIS B 506 -11.00 68.71 -24.97
CA HIS B 506 -9.77 69.22 -24.41
C HIS B 506 -9.98 70.65 -23.92
N LEU B 507 -8.90 71.27 -23.46
CA LEU B 507 -8.90 72.67 -23.07
C LEU B 507 -7.86 73.42 -23.90
N SER B 508 -8.24 74.59 -24.38
CA SER B 508 -7.35 75.37 -25.23
C SER B 508 -6.20 75.95 -24.41
N PRO B 509 -4.95 75.65 -24.73
CA PRO B 509 -3.84 76.25 -23.97
C PRO B 509 -3.78 77.77 -24.08
N GLU B 510 -4.17 78.32 -25.23
CA GLU B 510 -4.10 79.77 -25.44
C GLU B 510 -5.43 80.48 -25.20
N ASP B 511 -6.55 79.78 -25.26
CA ASP B 511 -7.86 80.40 -25.09
C ASP B 511 -8.60 79.96 -23.85
N GLY B 512 -8.32 78.77 -23.33
CA GLY B 512 -8.98 78.27 -22.14
C GLY B 512 -10.35 77.68 -22.37
N SER B 513 -10.84 77.64 -23.61
CA SER B 513 -12.15 77.10 -23.91
C SER B 513 -12.04 75.64 -24.30
N ILE B 514 -13.18 74.99 -24.47
CA ILE B 514 -13.22 73.59 -24.87
C ILE B 514 -12.87 73.50 -26.35
N VAL B 515 -11.94 72.61 -26.69
CA VAL B 515 -11.50 72.39 -28.06
C VAL B 515 -11.72 70.92 -28.38
N PHE B 516 -12.44 70.65 -29.46
CA PHE B 516 -12.71 69.28 -29.91
C PHE B 516 -11.68 68.91 -30.96
N LYS B 517 -10.81 67.96 -30.63
CA LYS B 517 -9.84 67.44 -31.58
C LYS B 517 -10.16 65.98 -31.88
N GLU B 518 -9.98 65.60 -33.14
CA GLU B 518 -10.33 64.26 -33.57
C GLU B 518 -9.32 63.24 -33.05
N VAL B 519 -9.83 62.16 -32.47
CA VAL B 519 -9.00 61.06 -31.99
C VAL B 519 -9.20 59.79 -32.78
N GLY B 520 -10.12 59.80 -33.75
CA GLY B 520 -10.37 58.63 -34.56
C GLY B 520 -11.67 58.78 -35.31
N TYR B 521 -11.92 57.83 -36.19
CA TYR B 521 -13.13 57.80 -36.99
C TYR B 521 -13.90 56.52 -36.70
N TYR B 522 -14.99 56.32 -37.46
CA TYR B 522 -15.78 55.09 -37.36
C TYR B 522 -16.33 54.82 -38.76
N ASN B 523 -15.62 53.98 -39.51
CA ASN B 523 -15.94 53.73 -40.92
C ASN B 523 -17.12 52.78 -41.00
N VAL B 524 -18.29 53.29 -41.39
CA VAL B 524 -19.47 52.45 -41.49
C VAL B 524 -19.35 51.46 -42.63
N TYR B 525 -18.61 51.81 -43.68
CA TYR B 525 -18.50 50.94 -44.85
C TYR B 525 -17.65 49.70 -44.58
N ALA B 526 -16.85 49.70 -43.52
CA ALA B 526 -15.99 48.56 -43.24
C ALA B 526 -16.82 47.39 -42.70
N LYS B 527 -16.18 46.23 -42.63
CA LYS B 527 -16.84 45.04 -42.11
C LYS B 527 -17.00 45.14 -40.60
N LYS B 528 -17.97 44.38 -40.09
CA LYS B 528 -18.24 44.39 -38.65
C LYS B 528 -17.02 43.94 -37.87
N GLY B 529 -16.73 44.66 -36.78
CA GLY B 529 -15.56 44.40 -35.97
C GLY B 529 -14.32 45.12 -36.42
N GLU B 530 -14.35 45.78 -37.57
CA GLU B 530 -13.21 46.54 -38.08
C GLU B 530 -13.58 47.99 -38.39
N ARG B 531 -14.78 48.43 -38.00
CA ARG B 531 -15.21 49.78 -38.30
C ARG B 531 -14.48 50.81 -37.45
N LEU B 532 -14.27 50.50 -36.17
CA LEU B 532 -13.74 51.47 -35.23
C LEU B 532 -12.24 51.63 -35.37
N PHE B 533 -11.77 52.88 -35.41
CA PHE B 533 -10.35 53.19 -35.36
C PHE B 533 -10.15 54.30 -34.34
N ILE B 534 -9.24 54.09 -33.40
CA ILE B 534 -8.97 55.05 -32.33
C ILE B 534 -7.47 55.30 -32.28
N ASN B 535 -7.08 56.58 -32.31
CA ASN B 535 -5.69 56.98 -32.13
C ASN B 535 -5.54 57.46 -30.69
N GLU B 536 -5.30 56.50 -29.79
CA GLU B 536 -5.31 56.77 -28.36
C GLU B 536 -4.16 57.68 -27.93
N GLU B 537 -3.11 57.82 -28.76
CA GLU B 537 -2.01 58.70 -28.41
C GLU B 537 -2.46 60.15 -28.32
N LYS B 538 -3.54 60.51 -29.01
CA LYS B 538 -4.05 61.87 -29.03
C LYS B 538 -5.13 62.11 -27.99
N ILE B 539 -5.46 61.13 -27.18
CA ILE B 539 -6.54 61.22 -26.19
C ILE B 539 -5.95 61.66 -24.86
N LEU B 540 -6.63 62.59 -24.20
CA LEU B 540 -6.27 63.02 -22.85
C LEU B 540 -7.47 62.74 -21.95
N TRP B 541 -7.43 61.59 -21.27
CA TRP B 541 -8.53 61.20 -20.40
C TRP B 541 -8.69 62.20 -19.27
N SER B 542 -9.94 62.45 -18.89
CA SER B 542 -10.30 63.45 -17.88
C SER B 542 -9.75 64.82 -18.23
N GLY B 543 -9.45 65.06 -19.50
CA GLY B 543 -8.94 66.33 -19.98
C GLY B 543 -7.44 66.51 -19.86
N PHE B 544 -6.81 65.89 -18.85
CA PHE B 544 -5.39 66.11 -18.60
C PHE B 544 -4.61 64.80 -18.53
N SER B 545 -5.24 63.75 -18.02
CA SER B 545 -4.52 62.50 -17.77
C SER B 545 -4.15 61.82 -19.07
N ARG B 546 -3.36 60.75 -18.95
CA ARG B 546 -2.92 59.95 -20.08
C ARG B 546 -3.21 58.47 -19.93
N GLU B 547 -3.24 57.94 -18.71
CA GLU B 547 -3.52 56.53 -18.51
C GLU B 547 -5.01 56.25 -18.75
N VAL B 548 -5.28 55.11 -19.37
CA VAL B 548 -6.66 54.69 -19.63
C VAL B 548 -7.33 54.38 -18.30
N PRO B 549 -8.45 55.02 -17.99
CA PRO B 549 -9.10 54.80 -16.70
C PRO B 549 -9.59 53.37 -16.54
N PHE B 550 -9.58 52.90 -15.30
CA PHE B 550 -10.04 51.56 -14.96
C PHE B 550 -11.55 51.57 -14.74
N SER B 551 -12.24 50.65 -15.41
CA SER B 551 -13.70 50.60 -15.30
C SER B 551 -14.26 49.18 -15.25
N ASN B 552 -13.48 48.19 -14.85
CA ASN B 552 -14.09 46.92 -14.47
C ASN B 552 -15.03 47.13 -13.29
N CYS B 553 -15.97 46.19 -13.12
CA CYS B 553 -16.76 46.18 -11.90
C CYS B 553 -15.93 45.71 -10.71
N SER B 554 -15.03 44.74 -10.94
CA SER B 554 -14.18 44.20 -9.90
C SER B 554 -12.81 43.90 -10.49
N ARG B 555 -11.80 43.85 -9.63
CA ARG B 555 -10.44 43.58 -10.07
C ARG B 555 -10.33 42.18 -10.65
N ASP B 556 -9.49 42.03 -11.67
CA ASP B 556 -9.31 40.74 -12.31
C ASP B 556 -8.63 39.76 -11.36
N CYS B 557 -9.07 38.51 -11.39
CA CYS B 557 -8.47 37.47 -10.56
C CYS B 557 -7.22 36.92 -11.23
N LEU B 558 -6.12 36.88 -10.48
CA LEU B 558 -4.84 36.46 -11.02
C LEU B 558 -4.76 34.94 -11.06
N ALA B 559 -3.57 34.42 -11.34
CA ALA B 559 -3.37 32.97 -11.41
C ALA B 559 -3.57 32.33 -10.05
N GLY B 560 -4.04 31.09 -10.07
CA GLY B 560 -4.32 30.37 -8.85
C GLY B 560 -5.59 30.78 -8.14
N THR B 561 -6.43 31.59 -8.78
CA THR B 561 -7.61 32.14 -8.15
C THR B 561 -8.83 31.90 -9.03
N ARG B 562 -10.00 31.86 -8.42
CA ARG B 562 -11.24 31.48 -9.07
C ARG B 562 -12.29 32.55 -8.88
N LYS B 563 -13.17 32.69 -9.87
CA LYS B 563 -14.25 33.67 -9.81
C LYS B 563 -15.31 33.24 -8.82
N GLY B 564 -15.74 34.18 -7.98
CA GLY B 564 -16.77 33.92 -6.97
C GLY B 564 -18.02 34.75 -7.26
N ILE B 565 -19.16 34.06 -7.30
CA ILE B 565 -20.43 34.71 -7.58
C ILE B 565 -20.80 35.62 -6.43
N ILE B 566 -21.21 36.85 -6.75
CA ILE B 566 -21.80 37.77 -5.79
C ILE B 566 -23.30 37.78 -6.04
N GLU B 567 -24.07 37.42 -5.01
CA GLU B 567 -25.51 37.31 -5.16
C GLU B 567 -26.15 38.67 -5.43
N GLY B 568 -27.08 38.69 -6.37
CA GLY B 568 -27.77 39.92 -6.70
C GLY B 568 -26.94 40.97 -7.40
N GLU B 569 -25.86 40.57 -8.06
CA GLU B 569 -24.97 41.48 -8.74
C GLU B 569 -24.64 40.94 -10.12
N PRO B 570 -24.51 41.81 -11.12
CA PRO B 570 -24.26 41.34 -12.49
C PRO B 570 -22.99 40.51 -12.60
N THR B 571 -22.94 39.72 -13.69
CA THR B 571 -21.87 38.75 -13.89
C THR B 571 -20.51 39.40 -14.13
N CYS B 572 -20.46 40.70 -14.41
CA CYS B 572 -19.19 41.39 -14.56
C CYS B 572 -18.51 41.68 -13.23
N CYS B 573 -19.20 41.43 -12.12
CA CYS B 573 -18.65 41.63 -10.78
C CYS B 573 -18.51 40.28 -10.09
N PHE B 574 -17.39 40.09 -9.40
CA PHE B 574 -17.10 38.82 -8.76
C PHE B 574 -16.11 39.05 -7.63
N GLU B 575 -15.92 38.02 -6.81
CA GLU B 575 -14.93 38.02 -5.76
C GLU B 575 -13.92 36.92 -6.01
N CYS B 576 -12.64 37.27 -5.91
CA CYS B 576 -11.56 36.32 -6.16
C CYS B 576 -11.44 35.32 -5.03
N VAL B 577 -11.47 34.04 -5.36
CA VAL B 577 -11.34 32.94 -4.40
C VAL B 577 -10.22 32.03 -4.87
N GLU B 578 -9.28 31.74 -3.97
CA GLU B 578 -8.14 30.93 -4.33
C GLU B 578 -8.56 29.49 -4.63
N CYS B 579 -7.79 28.84 -5.50
CA CYS B 579 -8.09 27.47 -5.86
C CYS B 579 -7.80 26.53 -4.67
N PRO B 580 -8.53 25.41 -4.58
CA PRO B 580 -8.28 24.48 -3.48
C PRO B 580 -6.93 23.78 -3.58
N ASP B 581 -6.65 22.89 -2.63
CA ASP B 581 -5.31 22.32 -2.51
C ASP B 581 -4.93 21.50 -3.74
N GLY B 582 -5.84 20.66 -4.22
CA GLY B 582 -5.55 19.78 -5.33
C GLY B 582 -5.78 20.35 -6.71
N GLU B 583 -6.09 21.63 -6.81
CA GLU B 583 -6.45 22.26 -8.08
C GLU B 583 -5.53 23.44 -8.36
N TYR B 584 -5.38 23.75 -9.65
CA TYR B 584 -4.58 24.88 -10.09
C TYR B 584 -5.28 25.59 -11.23
N SER B 585 -4.99 26.87 -11.38
CA SER B 585 -5.51 27.68 -12.48
C SER B 585 -4.38 28.55 -13.00
N ASP B 586 -4.01 28.34 -14.27
CA ASP B 586 -2.84 29.00 -14.83
C ASP B 586 -3.17 30.42 -15.30
N GLU B 587 -4.11 30.54 -16.24
CA GLU B 587 -4.43 31.85 -16.80
C GLU B 587 -5.29 32.66 -15.84
N THR B 588 -5.23 33.97 -16.01
CA THR B 588 -6.06 34.87 -15.20
C THR B 588 -7.50 34.83 -15.67
N ASP B 589 -8.40 35.32 -14.80
CA ASP B 589 -9.84 35.33 -15.08
C ASP B 589 -10.36 33.94 -15.41
N ALA B 590 -9.85 32.94 -14.70
CA ALA B 590 -10.30 31.57 -14.91
C ALA B 590 -11.61 31.33 -14.18
N SER B 591 -12.62 30.84 -14.91
CA SER B 591 -13.93 30.63 -14.33
C SER B 591 -13.88 29.59 -13.22
N ALA B 592 -13.13 28.52 -13.43
CA ALA B 592 -12.99 27.47 -12.42
C ALA B 592 -11.61 26.85 -12.53
N CYS B 593 -11.17 26.26 -11.42
CA CYS B 593 -9.87 25.59 -11.37
C CYS B 593 -9.97 24.23 -12.06
N ASN B 594 -9.01 23.95 -12.93
CA ASN B 594 -9.00 22.70 -13.68
C ASN B 594 -8.20 21.63 -12.93
N LYS B 595 -8.55 20.37 -13.19
CA LYS B 595 -7.93 19.27 -12.50
C LYS B 595 -6.51 19.05 -13.02
N CYS B 596 -5.57 18.94 -12.10
CA CYS B 596 -4.19 18.60 -12.44
C CYS B 596 -4.09 17.11 -12.74
N PRO B 597 -3.20 16.71 -13.65
CA PRO B 597 -3.05 15.28 -13.98
C PRO B 597 -2.78 14.43 -12.75
N ASP B 598 -3.02 13.13 -12.92
CA ASP B 598 -3.01 12.20 -11.78
C ASP B 598 -1.62 12.13 -11.14
N ASP B 599 -0.57 12.06 -11.96
CA ASP B 599 0.77 11.87 -11.41
C ASP B 599 1.32 13.14 -10.78
N PHE B 600 0.71 14.29 -11.06
CA PHE B 600 1.21 15.57 -10.58
C PHE B 600 0.32 16.11 -9.47
N TRP B 601 0.83 17.13 -8.77
CA TRP B 601 0.11 17.78 -7.68
C TRP B 601 0.36 19.28 -7.73
N SER B 602 -0.64 20.04 -7.31
CA SER B 602 -0.55 21.50 -7.35
C SER B 602 0.38 22.03 -6.26
N ASN B 603 1.01 23.16 -6.55
CA ASN B 603 1.92 23.79 -5.60
C ASN B 603 1.11 24.62 -4.60
N GLU B 604 1.80 25.44 -3.81
CA GLU B 604 1.12 26.20 -2.77
C GLU B 604 0.31 27.36 -3.36
N ASN B 605 0.81 27.96 -4.44
CA ASN B 605 0.10 29.07 -5.06
C ASN B 605 -0.90 28.62 -6.12
N HIS B 606 -0.99 27.32 -6.39
CA HIS B 606 -1.97 26.76 -7.33
C HIS B 606 -1.83 27.39 -8.72
N THR B 607 -0.61 27.74 -9.08
CA THR B 607 -0.34 28.31 -10.40
C THR B 607 -0.05 27.21 -11.42
N SER B 608 0.97 26.40 -11.15
CA SER B 608 1.30 25.25 -11.98
C SER B 608 1.51 24.05 -11.07
N CYS B 609 1.08 22.88 -11.52
CA CYS B 609 1.12 21.68 -10.70
C CYS B 609 2.29 20.80 -11.12
N ILE B 610 3.05 20.33 -10.13
CA ILE B 610 4.28 19.59 -10.36
C ILE B 610 4.05 18.13 -9.95
N ALA B 611 4.97 17.24 -10.28
CA ALA B 611 4.75 15.82 -10.01
C ALA B 611 4.85 15.44 -8.55
N LYS B 612 4.06 14.47 -8.15
CA LYS B 612 4.04 14.07 -6.79
C LYS B 612 5.38 13.54 -6.48
N GLU B 613 5.93 13.95 -5.36
CA GLU B 613 7.30 13.61 -5.05
C GLU B 613 7.45 12.14 -4.85
N ILE B 614 8.34 11.52 -5.61
CA ILE B 614 8.60 10.12 -5.38
C ILE B 614 9.21 10.06 -4.02
N GLU B 615 9.26 8.89 -3.46
CA GLU B 615 9.72 8.71 -2.08
C GLU B 615 10.03 7.25 -1.83
N PHE B 616 11.27 6.97 -1.44
CA PHE B 616 11.71 5.64 -1.06
C PHE B 616 13.07 5.77 -0.40
N LEU B 617 13.53 4.68 0.21
CA LEU B 617 14.84 4.68 0.85
C LEU B 617 15.94 4.62 -0.21
N SER B 618 16.45 5.78 -0.62
CA SER B 618 17.43 5.84 -1.69
C SER B 618 18.78 5.33 -1.21
N TRP B 619 19.52 4.70 -2.12
CA TRP B 619 20.90 4.31 -1.83
C TRP B 619 21.76 5.53 -1.55
N THR B 620 21.57 6.61 -2.33
CA THR B 620 22.33 7.83 -2.17
C THR B 620 21.84 8.69 -1.01
N GLU B 621 20.67 8.39 -0.44
CA GLU B 621 20.17 9.18 0.67
C GLU B 621 21.10 9.05 1.86
N PRO B 622 21.27 10.10 2.67
CA PRO B 622 22.19 10.01 3.81
C PRO B 622 21.84 8.89 4.78
N PHE B 623 20.54 8.70 5.05
CA PHE B 623 20.14 7.58 5.92
C PHE B 623 20.46 6.24 5.26
N GLY B 624 20.14 6.11 3.97
CA GLY B 624 20.44 4.87 3.27
C GLY B 624 21.94 4.60 3.18
N ILE B 625 22.72 5.64 2.92
CA ILE B 625 24.17 5.46 2.84
C ILE B 625 24.73 5.10 4.21
N ALA B 626 24.17 5.67 5.29
CA ALA B 626 24.63 5.32 6.62
C ALA B 626 24.30 3.86 6.94
N LEU B 627 23.09 3.42 6.60
CA LEU B 627 22.71 2.04 6.87
C LEU B 627 23.55 1.06 6.06
N THR B 628 23.82 1.38 4.79
CA THR B 628 24.64 0.48 3.98
C THR B 628 26.10 0.50 4.44
N LEU B 629 26.58 1.63 4.94
CA LEU B 629 27.93 1.66 5.52
C LEU B 629 27.99 0.80 6.77
N PHE B 630 26.97 0.86 7.61
CA PHE B 630 26.94 0.01 8.79
C PHE B 630 26.91 -1.46 8.41
N ALA B 631 26.10 -1.82 7.41
CA ALA B 631 26.04 -3.21 6.97
C ALA B 631 27.38 -3.68 6.40
N VAL B 632 28.04 -2.83 5.60
CA VAL B 632 29.32 -3.19 5.03
C VAL B 632 30.38 -3.35 6.12
N LEU B 633 30.40 -2.42 7.09
CA LEU B 633 31.35 -2.53 8.19
C LEU B 633 31.11 -3.79 9.00
N GLY B 634 29.84 -4.14 9.23
CA GLY B 634 29.55 -5.37 9.95
C GLY B 634 29.95 -6.61 9.18
N ILE B 635 29.76 -6.60 7.86
CA ILE B 635 30.21 -7.73 7.04
C ILE B 635 31.72 -7.86 7.12
N PHE B 636 32.43 -6.73 7.09
CA PHE B 636 33.89 -6.76 7.24
C PHE B 636 34.28 -7.30 8.61
N LEU B 637 33.55 -6.91 9.66
CA LEU B 637 33.83 -7.43 11.00
C LEU B 637 33.61 -8.93 11.07
N THR B 638 32.54 -9.42 10.47
CA THR B 638 32.29 -10.86 10.45
C THR B 638 33.38 -11.59 9.68
N ALA B 639 33.81 -11.02 8.56
CA ALA B 639 34.91 -11.61 7.79
C ALA B 639 36.19 -11.66 8.61
N PHE B 640 36.48 -10.60 9.35
CA PHE B 640 37.67 -10.58 10.19
C PHE B 640 37.58 -11.62 11.30
N VAL B 641 36.40 -11.78 11.90
CA VAL B 641 36.22 -12.82 12.91
C VAL B 641 36.46 -14.19 12.31
N LEU B 642 35.93 -14.42 11.11
CA LEU B 642 36.18 -15.69 10.42
C LEU B 642 37.68 -15.86 10.16
N GLY B 643 38.35 -14.79 9.76
CA GLY B 643 39.77 -14.90 9.46
C GLY B 643 40.61 -15.24 10.67
N VAL B 644 40.31 -14.62 11.81
CA VAL B 644 41.06 -14.96 13.02
C VAL B 644 40.67 -16.35 13.52
N PHE B 645 39.46 -16.82 13.20
CA PHE B 645 39.10 -18.20 13.52
C PHE B 645 39.95 -19.19 12.72
N ILE B 646 40.02 -19.01 11.39
CA ILE B 646 40.76 -19.95 10.57
C ILE B 646 42.26 -19.85 10.83
N LYS B 647 42.78 -18.63 11.03
CA LYS B 647 44.20 -18.47 11.27
C LYS B 647 44.65 -19.21 12.53
N PHE B 648 43.75 -19.36 13.50
CA PHE B 648 44.03 -20.07 14.74
C PHE B 648 43.19 -21.34 14.81
N ARG B 649 43.16 -22.09 13.71
CA ARG B 649 42.25 -23.23 13.59
C ARG B 649 42.41 -24.21 14.75
N ASN B 650 43.64 -24.66 15.01
CA ASN B 650 43.89 -25.65 16.05
C ASN B 650 44.30 -24.92 17.32
N THR B 651 43.31 -24.64 18.16
CA THR B 651 43.52 -23.93 19.42
C THR B 651 42.45 -24.38 20.40
N PRO B 652 42.81 -24.68 21.65
CA PRO B 652 41.81 -25.25 22.58
C PRO B 652 40.59 -24.38 22.78
N ILE B 653 40.74 -23.06 22.82
CA ILE B 653 39.58 -22.20 23.01
C ILE B 653 38.71 -22.20 21.76
N VAL B 654 39.32 -22.18 20.58
CA VAL B 654 38.55 -22.25 19.34
C VAL B 654 37.89 -23.62 19.20
N LYS B 655 38.59 -24.68 19.58
CA LYS B 655 38.01 -26.02 19.50
C LYS B 655 36.95 -26.25 20.56
N ALA B 656 36.93 -25.43 21.62
CA ALA B 656 35.92 -25.58 22.65
C ALA B 656 34.51 -25.45 22.07
N THR B 657 34.30 -24.46 21.21
CA THR B 657 33.08 -24.38 20.42
C THR B 657 33.22 -25.26 19.19
N ASN B 658 32.07 -25.69 18.66
CA ASN B 658 32.08 -26.56 17.49
C ASN B 658 32.65 -25.81 16.30
N ARG B 659 33.88 -26.17 15.90
CA ARG B 659 34.61 -25.38 14.91
C ARG B 659 33.88 -25.33 13.57
N GLU B 660 33.44 -26.49 13.07
CA GLU B 660 32.70 -26.49 11.82
C GLU B 660 31.35 -25.82 11.96
N LEU B 661 30.66 -26.05 13.09
CA LEU B 661 29.38 -25.39 13.31
C LEU B 661 29.57 -23.90 13.57
N SER B 662 30.68 -23.50 14.21
CA SER B 662 30.97 -22.08 14.33
C SER B 662 31.22 -21.44 12.98
N TYR B 663 31.93 -22.15 12.09
CA TYR B 663 32.14 -21.64 10.74
C TYR B 663 30.81 -21.47 10.01
N LEU B 664 29.93 -22.47 10.12
CA LEU B 664 28.63 -22.38 9.49
C LEU B 664 27.81 -21.23 10.06
N LEU B 665 27.87 -21.04 11.38
CA LEU B 665 27.14 -19.95 12.01
C LEU B 665 27.67 -18.60 11.57
N LEU B 666 28.99 -18.47 11.42
CA LEU B 666 29.57 -17.23 10.94
C LEU B 666 29.14 -16.95 9.51
N PHE B 667 29.11 -17.98 8.66
CA PHE B 667 28.63 -17.80 7.30
C PHE B 667 27.16 -17.38 7.27
N SER B 668 26.35 -18.00 8.14
CA SER B 668 24.94 -17.63 8.23
C SER B 668 24.77 -16.20 8.73
N LEU B 669 25.63 -15.77 9.64
CA LEU B 669 25.59 -14.38 10.09
C LEU B 669 25.98 -13.42 8.97
N LEU B 670 26.95 -13.82 8.14
CA LEU B 670 27.27 -13.03 6.97
C LEU B 670 26.07 -12.91 6.04
N CYS B 671 25.35 -14.02 5.84
CA CYS B 671 24.14 -13.99 5.03
C CYS B 671 23.07 -13.10 5.64
N CYS B 672 22.90 -13.15 6.96
CA CYS B 672 21.92 -12.31 7.63
C CYS B 672 22.27 -10.85 7.50
N PHE B 673 23.55 -10.51 7.61
CA PHE B 673 23.99 -9.13 7.40
C PHE B 673 23.71 -8.68 5.98
N SER B 674 24.00 -9.55 5.00
CA SER B 674 23.77 -9.20 3.61
C SER B 674 22.28 -9.05 3.30
N SER B 675 21.43 -9.79 4.01
CA SER B 675 19.99 -9.72 3.77
C SER B 675 19.39 -8.36 4.12
N SER B 676 20.13 -7.51 4.84
CA SER B 676 19.64 -6.17 5.13
C SER B 676 19.70 -5.28 3.90
N LEU B 677 20.62 -5.56 2.96
CA LEU B 677 20.77 -4.73 1.78
C LEU B 677 19.58 -4.82 0.84
N PHE B 678 18.77 -5.88 0.95
CA PHE B 678 17.61 -6.02 0.07
C PHE B 678 16.54 -4.98 0.38
N PHE B 679 16.44 -4.55 1.64
CA PHE B 679 15.39 -3.61 2.02
C PHE B 679 15.66 -2.22 1.48
N ILE B 680 16.91 -1.75 1.61
CA ILE B 680 17.25 -0.42 1.13
C ILE B 680 17.25 -0.41 -0.39
N GLY B 681 16.75 0.67 -0.97
CA GLY B 681 16.64 0.82 -2.41
C GLY B 681 15.19 0.81 -2.87
N GLU B 682 15.03 1.03 -4.16
CA GLU B 682 13.69 1.05 -4.74
C GLU B 682 13.10 -0.36 -4.70
N PRO B 683 11.90 -0.53 -4.14
CA PRO B 683 11.31 -1.87 -4.06
C PRO B 683 10.89 -2.41 -5.41
N GLN B 684 11.66 -3.35 -5.94
CA GLN B 684 11.35 -4.03 -7.17
C GLN B 684 10.44 -5.23 -6.86
N ASP B 685 10.25 -6.14 -7.82
CA ASP B 685 9.47 -7.33 -7.56
C ASP B 685 10.31 -8.46 -6.98
N TRP B 686 11.47 -8.73 -7.60
CA TRP B 686 12.34 -9.79 -7.10
C TRP B 686 12.88 -9.47 -5.72
N THR B 687 13.30 -8.22 -5.50
CA THR B 687 13.84 -7.86 -4.20
C THR B 687 12.76 -7.80 -3.14
N CYS B 688 11.51 -7.56 -3.53
CA CYS B 688 10.41 -7.62 -2.59
C CYS B 688 10.02 -9.06 -2.27
N ARG B 689 10.20 -9.97 -3.23
CA ARG B 689 9.91 -11.38 -2.98
C ARG B 689 11.00 -12.03 -2.12
N LEU B 690 12.26 -11.62 -2.28
CA LEU B 690 13.37 -12.21 -1.56
C LEU B 690 13.88 -11.31 -0.45
N ARG B 691 12.98 -10.58 0.21
CA ARG B 691 13.37 -9.64 1.26
C ARG B 691 13.27 -10.28 2.64
N GLN B 692 12.07 -10.68 3.03
CA GLN B 692 11.82 -11.22 4.36
C GLN B 692 12.30 -12.66 4.50
N PRO B 693 12.08 -13.54 3.52
CA PRO B 693 12.69 -14.88 3.60
C PRO B 693 14.20 -14.83 3.67
N ALA B 694 14.84 -13.84 3.04
CA ALA B 694 16.29 -13.77 3.06
C ALA B 694 16.82 -13.60 4.48
N PHE B 695 16.18 -12.75 5.27
CA PHE B 695 16.59 -12.60 6.67
C PHE B 695 16.10 -13.78 7.51
N GLY B 696 14.90 -14.29 7.22
CA GLY B 696 14.35 -15.35 8.04
C GLY B 696 15.18 -16.62 7.98
N ILE B 697 15.56 -17.04 6.77
CA ILE B 697 16.35 -18.26 6.62
C ILE B 697 17.71 -18.10 7.27
N SER B 698 18.35 -16.96 7.05
CA SER B 698 19.68 -16.74 7.64
C SER B 698 19.62 -16.73 9.16
N PHE B 699 18.62 -16.07 9.73
CA PHE B 699 18.56 -16.01 11.19
C PHE B 699 18.18 -17.36 11.79
N VAL B 700 17.28 -18.10 11.16
CA VAL B 700 16.96 -19.42 11.69
C VAL B 700 18.17 -20.35 11.54
N LEU B 701 18.98 -20.16 10.50
CA LEU B 701 20.24 -20.88 10.42
C LEU B 701 21.15 -20.55 11.60
N CYS B 702 21.25 -19.26 11.93
CA CYS B 702 22.11 -18.87 13.05
C CYS B 702 21.61 -19.46 14.36
N ILE B 703 20.31 -19.40 14.60
CA ILE B 703 19.77 -19.90 15.86
C ILE B 703 19.90 -21.42 15.93
N SER B 704 19.71 -22.11 14.80
CA SER B 704 19.91 -23.55 14.78
C SER B 704 21.35 -23.92 15.03
N CYS B 705 22.29 -23.15 14.47
CA CYS B 705 23.70 -23.40 14.73
C CYS B 705 24.01 -23.24 16.21
N ILE B 706 23.47 -22.20 16.84
CA ILE B 706 23.68 -22.02 18.27
C ILE B 706 23.08 -23.18 19.05
N LEU B 707 21.87 -23.61 18.68
CA LEU B 707 21.19 -24.67 19.41
C LEU B 707 21.96 -25.99 19.31
N VAL B 708 22.29 -26.41 18.10
CA VAL B 708 22.98 -27.68 17.91
C VAL B 708 24.39 -27.62 18.47
N LYS B 709 25.06 -26.48 18.36
CA LYS B 709 26.41 -26.35 18.86
C LYS B 709 26.47 -26.54 20.37
N THR B 710 25.48 -26.02 21.10
CA THR B 710 25.40 -26.21 22.54
C THR B 710 24.63 -27.46 22.93
N ASN B 711 24.10 -28.20 21.97
CA ASN B 711 23.46 -29.48 22.26
C ASN B 711 24.45 -30.63 22.32
N ARG B 712 25.46 -30.60 21.44
CA ARG B 712 26.50 -31.61 21.48
C ARG B 712 27.30 -31.54 22.77
N VAL B 713 27.74 -30.33 23.14
CA VAL B 713 28.52 -30.17 24.37
C VAL B 713 27.67 -30.50 25.59
N LEU B 714 26.36 -30.26 25.51
CA LEU B 714 25.48 -30.62 26.62
C LEU B 714 25.36 -32.12 26.78
N LEU B 715 25.50 -32.87 25.69
CA LEU B 715 25.32 -34.32 25.73
C LEU B 715 26.60 -35.09 26.03
N VAL B 716 27.78 -34.50 25.78
CA VAL B 716 29.01 -35.18 26.15
C VAL B 716 29.16 -35.21 27.67
N PHE B 717 28.53 -34.27 28.37
CA PHE B 717 28.56 -34.25 29.83
C PHE B 717 27.46 -35.18 30.37
N GLU B 718 27.69 -36.47 30.17
CA GLU B 718 26.75 -37.52 30.54
C GLU B 718 27.40 -38.44 31.58
N ALA B 719 26.71 -39.53 31.90
CA ALA B 719 27.17 -40.49 32.88
C ALA B 719 27.22 -41.88 32.26
N LYS B 720 28.34 -42.56 32.43
CA LYS B 720 28.50 -43.92 31.94
C LYS B 720 29.62 -44.62 32.71
N TRP B 730 24.49 -35.13 17.49
CA TRP B 730 25.36 -36.07 18.17
C TRP B 730 26.22 -36.85 17.18
N GLY B 731 27.17 -36.16 16.57
CA GLY B 731 28.06 -36.78 15.60
C GLY B 731 28.97 -35.79 14.91
N LEU B 732 30.00 -36.29 14.22
CA LEU B 732 30.94 -35.41 13.53
C LEU B 732 30.30 -34.77 12.29
N ASN B 733 29.21 -35.33 11.78
CA ASN B 733 28.50 -34.77 10.65
C ASN B 733 27.00 -34.71 10.84
N LEU B 734 26.45 -35.40 11.84
CA LEU B 734 25.01 -35.37 12.09
C LEU B 734 24.55 -33.99 12.55
N GLN B 735 25.45 -33.18 13.10
CA GLN B 735 25.07 -31.84 13.55
C GLN B 735 24.63 -30.96 12.39
N PHE B 736 25.32 -31.05 11.25
CA PHE B 736 24.88 -30.32 10.06
C PHE B 736 23.50 -30.77 9.62
N LEU B 737 23.24 -32.08 9.67
CA LEU B 737 21.92 -32.58 9.31
C LEU B 737 20.86 -32.04 10.26
N LEU B 738 21.15 -31.98 11.56
CA LEU B 738 20.20 -31.42 12.52
C LEU B 738 19.95 -29.95 12.27
N VAL B 739 21.01 -29.19 11.97
CA VAL B 739 20.87 -27.77 11.68
C VAL B 739 19.96 -27.56 10.48
N PHE B 740 20.22 -28.28 9.39
CA PHE B 740 19.40 -28.10 8.20
C PHE B 740 18.00 -28.66 8.39
N LEU B 741 17.84 -29.67 9.25
CA LEU B 741 16.51 -30.17 9.55
C LEU B 741 15.68 -29.13 10.30
N CYS B 742 16.30 -28.42 11.25
CA CYS B 742 15.58 -27.38 11.95
C CYS B 742 15.33 -26.16 11.06
N THR B 743 16.18 -25.96 10.05
CA THR B 743 15.95 -24.91 9.06
C THR B 743 14.92 -25.31 8.01
N PHE B 744 14.64 -26.61 7.89
CA PHE B 744 13.73 -27.10 6.86
C PHE B 744 12.33 -26.54 7.02
N MET B 745 11.85 -26.40 8.25
CA MET B 745 10.50 -25.88 8.46
C MET B 745 10.38 -24.47 7.89
N GLN B 746 11.35 -23.62 8.18
CA GLN B 746 11.26 -22.24 7.70
C GLN B 746 11.52 -22.15 6.21
N ILE B 747 12.41 -22.97 5.65
CA ILE B 747 12.62 -22.92 4.21
C ILE B 747 11.37 -23.39 3.47
N VAL B 748 10.66 -24.39 4.04
CA VAL B 748 9.41 -24.84 3.45
C VAL B 748 8.35 -23.75 3.56
N ILE B 749 8.28 -23.06 4.70
CA ILE B 749 7.33 -21.95 4.82
C ILE B 749 7.60 -20.88 3.79
N CYS B 750 8.88 -20.54 3.61
CA CYS B 750 9.26 -19.52 2.64
C CYS B 750 8.90 -19.94 1.22
N VAL B 751 9.17 -21.20 0.86
CA VAL B 751 8.88 -21.65 -0.49
C VAL B 751 7.38 -21.75 -0.73
N ILE B 752 6.60 -22.07 0.31
CA ILE B 752 5.15 -22.10 0.17
C ILE B 752 4.62 -20.69 -0.03
N TRP B 753 5.07 -19.75 0.80
CA TRP B 753 4.59 -18.37 0.72
C TRP B 753 4.98 -17.73 -0.61
N LEU B 754 6.18 -18.04 -1.11
CA LEU B 754 6.63 -17.47 -2.37
C LEU B 754 5.82 -17.97 -3.56
N TYR B 755 5.18 -19.14 -3.46
CA TYR B 755 4.44 -19.72 -4.57
C TYR B 755 2.95 -19.80 -4.31
N THR B 756 2.45 -19.05 -3.33
CA THR B 756 1.02 -18.91 -3.10
C THR B 756 0.57 -17.46 -3.26
N ALA B 757 1.25 -16.52 -2.62
CA ALA B 757 0.97 -15.09 -2.79
C ALA B 757 2.27 -14.32 -2.58
N PRO B 758 3.15 -14.33 -3.58
CA PRO B 758 4.45 -13.68 -3.42
C PRO B 758 4.28 -12.18 -3.25
N PRO B 759 5.18 -11.53 -2.51
CA PRO B 759 5.09 -10.08 -2.33
C PRO B 759 5.32 -9.35 -3.65
N SER B 760 4.67 -8.19 -3.79
CA SER B 760 4.80 -7.38 -4.98
C SER B 760 4.88 -5.91 -4.59
N SER B 761 5.49 -5.12 -5.47
CA SER B 761 5.60 -3.69 -5.23
C SER B 761 4.24 -3.03 -5.28
N TYR B 762 4.10 -1.92 -4.55
CA TYR B 762 2.85 -1.19 -4.46
C TYR B 762 3.17 0.30 -4.50
N ARG B 763 2.66 1.00 -5.50
CA ARG B 763 2.75 2.45 -5.57
C ARG B 763 1.60 3.03 -4.74
N ASN B 764 1.92 3.50 -3.53
CA ASN B 764 0.90 3.93 -2.57
C ASN B 764 0.84 5.45 -2.54
N GLN B 765 -0.36 5.99 -2.77
CA GLN B 765 -0.57 7.43 -2.67
C GLN B 765 -1.84 7.77 -1.90
N GLU B 766 -2.48 6.79 -1.26
CA GLU B 766 -3.72 7.01 -0.54
C GLU B 766 -3.50 7.57 0.86
N LEU B 767 -2.25 7.68 1.30
CA LEU B 767 -1.92 8.27 2.59
C LEU B 767 -1.27 9.64 2.49
N GLU B 768 -0.49 9.89 1.46
CA GLU B 768 0.12 11.20 1.22
C GLU B 768 -0.30 11.68 -0.16
N ASP B 769 -0.79 12.92 -0.24
CA ASP B 769 -1.18 13.49 -1.52
C ASP B 769 -0.03 14.22 -2.20
N GLU B 770 0.78 14.95 -1.43
CA GLU B 770 1.93 15.65 -2.00
C GLU B 770 3.07 14.70 -2.36
N ILE B 771 3.11 13.50 -1.78
CA ILE B 771 4.19 12.56 -1.99
C ILE B 771 3.60 11.21 -2.37
N ILE B 772 4.40 10.43 -3.08
CA ILE B 772 4.00 9.12 -3.58
C ILE B 772 4.89 8.06 -2.93
N PHE B 773 4.26 7.07 -2.30
CA PHE B 773 4.98 6.02 -1.60
C PHE B 773 5.08 4.78 -2.48
N ILE B 774 6.27 4.20 -2.56
CA ILE B 774 6.44 2.91 -3.22
C ILE B 774 6.79 1.89 -2.14
N THR B 775 5.78 1.18 -1.67
CA THR B 775 5.94 0.22 -0.58
C THR B 775 5.93 -1.20 -1.13
N CYS B 776 5.91 -2.18 -0.24
CA CYS B 776 5.83 -3.59 -0.60
C CYS B 776 4.55 -4.19 -0.04
N HIS B 777 3.79 -4.85 -0.90
CA HIS B 777 2.59 -5.57 -0.50
C HIS B 777 2.95 -7.04 -0.37
N GLU B 778 3.14 -7.49 0.87
CA GLU B 778 3.59 -8.86 1.12
C GLU B 778 2.57 -9.92 0.72
N GLY B 779 1.31 -9.54 0.53
CA GLY B 779 0.28 -10.52 0.22
C GLY B 779 -0.20 -11.25 1.46
N SER B 780 0.21 -12.51 1.60
CA SER B 780 -0.17 -13.28 2.78
C SER B 780 0.48 -12.71 4.03
N LEU B 781 -0.34 -12.25 4.96
CA LEU B 781 0.15 -11.74 6.23
C LEU B 781 0.37 -12.85 7.24
N MET B 782 -0.47 -13.88 7.24
CA MET B 782 -0.31 -14.98 8.18
C MET B 782 0.94 -15.78 7.88
N ALA B 783 1.37 -15.83 6.61
CA ALA B 783 2.63 -16.49 6.28
C ALA B 783 3.80 -15.80 6.95
N LEU B 784 3.84 -14.47 6.88
CA LEU B 784 4.88 -13.72 7.57
C LEU B 784 4.75 -13.88 9.08
N GLY B 785 3.51 -13.91 9.58
CA GLY B 785 3.31 -14.11 11.01
C GLY B 785 3.88 -15.43 11.50
N PHE B 786 3.63 -16.50 10.75
CA PHE B 786 4.18 -17.80 11.13
C PHE B 786 5.69 -17.84 10.96
N LEU B 787 6.21 -17.16 9.94
CA LEU B 787 7.65 -17.08 9.77
C LEU B 787 8.31 -16.40 10.96
N ILE B 788 7.67 -15.35 11.48
CA ILE B 788 8.18 -14.67 12.67
C ILE B 788 8.02 -15.55 13.90
N GLY B 789 6.88 -16.23 14.02
CA GLY B 789 6.61 -17.02 15.22
C GLY B 789 7.55 -18.19 15.37
N TYR B 790 7.89 -18.85 14.26
CA TYR B 790 8.83 -19.96 14.34
C TYR B 790 10.21 -19.49 14.81
N THR B 791 10.67 -18.35 14.30
CA THR B 791 11.95 -17.81 14.74
C THR B 791 11.90 -17.43 16.22
N CYS B 792 10.81 -16.84 16.67
CA CYS B 792 10.69 -16.51 18.09
C CYS B 792 10.68 -17.77 18.95
N LEU B 793 10.01 -18.82 18.48
CA LEU B 793 9.97 -20.08 19.21
C LEU B 793 11.38 -20.68 19.32
N LEU B 794 12.13 -20.66 18.22
CA LEU B 794 13.50 -21.17 18.30
C LEU B 794 14.37 -20.29 19.19
N ALA B 795 14.10 -18.99 19.24
CA ALA B 795 14.81 -18.13 20.19
C ALA B 795 14.51 -18.51 21.63
N ALA B 796 13.24 -18.83 21.93
CA ALA B 796 12.90 -19.29 23.27
C ALA B 796 13.57 -20.62 23.60
N ILE B 797 13.63 -21.53 22.62
CA ILE B 797 14.35 -22.79 22.82
C ILE B 797 15.83 -22.52 23.06
N CYS B 798 16.38 -21.51 22.38
CA CYS B 798 17.77 -21.11 22.64
C CYS B 798 17.93 -20.62 24.08
N PHE B 799 16.96 -19.84 24.57
CA PHE B 799 16.97 -19.43 25.96
C PHE B 799 17.01 -20.63 26.89
N PHE B 800 16.15 -21.62 26.63
CA PHE B 800 16.09 -22.81 27.48
C PHE B 800 17.40 -23.56 27.44
N PHE B 801 17.99 -23.71 26.26
CA PHE B 801 19.26 -24.42 26.15
C PHE B 801 20.37 -23.70 26.89
N ALA B 802 20.41 -22.37 26.79
CA ALA B 802 21.40 -21.60 27.54
C ALA B 802 21.21 -21.78 29.04
N PHE B 803 19.97 -21.77 29.50
CA PHE B 803 19.72 -21.98 30.93
C PHE B 803 20.16 -23.38 31.36
N LYS B 804 19.88 -24.39 30.55
CA LYS B 804 20.23 -25.76 30.91
C LYS B 804 21.74 -25.98 30.88
N SER B 805 22.46 -25.25 30.02
CA SER B 805 23.91 -25.37 29.92
C SER B 805 24.66 -24.43 30.86
N ARG B 806 24.06 -24.09 31.98
CA ARG B 806 24.66 -23.11 32.88
C ARG B 806 25.79 -23.61 33.68
N LYS B 807 25.80 -24.89 33.98
CA LYS B 807 26.75 -25.48 34.92
C LYS B 807 28.00 -26.04 34.25
N LEU B 808 28.14 -25.90 32.93
CA LEU B 808 29.30 -26.42 32.24
C LEU B 808 30.54 -25.61 32.59
N PRO B 809 31.73 -26.18 32.42
CA PRO B 809 32.97 -25.43 32.70
C PRO B 809 33.05 -24.14 31.89
N GLU B 810 33.99 -23.29 32.28
CA GLU B 810 34.05 -21.93 31.75
C GLU B 810 34.21 -21.90 30.24
N ASN B 811 35.09 -22.74 29.70
CA ASN B 811 35.29 -22.77 28.25
C ASN B 811 34.09 -23.33 27.50
N PHE B 812 33.29 -24.17 28.14
CA PHE B 812 32.12 -24.78 27.51
C PHE B 812 30.81 -24.13 27.92
N ASN B 813 30.87 -23.08 28.74
CA ASN B 813 29.67 -22.40 29.23
C ASN B 813 29.54 -21.08 28.49
N GLU B 814 28.51 -20.99 27.64
CA GLU B 814 28.20 -19.77 26.92
C GLU B 814 26.79 -19.29 27.23
N ALA B 815 26.29 -19.61 28.43
CA ALA B 815 24.94 -19.25 28.80
C ALA B 815 24.73 -17.74 28.82
N LYS B 816 25.71 -16.99 29.24
CA LYS B 816 25.56 -15.56 29.37
C LYS B 816 25.48 -14.95 28.06
N PHE B 817 26.34 -15.34 27.16
CA PHE B 817 26.38 -14.77 25.82
C PHE B 817 25.16 -15.14 25.00
N ILE B 818 24.72 -16.40 25.06
CA ILE B 818 23.53 -16.82 24.33
C ILE B 818 22.31 -16.06 24.84
N THR B 819 22.15 -16.00 26.17
CA THR B 819 20.96 -15.34 26.71
C THR B 819 21.00 -13.84 26.43
N PHE B 820 22.18 -13.23 26.42
CA PHE B 820 22.25 -11.80 26.13
C PHE B 820 22.00 -11.54 24.65
N SER B 821 22.46 -12.42 23.77
CA SER B 821 22.16 -12.27 22.35
C SER B 821 20.65 -12.37 22.09
N MET B 822 20.01 -13.36 22.71
CA MET B 822 18.58 -13.52 22.51
C MET B 822 17.82 -12.34 23.11
N LEU B 823 18.29 -11.84 24.26
CA LEU B 823 17.67 -10.66 24.86
C LEU B 823 17.81 -9.44 23.95
N ILE B 824 18.99 -9.24 23.36
CA ILE B 824 19.19 -8.12 22.45
C ILE B 824 18.24 -8.22 21.27
N PHE B 825 18.16 -9.41 20.67
CA PHE B 825 17.29 -9.60 19.52
C PHE B 825 15.83 -9.30 19.88
N PHE B 826 15.36 -9.89 20.99
CA PHE B 826 13.96 -9.71 21.39
C PHE B 826 13.66 -8.27 21.75
N ILE B 827 14.55 -7.62 22.51
CA ILE B 827 14.32 -6.24 22.93
C ILE B 827 14.28 -5.33 21.71
N VAL B 828 15.24 -5.47 20.80
CA VAL B 828 15.30 -4.61 19.63
C VAL B 828 14.05 -4.79 18.79
N TRP B 829 13.62 -6.03 18.56
CA TRP B 829 12.47 -6.22 17.68
C TRP B 829 11.16 -5.85 18.36
N ILE B 830 11.04 -6.04 19.67
CA ILE B 830 9.80 -5.69 20.37
C ILE B 830 9.67 -4.18 20.45
N SER B 831 10.76 -3.48 20.71
CA SER B 831 10.70 -2.03 20.82
C SER B 831 10.27 -1.37 19.51
N PHE B 832 10.48 -2.04 18.38
CA PHE B 832 10.10 -1.51 17.08
C PHE B 832 8.69 -1.87 16.67
N ILE B 833 7.93 -2.53 17.54
CA ILE B 833 6.55 -2.89 17.19
C ILE B 833 5.68 -1.68 16.91
N PRO B 834 5.64 -0.64 17.76
CA PRO B 834 4.83 0.53 17.40
C PRO B 834 5.27 1.21 16.13
N ALA B 835 6.58 1.25 15.86
CA ALA B 835 7.06 1.85 14.63
C ALA B 835 6.59 1.07 13.42
N TYR B 836 6.66 -0.26 13.48
CA TYR B 836 6.20 -1.08 12.36
C TYR B 836 4.69 -0.99 12.20
N ALA B 837 3.95 -0.84 13.29
CA ALA B 837 2.50 -0.81 13.22
C ALA B 837 1.93 0.57 12.93
N SER B 838 2.74 1.62 12.99
CA SER B 838 2.25 2.98 12.79
C SER B 838 2.74 3.59 11.49
N THR B 839 4.06 3.65 11.28
CA THR B 839 4.58 4.25 10.06
C THR B 839 4.57 3.24 8.92
N TYR B 840 4.31 3.76 7.71
CA TYR B 840 4.29 2.91 6.53
C TYR B 840 4.91 3.58 5.31
N GLY B 841 5.72 4.63 5.51
CA GLY B 841 6.36 5.31 4.41
C GLY B 841 7.79 4.86 4.20
N LYS B 842 8.71 5.81 4.10
CA LYS B 842 10.11 5.46 3.93
C LYS B 842 10.68 4.82 5.19
N PHE B 843 10.11 5.14 6.35
CA PHE B 843 10.63 4.64 7.61
C PHE B 843 10.24 3.20 7.89
N VAL B 844 9.22 2.66 7.22
CA VAL B 844 8.81 1.29 7.47
C VAL B 844 9.87 0.29 7.03
N SER B 845 10.77 0.68 6.12
CA SER B 845 11.88 -0.17 5.71
C SER B 845 13.18 0.19 6.40
N ALA B 846 13.38 1.47 6.73
CA ALA B 846 14.55 1.85 7.52
C ALA B 846 14.49 1.20 8.90
N VAL B 847 13.29 1.10 9.47
CA VAL B 847 13.12 0.43 10.76
C VAL B 847 13.56 -1.03 10.66
N GLU B 848 13.13 -1.71 9.60
CA GLU B 848 13.53 -3.10 9.42
C GLU B 848 15.04 -3.22 9.24
N VAL B 849 15.64 -2.29 8.50
CA VAL B 849 17.08 -2.34 8.27
C VAL B 849 17.84 -2.18 9.59
N ILE B 850 17.47 -1.19 10.39
CA ILE B 850 18.20 -0.94 11.64
C ILE B 850 17.96 -2.09 12.61
N ALA B 851 16.73 -2.62 12.64
CA ALA B 851 16.45 -3.74 13.54
C ALA B 851 17.24 -4.97 13.16
N ILE B 852 17.38 -5.25 11.86
CA ILE B 852 18.18 -6.38 11.43
C ILE B 852 19.65 -6.18 11.78
N LEU B 853 20.18 -5.00 11.44
CA LEU B 853 21.57 -4.70 11.71
C LEU B 853 21.86 -4.60 13.20
N ALA B 854 20.83 -4.48 14.04
CA ALA B 854 21.01 -4.52 15.48
C ALA B 854 20.94 -5.93 16.02
N ALA B 855 19.95 -6.71 15.60
CA ALA B 855 19.78 -8.07 16.11
C ALA B 855 20.97 -8.95 15.71
N SER B 856 21.34 -8.93 14.43
CA SER B 856 22.43 -9.82 14.00
C SER B 856 23.78 -9.33 14.51
N PHE B 857 23.98 -8.02 14.61
CA PHE B 857 25.20 -7.50 15.22
C PHE B 857 25.26 -7.87 16.69
N GLY B 858 24.14 -7.84 17.40
CA GLY B 858 24.14 -8.29 18.79
C GLY B 858 24.47 -9.76 18.91
N LEU B 859 23.94 -10.58 17.99
CA LEU B 859 24.32 -11.98 17.94
C LEU B 859 25.82 -12.14 17.80
N LEU B 860 26.41 -11.45 16.81
CA LEU B 860 27.85 -11.54 16.60
C LEU B 860 28.63 -11.09 17.83
N ALA B 861 28.28 -9.93 18.38
CA ALA B 861 29.03 -9.38 19.51
C ALA B 861 28.92 -10.28 20.74
N CYS B 862 27.72 -10.77 21.02
CA CYS B 862 27.55 -11.63 22.19
C CYS B 862 28.30 -12.94 22.03
N ILE B 863 28.25 -13.55 20.85
CA ILE B 863 28.82 -14.89 20.71
C ILE B 863 30.33 -14.84 20.52
N PHE B 864 30.79 -14.13 19.49
CA PHE B 864 32.17 -14.29 19.03
C PHE B 864 33.14 -13.25 19.59
N PHE B 865 32.65 -12.08 20.02
CA PHE B 865 33.57 -11.01 20.42
C PHE B 865 34.37 -11.39 21.66
N ASN B 866 33.72 -11.99 22.65
CA ASN B 866 34.45 -12.38 23.87
C ASN B 866 35.51 -13.42 23.56
N LYS B 867 35.17 -14.41 22.73
CA LYS B 867 36.14 -15.42 22.37
C LYS B 867 37.31 -14.81 21.60
N ILE B 868 37.02 -13.89 20.68
CA ILE B 868 38.08 -13.23 19.92
C ILE B 868 38.99 -12.46 20.85
N TYR B 869 38.42 -11.75 21.82
CA TYR B 869 39.24 -11.00 22.78
C TYR B 869 40.10 -11.95 23.61
N ILE B 870 39.50 -13.02 24.13
CA ILE B 870 40.25 -13.94 24.97
C ILE B 870 41.30 -14.70 24.17
N ILE B 871 41.16 -14.75 22.84
CA ILE B 871 42.18 -15.39 22.01
C ILE B 871 43.31 -14.41 21.70
N LEU B 872 42.98 -13.19 21.28
CA LEU B 872 43.97 -12.25 20.79
C LEU B 872 44.54 -11.37 21.90
N PHE B 873 43.69 -10.60 22.56
CA PHE B 873 44.15 -9.62 23.54
C PHE B 873 44.74 -10.25 24.78
N LYS B 874 44.18 -11.35 25.27
CA LYS B 874 44.63 -12.01 26.49
C LYS B 874 44.81 -13.50 26.22
N PRO B 875 45.85 -13.88 25.49
CA PRO B 875 46.07 -15.30 25.21
C PRO B 875 46.34 -16.10 26.48
N SER B 876 45.92 -17.35 26.46
CA SER B 876 46.11 -18.25 27.59
C SER B 876 46.61 -19.61 27.12
N VAL C 5 22.82 -76.38 -0.15
CA VAL C 5 23.42 -76.54 1.17
C VAL C 5 22.83 -77.76 1.87
N SER C 6 23.71 -78.56 2.48
CA SER C 6 23.28 -79.79 3.13
C SER C 6 22.50 -79.48 4.41
N ALA C 7 21.68 -80.44 4.82
CA ALA C 7 20.93 -80.29 6.07
C ALA C 7 21.86 -80.21 7.26
N GLU C 8 22.91 -81.05 7.28
CA GLU C 8 23.87 -80.99 8.37
C GLU C 8 24.60 -79.66 8.38
N ASP C 9 24.96 -79.15 7.20
CA ASP C 9 25.58 -77.83 7.13
C ASP C 9 24.62 -76.75 7.61
N LYS C 10 23.33 -76.89 7.30
CA LYS C 10 22.34 -75.92 7.77
C LYS C 10 22.26 -75.92 9.30
N ALA C 11 22.23 -77.11 9.89
CA ALA C 11 22.18 -77.19 11.35
C ALA C 11 23.46 -76.66 11.99
N ALA C 12 24.60 -76.91 11.35
CA ALA C 12 25.85 -76.35 11.84
C ALA C 12 25.84 -74.83 11.78
N ALA C 13 25.28 -74.27 10.71
CA ALA C 13 25.16 -72.83 10.59
C ALA C 13 24.26 -72.26 11.68
N GLU C 14 23.16 -72.96 11.98
CA GLU C 14 22.28 -72.49 13.05
C GLU C 14 22.98 -72.56 14.41
N ARG C 15 23.75 -73.62 14.64
CA ARG C 15 24.53 -73.71 15.87
C ARG C 15 25.51 -72.55 15.98
N SER C 16 26.17 -72.22 14.86
CA SER C 16 27.07 -71.07 14.85
C SER C 16 26.33 -69.78 15.14
N LYS C 17 25.13 -69.63 14.58
CA LYS C 17 24.33 -68.43 14.84
C LYS C 17 24.02 -68.31 16.33
N MET C 18 23.65 -69.42 16.97
CA MET C 18 23.45 -69.40 18.41
C MET C 18 24.73 -69.04 19.15
N ILE C 19 25.87 -69.51 18.66
CA ILE C 19 27.15 -69.20 19.30
C ILE C 19 27.41 -67.70 19.27
N ASP C 20 27.23 -67.07 18.11
CA ASP C 20 27.38 -65.61 18.04
C ASP C 20 26.34 -64.89 18.90
N LYS C 21 25.10 -65.39 18.97
CA LYS C 21 24.11 -64.72 19.80
C LYS C 21 24.53 -64.73 21.27
N ASN C 22 24.97 -65.89 21.75
CA ASN C 22 25.42 -65.99 23.14
C ASN C 22 26.68 -65.16 23.38
N LEU C 23 27.60 -65.12 22.41
CA LEU C 23 28.80 -64.32 22.56
C LEU C 23 28.49 -62.84 22.62
N ARG C 24 27.56 -62.38 21.77
CA ARG C 24 27.16 -60.98 21.78
C ARG C 24 26.41 -60.61 23.05
N GLU C 25 25.67 -61.56 23.62
CA GLU C 25 24.96 -61.29 24.86
C GLU C 25 25.94 -60.89 25.97
N ASP C 26 27.07 -61.58 26.07
CA ASP C 26 28.07 -61.26 27.08
C ASP C 26 28.80 -59.95 26.81
N GLY C 27 28.75 -59.45 25.58
CA GLY C 27 29.43 -58.19 25.28
C GLY C 27 28.83 -57.00 26.00
N GLU C 28 27.50 -56.97 26.15
CA GLU C 28 26.86 -55.89 26.88
C GLU C 28 27.32 -55.87 28.34
N LYS C 29 27.34 -57.06 28.97
CA LYS C 29 27.82 -57.16 30.34
C LYS C 29 29.29 -56.77 30.47
N ALA C 30 30.12 -57.19 29.51
CA ALA C 30 31.54 -56.82 29.56
C ALA C 30 31.73 -55.31 29.42
N ARG C 31 30.98 -54.68 28.51
CA ARG C 31 31.12 -53.25 28.27
C ARG C 31 30.50 -52.40 29.38
N ARG C 32 29.52 -52.93 30.10
CA ARG C 32 28.88 -52.15 31.15
C ARG C 32 29.86 -51.79 32.27
N THR C 33 30.69 -52.74 32.67
CA THR C 33 31.60 -52.52 33.79
C THR C 33 32.82 -51.72 33.32
N LEU C 34 33.61 -51.28 34.30
CA LEU C 34 34.80 -50.48 34.06
C LEU C 34 36.00 -51.21 34.64
N ARG C 35 37.11 -51.23 33.89
CA ARG C 35 38.28 -52.02 34.25
C ARG C 35 39.39 -51.11 34.76
N LEU C 36 39.92 -51.45 35.93
CA LEU C 36 40.99 -50.68 36.56
C LEU C 36 42.18 -51.60 36.87
N LEU C 37 43.37 -51.03 36.80
CA LEU C 37 44.60 -51.75 37.11
C LEU C 37 45.21 -51.14 38.37
N LEU C 38 45.50 -51.98 39.35
CA LEU C 38 46.11 -51.55 40.60
C LEU C 38 47.58 -51.95 40.60
N LEU C 39 48.46 -50.99 40.92
CA LEU C 39 49.89 -51.26 40.95
C LEU C 39 50.57 -50.23 41.84
N GLY C 40 51.78 -50.58 42.27
CA GLY C 40 52.55 -49.73 43.16
C GLY C 40 53.77 -50.41 43.73
N ALA C 41 54.02 -50.23 45.02
CA ALA C 41 55.15 -50.84 45.70
C ALA C 41 54.66 -51.84 46.74
N ASP C 42 55.59 -52.64 47.25
CA ASP C 42 55.24 -53.62 48.28
C ASP C 42 54.77 -52.94 49.55
N ASN C 43 55.42 -51.84 49.94
CA ASN C 43 55.05 -51.12 51.15
C ASN C 43 53.87 -50.18 50.95
N SER C 44 53.38 -50.06 49.71
CA SER C 44 52.28 -49.14 49.43
C SER C 44 51.00 -49.55 50.15
N GLY C 45 50.82 -50.84 50.41
CA GLY C 45 49.59 -51.31 51.00
C GLY C 45 48.40 -51.12 50.07
N LYS C 46 48.56 -51.54 48.81
CA LYS C 46 47.51 -51.35 47.81
C LYS C 46 46.22 -52.05 48.21
N SER C 47 46.33 -53.16 48.93
CA SER C 47 45.14 -53.94 49.29
C SER C 47 44.20 -53.14 50.18
N THR C 48 44.75 -52.42 51.15
CA THR C 48 43.93 -51.63 52.07
C THR C 48 43.63 -50.24 51.54
N ILE C 49 44.09 -49.91 50.32
CA ILE C 49 43.61 -48.70 49.65
C ILE C 49 42.11 -48.80 49.42
N VAL C 50 41.65 -49.96 48.94
CA VAL C 50 40.24 -50.25 48.82
C VAL C 50 39.85 -51.06 50.06
N LYS C 51 39.37 -50.36 51.09
CA LYS C 51 38.97 -51.02 52.33
C LYS C 51 37.71 -51.85 52.15
N GLN C 52 36.93 -51.58 51.11
CA GLN C 52 35.72 -52.34 50.80
C GLN C 52 36.00 -53.14 49.52
N MET C 53 36.60 -54.32 49.70
CA MET C 53 37.00 -55.12 48.55
C MET C 53 35.79 -55.68 47.81
N ARG C 54 34.85 -56.27 48.55
CA ARG C 54 33.65 -56.94 48.02
C ARG C 54 33.83 -57.58 46.65
N ILE C 69 46.87 -62.63 39.86
CA ILE C 69 45.95 -61.55 39.55
C ILE C 69 44.82 -61.51 40.57
N PHE C 70 45.00 -60.70 41.61
CA PHE C 70 44.00 -60.56 42.67
C PHE C 70 43.06 -59.44 42.29
N GLU C 71 41.92 -59.80 41.69
CA GLU C 71 40.93 -58.82 41.28
C GLU C 71 39.93 -58.56 42.40
N THR C 72 39.30 -57.39 42.32
CA THR C 72 38.22 -57.03 43.24
C THR C 72 37.11 -56.39 42.43
N LYS C 73 35.87 -56.49 42.95
CA LYS C 73 34.67 -56.02 42.26
C LYS C 73 33.88 -55.14 43.22
N PHE C 74 34.16 -53.84 43.18
CA PHE C 74 33.47 -52.86 44.01
C PHE C 74 32.67 -51.91 43.12
N GLN C 75 31.47 -51.56 43.58
CA GLN C 75 30.61 -50.63 42.86
C GLN C 75 30.21 -49.50 43.80
N VAL C 76 30.51 -48.27 43.39
CA VAL C 76 30.06 -47.07 44.10
C VAL C 76 29.24 -46.23 43.12
N ASP C 77 28.15 -45.66 43.63
CA ASP C 77 27.16 -44.98 42.80
C ASP C 77 26.57 -45.90 41.74
N LYS C 78 26.43 -47.18 42.08
CA LYS C 78 25.74 -48.17 41.24
C LYS C 78 26.41 -48.36 39.89
N VAL C 79 27.72 -48.17 39.81
CA VAL C 79 28.50 -48.52 38.62
C VAL C 79 29.65 -49.41 39.06
N ASN C 80 29.85 -50.51 38.35
CA ASN C 80 30.78 -51.54 38.78
C ASN C 80 32.18 -51.29 38.21
N PHE C 81 33.19 -51.50 39.06
CA PHE C 81 34.58 -51.40 38.66
C PHE C 81 35.29 -52.71 39.03
N HIS C 82 36.13 -53.19 38.13
CA HIS C 82 36.92 -54.40 38.34
C HIS C 82 38.38 -53.98 38.42
N MET C 83 38.94 -54.01 39.62
CA MET C 83 40.31 -53.56 39.86
C MET C 83 41.21 -54.77 39.95
N PHE C 84 42.22 -54.84 39.09
CA PHE C 84 43.10 -56.00 38.99
C PHE C 84 44.43 -55.66 39.65
N ASP C 85 44.81 -56.46 40.64
CA ASP C 85 46.11 -56.33 41.30
C ASP C 85 46.98 -57.47 40.77
N VAL C 86 47.97 -57.13 39.95
CA VAL C 86 48.87 -58.13 39.37
C VAL C 86 49.90 -58.52 40.40
N GLY C 87 50.07 -59.83 40.60
CA GLY C 87 51.04 -60.32 41.57
C GLY C 87 51.72 -61.57 41.05
N GLY C 88 52.89 -61.84 41.61
CA GLY C 88 53.71 -62.98 41.22
C GLY C 88 54.71 -62.66 40.14
N GLN C 89 54.40 -61.69 39.29
CA GLN C 89 55.31 -61.29 38.23
C GLN C 89 56.53 -60.57 38.80
N ARG C 90 57.61 -60.59 38.02
CA ARG C 90 58.86 -59.97 38.45
C ARG C 90 58.78 -58.45 38.32
N ASP C 91 59.90 -57.79 38.60
CA ASP C 91 59.96 -56.32 38.56
C ASP C 91 60.37 -55.81 37.19
N GLU C 92 59.66 -56.25 36.15
CA GLU C 92 59.89 -55.79 34.79
C GLU C 92 58.71 -55.03 34.22
N ARG C 93 57.50 -55.62 34.27
CA ARG C 93 56.29 -55.01 33.74
C ARG C 93 56.45 -54.59 32.28
N ARG C 94 57.38 -55.25 31.57
CA ARG C 94 57.70 -54.85 30.21
C ARG C 94 56.79 -55.48 29.18
N LYS C 95 56.33 -56.70 29.41
CA LYS C 95 55.53 -57.42 28.43
C LYS C 95 54.09 -57.65 28.86
N TRP C 96 53.83 -57.86 30.14
CA TRP C 96 52.45 -58.05 30.59
C TRP C 96 51.72 -56.73 30.78
N ILE C 97 52.42 -55.59 30.74
CA ILE C 97 51.74 -54.31 30.69
C ILE C 97 51.21 -54.03 29.29
N GLN C 98 51.69 -54.76 28.28
CA GLN C 98 51.14 -54.66 26.94
C GLN C 98 49.95 -55.62 26.85
N CYS C 99 49.10 -55.56 27.89
CA CYS C 99 47.84 -56.29 27.90
C CYS C 99 46.71 -55.44 28.47
N PHE C 100 47.01 -54.31 29.11
CA PHE C 100 46.03 -53.49 29.80
C PHE C 100 45.76 -52.17 29.10
N ASN C 101 46.10 -52.06 27.82
CA ASN C 101 45.83 -50.81 27.12
C ASN C 101 44.39 -50.71 26.64
N ASP C 102 43.44 -51.03 27.53
CA ASP C 102 42.04 -50.77 27.32
C ASP C 102 41.32 -50.40 28.61
N VAL C 103 42.03 -50.29 29.72
CA VAL C 103 41.43 -50.03 31.02
C VAL C 103 41.01 -48.57 31.10
N THR C 104 40.22 -48.22 32.12
CA THR C 104 39.83 -46.83 32.30
C THR C 104 40.97 -46.00 32.87
N ALA C 105 41.74 -46.55 33.79
CA ALA C 105 42.87 -45.86 34.40
C ALA C 105 43.72 -46.88 35.14
N ILE C 106 44.89 -46.44 35.58
CA ILE C 106 45.79 -47.24 36.39
C ILE C 106 45.98 -46.55 37.72
N ILE C 107 45.81 -47.29 38.81
CA ILE C 107 45.93 -46.73 40.16
C ILE C 107 47.35 -47.00 40.64
N PHE C 108 48.17 -45.97 40.68
CA PHE C 108 49.55 -46.06 41.15
C PHE C 108 49.58 -45.61 42.60
N VAL C 109 49.63 -46.57 43.52
CA VAL C 109 49.61 -46.27 44.94
C VAL C 109 51.04 -46.26 45.45
N VAL C 110 51.46 -45.14 46.04
CA VAL C 110 52.77 -45.02 46.65
C VAL C 110 52.62 -44.38 48.02
N ASP C 111 53.22 -45.02 49.03
CA ASP C 111 53.24 -44.46 50.37
C ASP C 111 54.47 -43.57 50.53
N SER C 112 54.29 -42.48 51.26
CA SER C 112 55.34 -41.50 51.48
C SER C 112 55.95 -41.61 52.87
N SER C 113 55.82 -42.77 53.51
CA SER C 113 56.37 -42.99 54.84
C SER C 113 57.89 -42.91 54.88
N ASP C 114 58.56 -43.05 53.74
CA ASP C 114 60.02 -43.00 53.70
C ASP C 114 60.44 -42.26 52.45
N TYR C 115 61.31 -41.27 52.62
CA TYR C 115 61.84 -40.50 51.50
C TYR C 115 63.05 -41.17 50.86
N ASN C 116 63.56 -42.26 51.44
CA ASN C 116 64.61 -43.03 50.82
C ASN C 116 64.12 -43.82 49.62
N ARG C 117 62.85 -44.21 49.60
CA ARG C 117 62.28 -44.96 48.50
C ARG C 117 61.40 -44.12 47.59
N LEU C 118 61.14 -42.85 47.94
CA LEU C 118 60.35 -42.00 47.07
C LEU C 118 61.06 -41.71 45.76
N GLN C 119 62.40 -41.69 45.77
CA GLN C 119 63.13 -41.55 44.51
C GLN C 119 62.88 -42.73 43.59
N GLU C 120 62.94 -43.95 44.14
CA GLU C 120 62.63 -45.13 43.34
C GLU C 120 61.17 -45.12 42.89
N ALA C 121 60.28 -44.67 43.76
CA ALA C 121 58.86 -44.62 43.42
C ALA C 121 58.61 -43.65 42.27
N LEU C 122 59.24 -42.47 42.31
CA LEU C 122 59.04 -41.51 41.23
C LEU C 122 59.73 -41.96 39.95
N ASN C 123 60.84 -42.68 40.05
CA ASN C 123 61.43 -43.27 38.84
C ASN C 123 60.49 -44.32 38.23
N ASP C 124 59.86 -45.13 39.07
CA ASP C 124 58.91 -46.11 38.59
C ASP C 124 57.73 -45.42 37.91
N PHE C 125 57.25 -44.33 38.53
CA PHE C 125 56.15 -43.57 37.93
C PHE C 125 56.57 -42.96 36.59
N LYS C 126 57.81 -42.48 36.50
CA LYS C 126 58.30 -41.97 35.22
C LYS C 126 58.34 -43.07 34.17
N SER C 127 58.77 -44.26 34.56
CA SER C 127 58.82 -45.38 33.62
C SER C 127 57.44 -45.77 33.14
N ILE C 128 56.46 -45.78 34.04
CA ILE C 128 55.14 -46.27 33.65
C ILE C 128 54.30 -45.18 32.98
N TRP C 129 54.56 -43.90 33.28
CA TRP C 129 53.83 -42.83 32.63
C TRP C 129 54.32 -42.64 31.19
N ASN C 130 55.62 -42.73 30.97
CA ASN C 130 56.19 -42.59 29.63
C ASN C 130 56.34 -43.97 28.98
N ASN C 131 55.21 -44.67 28.88
CA ASN C 131 55.15 -45.99 28.28
C ASN C 131 54.48 -45.91 26.91
N ARG C 132 55.04 -46.64 25.95
CA ARG C 132 54.51 -46.60 24.59
C ARG C 132 53.08 -47.14 24.54
N TRP C 133 52.81 -48.24 25.23
CA TRP C 133 51.47 -48.81 25.24
C TRP C 133 50.53 -48.10 26.22
N LEU C 134 51.07 -47.24 27.08
CA LEU C 134 50.28 -46.52 28.07
C LEU C 134 50.30 -45.01 27.80
N ARG C 135 50.43 -44.63 26.53
CA ARG C 135 50.50 -43.22 26.20
C ARG C 135 49.14 -42.54 26.30
N THR C 136 48.06 -43.27 26.06
CA THR C 136 46.71 -42.71 26.03
C THR C 136 45.87 -43.15 27.22
N ILE C 137 46.49 -43.70 28.26
CA ILE C 137 45.78 -44.12 29.47
C ILE C 137 46.26 -43.26 30.63
N SER C 138 45.32 -42.83 31.46
CA SER C 138 45.63 -41.92 32.55
C SER C 138 45.92 -42.69 33.83
N VAL C 139 46.46 -41.97 34.80
CA VAL C 139 46.82 -42.53 36.10
C VAL C 139 46.19 -41.69 37.20
N ILE C 140 45.70 -42.37 38.24
CA ILE C 140 45.21 -41.72 39.45
C ILE C 140 46.20 -42.02 40.56
N LEU C 141 46.87 -40.97 41.05
CA LEU C 141 47.93 -41.13 42.03
C LEU C 141 47.33 -41.10 43.43
N PHE C 142 47.57 -42.17 44.19
CA PHE C 142 47.09 -42.29 45.56
C PHE C 142 48.29 -42.30 46.48
N LEU C 143 48.44 -41.25 47.29
CA LEU C 143 49.56 -41.13 48.22
C LEU C 143 49.15 -41.78 49.52
N ASN C 144 49.36 -43.09 49.62
CA ASN C 144 48.91 -43.86 50.77
C ASN C 144 49.71 -43.51 52.02
N LYS C 145 49.13 -43.84 53.18
CA LYS C 145 49.78 -43.69 54.47
C LYS C 145 50.15 -42.22 54.74
N GLN C 146 49.12 -41.39 54.79
CA GLN C 146 49.31 -40.01 55.20
C GLN C 146 49.12 -39.82 56.70
N ASP C 147 48.82 -40.89 57.43
CA ASP C 147 48.67 -40.80 58.88
C ASP C 147 50.01 -40.57 59.56
N LEU C 148 51.04 -41.30 59.13
CA LEU C 148 52.35 -41.19 59.76
C LEU C 148 53.23 -40.10 59.15
N LEU C 149 52.80 -39.47 58.06
CA LEU C 149 53.59 -38.37 57.52
C LEU C 149 53.69 -37.23 58.51
N ALA C 150 52.59 -36.91 59.19
CA ALA C 150 52.64 -35.89 60.22
C ALA C 150 53.66 -36.25 61.30
N GLU C 151 53.54 -37.46 61.86
CA GLU C 151 54.42 -37.87 62.94
C GLU C 151 55.85 -38.10 62.48
N LYS C 152 56.09 -38.14 61.17
CA LYS C 152 57.45 -38.12 60.65
C LYS C 152 57.97 -36.71 60.39
N VAL C 153 57.06 -35.75 60.17
CA VAL C 153 57.50 -34.38 59.93
C VAL C 153 57.27 -33.48 61.13
N LEU C 154 56.34 -33.83 62.02
CA LEU C 154 56.15 -33.03 63.22
C LEU C 154 57.38 -33.04 64.10
N ALA C 155 58.04 -34.19 64.23
CA ALA C 155 59.29 -34.28 64.97
C ALA C 155 60.46 -33.68 64.18
N GLY C 156 60.52 -33.98 62.88
CA GLY C 156 61.62 -33.49 62.06
C GLY C 156 62.95 -34.17 62.31
N LYS C 157 62.94 -35.36 62.90
CA LYS C 157 64.19 -36.08 63.18
C LYS C 157 64.87 -36.60 61.93
N SER C 158 64.18 -36.64 60.80
CA SER C 158 64.79 -37.00 59.52
C SER C 158 63.94 -36.39 58.41
N LYS C 159 64.44 -35.34 57.79
CA LYS C 159 63.68 -34.57 56.82
C LYS C 159 64.02 -34.97 55.39
N ILE C 160 63.17 -34.53 54.46
CA ILE C 160 63.34 -34.89 53.05
C ILE C 160 64.51 -34.16 52.42
N GLU C 161 64.92 -33.02 52.99
CA GLU C 161 66.05 -32.28 52.46
C GLU C 161 67.37 -33.01 52.63
N ASP C 162 67.42 -34.03 53.48
CA ASP C 162 68.62 -34.85 53.59
C ASP C 162 68.86 -35.66 52.32
N TYR C 163 67.79 -36.13 51.68
CA TYR C 163 67.88 -36.93 50.47
C TYR C 163 67.52 -36.16 49.21
N PHE C 164 67.25 -34.86 49.31
CA PHE C 164 66.85 -34.08 48.16
C PHE C 164 67.45 -32.68 48.25
N PRO C 165 67.72 -32.04 47.11
CA PRO C 165 68.43 -30.75 47.15
C PRO C 165 67.64 -29.62 47.77
N GLU C 166 66.42 -29.37 47.29
CA GLU C 166 65.72 -28.13 47.59
C GLU C 166 64.31 -28.41 48.11
N PHE C 167 64.20 -29.33 49.06
CA PHE C 167 62.95 -29.51 49.78
C PHE C 167 62.89 -28.50 50.92
N ALA C 168 63.10 -27.22 50.60
CA ALA C 168 63.20 -26.17 51.60
C ALA C 168 62.25 -25.02 51.32
N ARG C 169 61.20 -25.26 50.53
CA ARG C 169 60.18 -24.26 50.29
C ARG C 169 58.93 -24.91 49.71
N TYR C 170 57.81 -24.81 50.41
CA TYR C 170 56.54 -25.28 49.90
C TYR C 170 55.42 -24.65 50.71
N THR C 171 54.23 -24.61 50.12
CA THR C 171 53.08 -24.05 50.79
C THR C 171 51.79 -24.77 50.41
N ASP C 183 48.00 -28.98 60.53
CA ASP C 183 49.23 -28.26 60.80
C ASP C 183 49.80 -27.68 59.51
N PRO C 184 50.42 -26.50 59.60
CA PRO C 184 51.02 -25.89 58.39
C PRO C 184 52.26 -26.63 57.94
N ARG C 185 53.11 -27.02 58.90
CA ARG C 185 54.35 -27.71 58.55
C ARG C 185 54.06 -29.04 57.86
N VAL C 186 53.08 -29.78 58.36
CA VAL C 186 52.76 -31.09 57.77
C VAL C 186 52.27 -30.92 56.34
N THR C 187 51.42 -29.92 56.10
CA THR C 187 50.91 -29.71 54.75
C THR C 187 52.00 -29.22 53.80
N ARG C 188 52.86 -28.31 54.27
CA ARG C 188 53.97 -27.86 53.44
C ARG C 188 54.95 -28.98 53.14
N ALA C 189 55.07 -29.95 54.04
CA ALA C 189 55.89 -31.12 53.74
C ALA C 189 55.19 -32.08 52.80
N LYS C 190 53.86 -32.18 52.88
CA LYS C 190 53.10 -33.12 52.08
C LYS C 190 52.88 -32.64 50.64
N TYR C 191 52.92 -31.34 50.40
CA TYR C 191 52.68 -30.86 49.04
C TYR C 191 53.93 -30.89 48.16
N PHE C 192 55.12 -31.07 48.72
CA PHE C 192 56.32 -31.12 47.90
C PHE C 192 56.38 -32.38 47.06
N ILE C 193 56.00 -33.53 47.64
CA ILE C 193 55.97 -34.76 46.87
C ILE C 193 54.95 -34.64 45.74
N ARG C 194 53.81 -34.00 46.01
CA ARG C 194 52.82 -33.78 44.97
C ARG C 194 53.35 -32.87 43.88
N LYS C 195 54.11 -31.84 44.25
CA LYS C 195 54.74 -30.98 43.25
C LYS C 195 55.69 -31.77 42.37
N GLU C 196 56.50 -32.64 42.98
CA GLU C 196 57.43 -33.46 42.19
C GLU C 196 56.66 -34.39 41.25
N PHE C 197 55.59 -35.02 41.75
CA PHE C 197 54.86 -35.97 40.93
C PHE C 197 54.11 -35.30 39.79
N VAL C 198 53.54 -34.11 40.04
CA VAL C 198 52.88 -33.40 38.95
C VAL C 198 53.92 -32.88 37.97
N ASP C 199 55.12 -32.52 38.44
CA ASP C 199 56.19 -32.16 37.51
C ASP C 199 56.53 -33.32 36.60
N ILE C 200 56.62 -34.52 37.16
CA ILE C 200 56.87 -35.72 36.36
C ILE C 200 55.74 -35.94 35.37
N SER C 201 54.50 -35.81 35.82
CA SER C 201 53.34 -36.10 34.97
C SER C 201 53.25 -35.14 33.80
N THR C 202 53.43 -33.84 34.05
CA THR C 202 53.35 -32.84 33.00
C THR C 202 54.68 -32.59 32.30
N ALA C 203 55.72 -33.37 32.63
CA ALA C 203 56.97 -33.27 31.89
C ALA C 203 56.75 -33.62 30.41
N SER C 204 56.10 -34.75 30.15
CA SER C 204 55.84 -35.19 28.78
C SER C 204 54.48 -35.83 28.70
N GLY C 205 53.72 -35.47 27.66
CA GLY C 205 52.39 -36.01 27.47
C GLY C 205 51.30 -35.10 28.00
N ASP C 206 50.57 -34.44 27.09
CA ASP C 206 49.53 -33.50 27.45
C ASP C 206 48.23 -33.88 26.76
N GLY C 207 47.12 -33.65 27.45
CA GLY C 207 45.80 -33.93 26.89
C GLY C 207 45.33 -35.36 26.88
N ARG C 208 46.13 -36.27 26.33
CA ARG C 208 45.71 -37.67 26.21
C ARG C 208 45.52 -38.30 27.58
N HIS C 209 46.45 -38.05 28.50
CA HIS C 209 46.39 -38.65 29.83
C HIS C 209 46.91 -37.64 30.85
N ILE C 210 46.23 -37.58 32.00
CA ILE C 210 46.53 -36.61 33.04
C ILE C 210 46.53 -37.32 34.38
N CYS C 211 47.54 -37.06 35.20
CA CYS C 211 47.61 -37.64 36.52
C CYS C 211 46.61 -36.98 37.46
N TYR C 212 46.22 -37.72 38.49
CA TYR C 212 45.22 -37.27 39.46
C TYR C 212 45.79 -37.45 40.85
N PRO C 213 46.55 -36.47 41.34
CA PRO C 213 47.20 -36.61 42.65
C PRO C 213 46.19 -36.42 43.76
N HIS C 214 46.08 -37.43 44.62
CA HIS C 214 45.20 -37.42 45.77
C HIS C 214 46.03 -37.62 47.04
N PHE C 215 45.35 -37.78 48.16
CA PHE C 215 46.00 -38.08 49.44
C PHE C 215 45.17 -39.09 50.19
N THR C 216 45.72 -40.28 50.37
CA THR C 216 44.99 -41.39 50.97
C THR C 216 45.59 -41.77 52.31
N CYS C 217 44.74 -42.22 53.23
CA CYS C 217 45.14 -42.64 54.56
C CYS C 217 44.71 -44.08 54.78
N ALA C 218 45.16 -44.64 55.90
CA ALA C 218 44.71 -45.97 56.29
C ALA C 218 43.26 -45.94 56.77
N VAL C 219 42.88 -44.88 57.47
CA VAL C 219 41.52 -44.74 57.98
C VAL C 219 40.64 -43.85 57.10
N ASP C 220 41.18 -43.35 55.99
CA ASP C 220 40.37 -42.54 55.08
C ASP C 220 39.26 -43.38 54.48
N THR C 221 38.11 -42.76 54.24
CA THR C 221 36.95 -43.47 53.72
C THR C 221 36.58 -43.10 52.29
N GLU C 222 37.01 -41.95 51.80
CA GLU C 222 36.70 -41.54 50.43
C GLU C 222 37.81 -41.93 49.46
N ASN C 223 38.21 -43.20 49.51
CA ASN C 223 39.20 -43.73 48.59
C ASN C 223 38.56 -44.21 47.29
N ALA C 224 37.54 -45.07 47.41
CA ALA C 224 36.78 -45.47 46.23
C ALA C 224 36.02 -44.29 45.64
N ARG C 225 35.55 -43.38 46.49
CA ARG C 225 34.86 -42.19 45.99
C ARG C 225 35.79 -41.34 45.15
N ARG C 226 37.03 -41.16 45.59
CA ARG C 226 37.99 -40.42 44.79
C ARG C 226 38.29 -41.13 43.48
N ILE C 227 38.39 -42.46 43.52
CA ILE C 227 38.61 -43.22 42.29
C ILE C 227 37.48 -42.99 41.30
N PHE C 228 36.23 -43.06 41.78
CA PHE C 228 35.09 -42.83 40.91
C PHE C 228 35.07 -41.40 40.38
N ASN C 229 35.33 -40.43 41.25
CA ASN C 229 35.31 -39.04 40.82
C ASN C 229 36.42 -38.73 39.83
N ASP C 230 37.51 -39.50 39.87
CA ASP C 230 38.55 -39.36 38.84
C ASP C 230 38.18 -40.06 37.54
N CYS C 231 37.59 -41.26 37.60
CA CYS C 231 37.33 -41.96 36.34
C CYS C 231 36.15 -41.35 35.59
N LYS C 232 35.20 -40.71 36.29
CA LYS C 232 34.15 -40.04 35.55
C LYS C 232 34.73 -38.89 34.73
N ASP C 233 35.67 -38.14 35.31
CA ASP C 233 36.33 -37.08 34.56
C ASP C 233 37.21 -37.64 33.46
N ILE C 234 37.82 -38.81 33.70
CA ILE C 234 38.61 -39.46 32.64
C ILE C 234 37.73 -39.80 31.45
N ILE C 235 36.56 -40.40 31.72
CA ILE C 235 35.62 -40.73 30.66
C ILE C 235 35.14 -39.46 29.96
N LEU C 236 34.89 -38.40 30.73
CA LEU C 236 34.47 -37.14 30.13
C LEU C 236 35.54 -36.59 29.19
N GLN C 237 36.80 -36.65 29.59
CA GLN C 237 37.89 -36.18 28.74
C GLN C 237 38.00 -37.03 27.49
N MET C 238 37.91 -38.34 27.63
CA MET C 238 38.02 -39.21 26.45
C MET C 238 36.84 -39.03 25.50
N ASN C 239 35.65 -38.73 26.03
CA ASN C 239 34.51 -38.44 25.18
C ASN C 239 34.65 -37.08 24.51
N LEU C 240 35.24 -36.11 25.22
CA LEU C 240 35.54 -34.81 24.62
C LEU C 240 36.47 -34.97 23.43
N ARG C 241 37.51 -35.80 23.59
CA ARG C 241 38.41 -36.05 22.47
C ARG C 241 37.74 -36.86 21.37
N GLU C 242 36.85 -37.79 21.74
CA GLU C 242 36.19 -38.63 20.74
C GLU C 242 35.07 -37.89 20.01
N TYR C 243 34.54 -36.83 20.59
CA TYR C 243 33.64 -35.93 19.87
C TYR C 243 34.37 -34.71 19.31
N ASN C 244 35.68 -34.62 19.52
CA ASN C 244 36.52 -33.53 19.01
C ASN C 244 36.03 -32.18 19.55
N LEU C 245 36.09 -32.03 20.87
CA LEU C 245 35.76 -30.79 21.54
C LEU C 245 36.87 -30.27 22.43
N VAL C 246 38.04 -30.92 22.43
CA VAL C 246 39.14 -30.51 23.29
C VAL C 246 40.45 -30.54 22.53
N LEU D 10 81.31 -66.45 43.66
CA LEU D 10 81.90 -65.15 43.43
C LEU D 10 83.26 -65.02 44.10
N GLN D 11 83.87 -66.18 44.37
CA GLN D 11 85.18 -66.25 45.02
C GLN D 11 86.30 -66.00 44.02
N SER D 12 87.51 -66.44 44.35
CA SER D 12 88.61 -66.40 43.39
C SER D 12 88.21 -67.14 42.13
N GLU D 13 87.12 -67.91 42.16
CA GLU D 13 86.52 -68.45 40.96
C GLU D 13 85.49 -67.47 40.37
N LEU D 14 85.70 -66.17 40.56
CA LEU D 14 85.00 -65.17 39.75
C LEU D 14 85.91 -64.06 39.23
N ASP D 15 87.12 -63.88 39.76
CA ASP D 15 88.14 -63.22 38.98
C ASP D 15 88.83 -64.20 38.03
N GLN D 16 88.61 -65.50 38.23
CA GLN D 16 89.03 -66.52 37.29
C GLN D 16 87.88 -67.02 36.43
N LEU D 17 86.83 -67.55 37.06
CA LEU D 17 85.73 -68.18 36.33
C LEU D 17 84.68 -67.19 35.85
N ARG D 18 85.01 -65.90 35.78
CA ARG D 18 84.26 -64.98 34.95
C ARG D 18 84.93 -64.76 33.60
N GLN D 19 86.26 -64.68 33.59
CA GLN D 19 86.99 -64.77 32.34
C GLN D 19 86.83 -66.14 31.70
N GLU D 20 86.94 -67.21 32.50
CA GLU D 20 86.72 -68.56 31.98
C GLU D 20 85.26 -68.80 31.61
N ALA D 21 84.35 -67.93 32.04
CA ALA D 21 83.01 -67.88 31.47
C ALA D 21 82.96 -67.06 30.20
N GLU D 22 84.04 -66.35 29.87
CA GLU D 22 84.17 -65.59 28.63
C GLU D 22 85.15 -66.22 27.66
N GLN D 23 86.12 -67.00 28.15
CA GLN D 23 87.05 -67.68 27.26
C GLN D 23 86.31 -68.54 26.25
N LEU D 24 85.19 -69.12 26.67
CA LEU D 24 84.35 -69.92 25.78
C LEU D 24 83.39 -69.06 24.97
N LYS D 25 83.51 -67.74 25.04
CA LYS D 25 82.73 -66.84 24.22
C LYS D 25 83.53 -66.19 23.10
N ASN D 26 84.81 -65.88 23.33
CA ASN D 26 85.70 -65.48 22.26
C ASN D 26 86.28 -66.67 21.50
N GLN D 27 86.19 -67.88 22.07
CA GLN D 27 86.55 -69.11 21.38
C GLN D 27 85.35 -69.83 20.80
N ILE D 28 84.16 -69.24 20.92
CA ILE D 28 82.98 -69.72 20.21
C ILE D 28 82.63 -68.81 19.04
N ARG D 29 82.68 -67.49 19.24
CA ARG D 29 82.49 -66.56 18.13
C ARG D 29 83.60 -66.71 17.09
N ASP D 30 84.83 -66.94 17.55
CA ASP D 30 85.91 -67.26 16.61
C ASP D 30 85.63 -68.55 15.87
N ALA D 31 85.14 -69.57 16.58
CA ALA D 31 84.70 -70.79 15.92
C ALA D 31 83.49 -70.51 15.02
N ARG D 32 82.57 -69.67 15.49
CA ARG D 32 81.38 -69.34 14.72
C ARG D 32 81.75 -68.58 13.46
N LYS D 33 82.55 -67.52 13.58
CA LYS D 33 82.93 -66.69 12.45
C LYS D 33 83.96 -67.34 11.56
N ALA D 34 84.41 -68.54 11.89
CA ALA D 34 85.34 -69.26 11.03
C ALA D 34 84.62 -70.02 9.93
N CYS D 35 83.52 -70.69 10.28
CA CYS D 35 82.72 -71.44 9.31
C CYS D 35 81.68 -70.53 8.68
N ALA D 36 82.18 -69.57 7.90
CA ALA D 36 81.30 -68.67 7.13
C ALA D 36 82.05 -68.28 5.86
N ASP D 37 81.81 -69.04 4.80
CA ASP D 37 82.37 -68.74 3.48
C ASP D 37 81.35 -68.15 2.53
N ALA D 38 80.14 -67.86 3.02
CA ALA D 38 79.11 -67.24 2.20
C ALA D 38 78.08 -66.60 3.11
N THR D 39 77.31 -65.68 2.53
CA THR D 39 76.09 -65.20 3.14
C THR D 39 74.90 -65.67 2.32
N LEU D 40 73.70 -65.51 2.88
CA LEU D 40 72.51 -66.05 2.23
C LEU D 40 72.31 -65.44 0.85
N SER D 41 72.60 -64.15 0.70
CA SER D 41 72.40 -63.48 -0.58
C SER D 41 73.68 -63.52 -1.44
N GLN D 42 74.26 -64.72 -1.57
CA GLN D 42 75.33 -64.94 -2.53
C GLN D 42 75.03 -66.18 -3.35
N ILE D 43 74.38 -67.16 -2.72
CA ILE D 43 73.90 -68.35 -3.42
C ILE D 43 72.41 -68.26 -3.75
N THR D 44 71.70 -67.30 -3.17
CA THR D 44 70.31 -67.03 -3.49
C THR D 44 70.17 -65.72 -4.27
N ASN D 45 71.18 -65.36 -5.05
CA ASN D 45 71.15 -64.13 -5.83
C ASN D 45 70.57 -64.34 -7.23
N ASN D 46 70.94 -65.43 -7.89
CA ASN D 46 70.48 -65.67 -9.25
C ASN D 46 69.05 -66.18 -9.33
N ILE D 47 68.50 -66.68 -8.22
CA ILE D 47 67.11 -67.15 -8.23
C ILE D 47 66.19 -65.96 -8.43
N ASP D 48 65.31 -66.07 -9.43
CA ASP D 48 64.39 -64.99 -9.74
C ASP D 48 63.45 -64.76 -8.55
N PRO D 49 63.07 -63.52 -8.30
CA PRO D 49 62.23 -63.23 -7.14
C PRO D 49 60.82 -63.79 -7.33
N VAL D 50 60.15 -64.02 -6.20
CA VAL D 50 58.78 -64.54 -6.24
C VAL D 50 57.79 -63.54 -6.80
N GLY D 51 58.25 -62.34 -7.18
CA GLY D 51 57.37 -61.34 -7.74
C GLY D 51 56.58 -60.62 -6.67
N ARG D 52 55.74 -59.69 -7.12
CA ARG D 52 54.89 -58.95 -6.21
C ARG D 52 53.76 -59.85 -5.73
N ILE D 53 54.04 -60.66 -4.71
CA ILE D 53 53.05 -61.61 -4.20
C ILE D 53 51.89 -60.83 -3.61
N GLN D 54 50.69 -61.09 -4.11
CA GLN D 54 49.47 -60.45 -3.63
C GLN D 54 48.57 -61.52 -3.02
N MET D 55 47.78 -61.11 -2.03
CA MET D 55 46.89 -62.05 -1.36
C MET D 55 45.72 -61.26 -0.79
N ARG D 56 44.53 -61.46 -1.36
CA ARG D 56 43.33 -60.83 -0.86
C ARG D 56 42.72 -61.69 0.25
N THR D 57 41.92 -61.05 1.09
CA THR D 57 41.23 -61.77 2.15
C THR D 57 40.09 -62.58 1.55
N ARG D 58 39.98 -63.85 1.95
CA ARG D 58 38.94 -64.73 1.43
C ARG D 58 37.86 -65.02 2.45
N ARG D 59 38.15 -64.90 3.74
CA ARG D 59 37.16 -65.13 4.78
C ARG D 59 37.54 -64.32 6.01
N THR D 60 36.61 -63.46 6.44
CA THR D 60 36.81 -62.61 7.62
C THR D 60 35.98 -63.20 8.75
N LEU D 61 36.67 -63.81 9.73
CA LEU D 61 36.01 -64.50 10.83
C LEU D 61 35.73 -63.49 11.95
N ARG D 62 34.57 -62.86 11.87
CA ARG D 62 34.16 -61.92 12.89
C ARG D 62 33.40 -62.64 14.00
N GLY D 63 33.27 -61.96 15.14
CA GLY D 63 32.54 -62.51 16.26
C GLY D 63 33.16 -62.21 17.61
N HIS D 64 34.48 -62.02 17.63
CA HIS D 64 35.14 -61.65 18.87
C HIS D 64 34.87 -60.19 19.21
N LEU D 65 34.96 -59.87 20.50
CA LEU D 65 34.75 -58.51 20.98
C LEU D 65 36.06 -57.83 21.36
N ALA D 66 36.85 -58.45 22.23
CA ALA D 66 38.12 -57.89 22.65
C ALA D 66 39.23 -58.26 21.66
N LYS D 67 40.41 -57.71 21.89
CA LYS D 67 41.53 -57.91 20.99
C LYS D 67 42.00 -59.36 20.99
N ILE D 68 42.44 -59.83 19.82
CA ILE D 68 42.92 -61.19 19.64
C ILE D 68 44.39 -61.25 19.98
N TYR D 69 44.77 -62.29 20.72
CA TYR D 69 46.16 -62.44 21.17
C TYR D 69 46.86 -63.67 20.59
N ALA D 70 46.11 -64.70 20.21
CA ALA D 70 46.73 -65.89 19.64
C ALA D 70 45.74 -66.56 18.69
N MET D 71 46.29 -67.36 17.77
CA MET D 71 45.49 -68.10 16.82
C MET D 71 46.30 -69.28 16.33
N HIS D 72 45.77 -70.49 16.49
CA HIS D 72 46.47 -71.69 16.08
C HIS D 72 45.65 -72.45 15.06
N TRP D 73 46.33 -72.95 14.03
CA TRP D 73 45.70 -73.71 12.96
C TRP D 73 45.50 -75.16 13.38
N GLY D 74 44.41 -75.76 12.93
CA GLY D 74 44.23 -77.18 13.12
C GLY D 74 45.09 -77.99 12.17
N THR D 75 45.35 -79.24 12.56
CA THR D 75 46.14 -80.12 11.71
C THR D 75 45.40 -80.48 10.43
N ASP D 76 44.08 -80.50 10.46
CA ASP D 76 43.26 -80.83 9.30
C ASP D 76 43.16 -79.68 8.30
N SER D 77 43.88 -78.59 8.53
CA SER D 77 43.93 -77.42 7.65
C SER D 77 42.59 -76.69 7.56
N ARG D 78 41.61 -77.07 8.37
CA ARG D 78 40.29 -76.44 8.34
C ARG D 78 39.97 -75.71 9.64
N LEU D 79 40.03 -76.40 10.77
CA LEU D 79 39.69 -75.78 12.04
C LEU D 79 40.83 -74.88 12.52
N LEU D 80 40.46 -73.88 13.31
CA LEU D 80 41.44 -73.05 13.99
C LEU D 80 40.83 -72.52 15.28
N VAL D 81 41.68 -72.19 16.24
CA VAL D 81 41.27 -71.70 17.55
C VAL D 81 41.83 -70.31 17.73
N SER D 82 40.98 -69.38 18.16
CA SER D 82 41.35 -67.99 18.38
C SER D 82 41.25 -67.66 19.86
N ALA D 83 42.25 -66.95 20.38
CA ALA D 83 42.29 -66.52 21.76
C ALA D 83 42.20 -65.00 21.83
N SER D 84 41.27 -64.50 22.64
CA SER D 84 41.07 -63.07 22.78
C SER D 84 40.94 -62.72 24.25
N GLN D 85 41.15 -61.44 24.55
CA GLN D 85 41.12 -60.94 25.92
C GLN D 85 39.72 -60.75 26.45
N ASP D 86 38.70 -61.28 25.78
CA ASP D 86 37.34 -61.26 26.28
C ASP D 86 36.99 -62.49 27.11
N GLY D 87 37.96 -63.38 27.32
CA GLY D 87 37.70 -64.58 28.09
C GLY D 87 36.98 -65.67 27.35
N LYS D 88 37.00 -65.65 26.02
CA LYS D 88 36.31 -66.65 25.20
C LYS D 88 37.30 -67.28 24.24
N LEU D 89 37.19 -68.60 24.07
CA LEU D 89 37.97 -69.35 23.10
C LEU D 89 37.01 -69.91 22.06
N ILE D 90 37.28 -69.63 20.79
CA ILE D 90 36.41 -70.03 19.69
C ILE D 90 37.18 -70.95 18.76
N ILE D 91 36.56 -72.08 18.41
CA ILE D 91 37.07 -72.96 17.37
C ILE D 91 36.27 -72.72 16.11
N TRP D 92 36.95 -72.40 15.02
CA TRP D 92 36.33 -71.96 13.79
C TRP D 92 36.33 -73.07 12.74
N ASP D 93 35.55 -72.84 11.70
CA ASP D 93 35.57 -73.65 10.47
C ASP D 93 35.90 -72.69 9.34
N SER D 94 37.17 -72.67 8.93
CA SER D 94 37.61 -71.65 7.98
C SER D 94 36.86 -71.73 6.66
N TYR D 95 36.45 -72.93 6.24
CA TYR D 95 35.78 -73.08 4.96
C TYR D 95 34.43 -72.36 4.95
N THR D 96 33.69 -72.43 6.06
CA THR D 96 32.36 -71.85 6.13
C THR D 96 32.22 -70.73 7.15
N THR D 97 33.32 -70.34 7.82
CA THR D 97 33.31 -69.30 8.86
C THR D 97 32.36 -69.65 10.00
N ASN D 98 32.03 -70.93 10.14
CA ASN D 98 31.17 -71.37 11.22
C ASN D 98 31.94 -71.43 12.53
N LYS D 99 31.23 -71.21 13.63
CA LYS D 99 31.81 -71.29 14.97
C LYS D 99 31.50 -72.67 15.54
N VAL D 100 32.52 -73.53 15.60
CA VAL D 100 32.33 -74.89 16.09
C VAL D 100 32.08 -74.89 17.59
N HIS D 101 32.86 -74.12 18.34
CA HIS D 101 32.75 -74.09 19.79
C HIS D 101 33.04 -72.68 20.30
N ALA D 102 32.57 -72.42 21.52
CA ALA D 102 32.85 -71.18 22.24
C ALA D 102 33.09 -71.54 23.70
N ILE D 103 34.36 -71.64 24.08
CA ILE D 103 34.74 -72.13 25.40
C ILE D 103 35.04 -70.91 26.29
N PRO D 104 34.23 -70.64 27.30
CA PRO D 104 34.57 -69.57 28.24
C PRO D 104 35.81 -69.91 29.04
N LEU D 105 36.52 -68.87 29.46
CA LEU D 105 37.79 -69.01 30.16
C LEU D 105 37.68 -68.48 31.58
N ARG D 106 38.32 -69.18 32.52
CA ARG D 106 38.33 -68.72 33.91
C ARG D 106 39.05 -67.39 34.05
N SER D 107 40.18 -67.24 33.37
CA SER D 107 40.95 -66.01 33.41
C SER D 107 40.71 -65.23 32.11
N SER D 108 40.25 -64.00 32.24
CA SER D 108 39.97 -63.17 31.07
C SER D 108 41.23 -62.74 30.33
N TRP D 109 42.41 -62.89 30.94
CA TRP D 109 43.67 -62.53 30.31
C TRP D 109 44.35 -63.80 29.84
N VAL D 110 44.35 -64.01 28.52
CA VAL D 110 44.96 -65.18 27.90
C VAL D 110 45.83 -64.70 26.74
N MET D 111 47.08 -65.17 26.70
CA MET D 111 48.00 -64.77 25.64
C MET D 111 48.48 -65.96 24.80
N THR D 112 48.02 -67.16 25.09
CA THR D 112 48.44 -68.36 24.37
C THR D 112 47.23 -69.14 23.91
N CYS D 113 47.41 -69.88 22.81
CA CYS D 113 46.41 -70.83 22.35
C CYS D 113 47.10 -71.82 21.42
N ALA D 114 46.66 -73.08 21.48
CA ALA D 114 47.27 -74.12 20.67
C ALA D 114 46.23 -75.17 20.34
N TYR D 115 46.47 -75.88 19.25
CA TYR D 115 45.63 -76.98 18.80
C TYR D 115 46.41 -78.27 18.91
N ALA D 116 45.82 -79.27 19.56
CA ALA D 116 46.46 -80.57 19.64
C ALA D 116 46.57 -81.16 18.24
N PRO D 117 47.67 -81.86 17.92
CA PRO D 117 47.82 -82.42 16.57
C PRO D 117 46.71 -83.38 16.20
N SER D 118 46.17 -84.14 17.17
CA SER D 118 45.06 -85.03 16.88
C SER D 118 43.75 -84.27 16.75
N GLY D 119 43.71 -83.02 17.18
CA GLY D 119 42.50 -82.23 17.15
C GLY D 119 41.55 -82.47 18.31
N ASN D 120 41.94 -83.30 19.27
CA ASN D 120 41.09 -83.65 20.40
C ASN D 120 41.22 -82.68 21.57
N TYR D 121 42.19 -81.77 21.54
CA TYR D 121 42.45 -80.89 22.67
C TYR D 121 42.82 -79.49 22.18
N VAL D 122 42.63 -78.52 23.08
CA VAL D 122 43.05 -77.14 22.86
C VAL D 122 43.55 -76.59 24.19
N ALA D 123 44.66 -75.87 24.15
CA ALA D 123 45.26 -75.29 25.35
C ALA D 123 45.23 -73.78 25.28
N CYS D 124 45.17 -73.16 26.45
CA CYS D 124 45.22 -71.70 26.57
C CYS D 124 45.89 -71.35 27.89
N GLY D 125 46.42 -70.12 27.96
CA GLY D 125 47.08 -69.66 29.15
C GLY D 125 47.45 -68.20 29.08
N GLY D 126 47.38 -67.49 30.21
CA GLY D 126 47.70 -66.07 30.22
C GLY D 126 48.37 -65.61 31.49
N LEU D 127 47.86 -64.50 32.04
CA LEU D 127 48.42 -63.91 33.25
C LEU D 127 48.15 -64.75 34.50
N ASP D 128 47.31 -65.77 34.41
CA ASP D 128 47.04 -66.66 35.53
C ASP D 128 48.20 -67.62 35.80
N ASN D 129 49.21 -67.63 34.95
CA ASN D 129 50.40 -68.48 35.11
C ASN D 129 50.05 -69.96 35.07
N ILE D 130 48.94 -70.31 34.42
CA ILE D 130 48.47 -71.70 34.35
C ILE D 130 48.02 -71.98 32.93
N CYS D 131 48.37 -73.18 32.43
CA CYS D 131 47.90 -73.66 31.12
C CYS D 131 46.69 -74.56 31.36
N SER D 132 45.52 -74.09 30.98
CA SER D 132 44.31 -74.88 31.06
C SER D 132 44.08 -75.59 29.74
N ILE D 133 44.04 -76.92 29.78
CA ILE D 133 43.90 -77.77 28.59
C ILE D 133 42.47 -78.27 28.54
N TYR D 134 41.81 -78.06 27.41
CA TYR D 134 40.40 -78.38 27.24
C TYR D 134 40.22 -79.60 26.36
N ASN D 135 39.23 -80.42 26.69
CA ASN D 135 38.88 -81.59 25.91
C ASN D 135 37.78 -81.21 24.93
N LEU D 136 38.04 -81.38 23.64
CA LEU D 136 37.08 -81.00 22.61
C LEU D 136 36.02 -82.08 22.40
N LYS D 137 36.44 -83.29 22.06
CA LYS D 137 35.53 -84.39 21.78
C LYS D 137 35.34 -85.19 23.06
N THR D 138 34.15 -85.11 23.64
CA THR D 138 33.80 -85.88 24.82
C THR D 138 32.39 -86.42 24.67
N ARG D 139 32.11 -87.52 25.37
CA ARG D 139 30.77 -88.09 25.37
C ARG D 139 29.77 -87.17 26.06
N GLU D 140 30.25 -86.25 26.89
CA GLU D 140 29.34 -85.34 27.59
C GLU D 140 28.64 -84.39 26.62
N GLY D 141 29.33 -83.97 25.57
CA GLY D 141 28.75 -83.08 24.58
C GLY D 141 29.17 -81.63 24.70
N ASN D 142 30.04 -81.30 25.65
CA ASN D 142 30.48 -79.92 25.85
C ASN D 142 32.00 -79.85 25.85
N VAL D 143 32.55 -78.71 26.25
CA VAL D 143 34.00 -78.55 26.39
C VAL D 143 34.29 -78.25 27.85
N ARG D 144 35.08 -79.09 28.48
CA ARG D 144 35.45 -78.93 29.88
C ARG D 144 36.94 -79.13 30.03
N VAL D 145 37.52 -78.55 31.09
CA VAL D 145 38.95 -78.64 31.30
C VAL D 145 39.34 -80.09 31.53
N SER D 146 40.44 -80.51 30.92
CA SER D 146 40.97 -81.84 31.18
C SER D 146 42.02 -81.80 32.29
N ARG D 147 42.83 -80.74 32.32
CA ARG D 147 43.83 -80.57 33.36
C ARG D 147 44.03 -79.09 33.61
N GLU D 148 44.58 -78.79 34.79
CA GLU D 148 44.83 -77.43 35.23
C GLU D 148 46.33 -77.36 35.57
N LEU D 149 47.14 -77.11 34.55
CA LEU D 149 48.60 -77.26 34.66
C LEU D 149 49.18 -76.08 35.40
N ALA D 150 49.21 -76.18 36.73
CA ALA D 150 49.79 -75.17 37.59
C ALA D 150 51.15 -75.62 38.09
N GLY D 151 51.93 -74.64 38.56
CA GLY D 151 53.28 -74.91 39.01
C GLY D 151 54.30 -74.04 38.30
N HIS D 152 53.83 -72.97 37.68
CA HIS D 152 54.67 -72.06 36.94
C HIS D 152 54.40 -70.65 37.42
N THR D 153 55.47 -69.90 37.72
CA THR D 153 55.31 -68.63 38.42
C THR D 153 54.97 -67.48 37.46
N GLY D 154 55.66 -67.39 36.34
CA GLY D 154 55.42 -66.30 35.42
C GLY D 154 54.22 -66.52 34.53
N TYR D 155 53.79 -65.44 33.88
CA TYR D 155 52.68 -65.52 32.92
C TYR D 155 53.10 -66.36 31.73
N LEU D 156 52.18 -67.20 31.25
CA LEU D 156 52.46 -68.03 30.10
C LEU D 156 52.47 -67.18 28.82
N SER D 157 53.37 -67.52 27.91
CA SER D 157 53.53 -66.75 26.67
C SER D 157 53.42 -67.60 25.41
N CYS D 158 53.56 -68.92 25.49
CA CYS D 158 53.42 -69.77 24.31
C CYS D 158 53.23 -71.22 24.76
N CYS D 159 52.17 -71.85 24.28
CA CYS D 159 51.91 -73.25 24.52
C CYS D 159 51.87 -73.99 23.19
N ARG D 160 52.51 -75.15 23.13
CA ARG D 160 52.54 -75.97 21.92
C ARG D 160 52.39 -77.43 22.31
N PHE D 161 51.57 -78.16 21.55
CA PHE D 161 51.25 -79.54 21.86
C PHE D 161 52.27 -80.47 21.22
N LEU D 162 53.01 -81.20 22.04
CA LEU D 162 53.92 -82.22 21.52
C LEU D 162 53.14 -83.43 21.03
N ASP D 163 52.49 -84.13 21.95
CA ASP D 163 51.58 -85.24 21.63
C ASP D 163 50.22 -84.95 22.26
N ASP D 164 49.35 -85.96 22.25
CA ASP D 164 48.05 -85.82 22.92
C ASP D 164 48.18 -85.82 24.44
N ASN D 165 49.35 -86.14 24.99
CA ASN D 165 49.50 -86.23 26.43
C ASN D 165 50.63 -85.38 27.01
N GLN D 166 51.44 -84.73 26.19
CA GLN D 166 52.49 -83.84 26.70
C GLN D 166 52.45 -82.51 25.96
N ILE D 167 52.69 -81.44 26.70
CA ILE D 167 52.63 -80.08 26.18
C ILE D 167 53.88 -79.33 26.62
N VAL D 168 54.31 -78.37 25.82
CA VAL D 168 55.46 -77.53 26.12
C VAL D 168 54.99 -76.09 26.26
N THR D 169 55.38 -75.46 27.36
CA THR D 169 54.95 -74.10 27.67
C THR D 169 56.15 -73.21 27.93
N SER D 170 55.99 -71.93 27.60
CA SER D 170 57.02 -70.91 27.83
C SER D 170 56.37 -69.76 28.58
N SER D 171 57.03 -69.30 29.65
CA SER D 171 56.47 -68.27 30.50
C SER D 171 57.45 -67.13 30.70
N GLY D 172 57.00 -66.11 31.43
CA GLY D 172 57.75 -64.91 31.71
C GLY D 172 58.68 -65.00 32.90
N ASP D 173 58.81 -66.17 33.52
CA ASP D 173 59.77 -66.38 34.59
C ASP D 173 61.07 -67.00 34.09
N THR D 174 61.42 -66.72 32.84
CA THR D 174 62.70 -67.13 32.24
C THR D 174 62.86 -68.65 32.18
N THR D 175 61.76 -69.38 32.09
CA THR D 175 61.81 -70.84 32.05
C THR D 175 60.83 -71.38 31.01
N CYS D 176 61.36 -72.13 30.04
CA CYS D 176 60.57 -73.01 29.21
C CYS D 176 60.48 -74.35 29.92
N ALA D 177 59.39 -75.08 29.70
CA ALA D 177 59.09 -76.15 30.63
C ALA D 177 58.01 -77.05 30.06
N LEU D 178 58.22 -78.37 30.21
CA LEU D 178 57.40 -79.40 29.57
C LEU D 178 56.65 -80.20 30.62
N TRP D 179 55.40 -80.53 30.30
CA TRP D 179 54.50 -81.22 31.22
C TRP D 179 54.17 -82.62 30.71
N ASP D 180 53.37 -83.33 31.50
CA ASP D 180 52.67 -84.54 31.07
C ASP D 180 51.22 -84.39 31.50
N ILE D 181 50.31 -84.36 30.52
CA ILE D 181 48.92 -84.02 30.80
C ILE D 181 48.28 -85.04 31.74
N GLU D 182 48.52 -86.33 31.50
CA GLU D 182 47.88 -87.37 32.31
C GLU D 182 48.22 -87.21 33.78
N THR D 183 49.51 -87.10 34.10
CA THR D 183 49.91 -86.90 35.49
C THR D 183 49.69 -85.47 35.95
N GLY D 184 49.85 -84.50 35.06
CA GLY D 184 49.79 -83.10 35.43
C GLY D 184 51.01 -82.61 36.16
N GLN D 185 52.02 -83.45 36.35
CA GLN D 185 53.20 -83.11 37.12
C GLN D 185 54.25 -82.48 36.20
N GLN D 186 55.48 -82.36 36.69
CA GLN D 186 56.55 -81.67 35.99
C GLN D 186 57.57 -82.71 35.52
N THR D 187 57.81 -82.76 34.21
CA THR D 187 58.78 -83.71 33.67
C THR D 187 60.16 -83.10 33.50
N THR D 188 60.27 -82.04 32.70
CA THR D 188 61.53 -81.38 32.45
C THR D 188 61.33 -79.88 32.49
N THR D 189 62.28 -79.18 33.10
CA THR D 189 62.27 -77.72 33.16
C THR D 189 63.50 -77.20 32.44
N PHE D 190 63.29 -76.44 31.36
CA PHE D 190 64.38 -75.91 30.56
C PHE D 190 64.71 -74.52 31.08
N THR D 191 65.88 -74.37 31.68
CA THR D 191 66.30 -73.11 32.28
C THR D 191 67.60 -72.64 31.65
N GLY D 192 67.83 -71.33 31.73
CA GLY D 192 69.03 -70.73 31.18
C GLY D 192 68.76 -69.35 30.59
N HIS D 193 67.51 -69.08 30.25
CA HIS D 193 67.14 -67.75 29.79
C HIS D 193 67.20 -66.76 30.93
N THR D 194 67.56 -65.51 30.60
CA THR D 194 67.69 -64.45 31.59
C THR D 194 66.60 -63.39 31.44
N GLY D 195 65.47 -63.76 30.85
CA GLY D 195 64.39 -62.83 30.65
C GLY D 195 63.12 -63.55 30.26
N ASP D 196 62.04 -62.79 30.17
CA ASP D 196 60.73 -63.36 29.88
C ASP D 196 60.72 -64.02 28.51
N VAL D 197 60.48 -65.33 28.48
CA VAL D 197 60.36 -66.05 27.22
C VAL D 197 58.99 -65.75 26.62
N MET D 198 58.97 -65.43 25.33
CA MET D 198 57.77 -64.96 24.66
C MET D 198 57.19 -65.94 23.66
N SER D 199 58.03 -66.69 22.94
CA SER D 199 57.56 -67.52 21.85
C SER D 199 58.12 -68.92 21.96
N LEU D 200 57.58 -69.81 21.13
CA LEU D 200 57.98 -71.21 21.10
C LEU D 200 57.64 -71.77 19.72
N SER D 201 58.46 -72.70 19.25
CA SER D 201 58.24 -73.29 17.93
C SER D 201 58.79 -74.72 17.95
N LEU D 202 57.89 -75.69 18.05
CA LEU D 202 58.30 -77.09 18.04
C LEU D 202 58.79 -77.48 16.66
N ALA D 203 59.83 -78.31 16.61
CA ALA D 203 60.37 -78.79 15.35
C ALA D 203 59.41 -79.80 14.72
N PRO D 204 59.46 -79.95 13.40
CA PRO D 204 58.58 -80.94 12.75
C PRO D 204 58.78 -82.35 13.26
N ASP D 205 60.02 -82.74 13.57
CA ASP D 205 60.28 -84.06 14.12
C ASP D 205 59.90 -84.17 15.59
N THR D 206 59.56 -83.04 16.24
CA THR D 206 59.06 -83.02 17.61
C THR D 206 60.04 -83.62 18.60
N ARG D 207 61.34 -83.50 18.31
CA ARG D 207 62.38 -83.89 19.25
C ARG D 207 63.23 -82.72 19.70
N LEU D 208 62.99 -81.52 19.16
CA LEU D 208 63.67 -80.31 19.59
C LEU D 208 62.70 -79.15 19.46
N PHE D 209 63.04 -78.03 20.10
CA PHE D 209 62.26 -76.81 19.94
C PHE D 209 63.14 -75.62 20.27
N VAL D 210 62.71 -74.45 19.82
CA VAL D 210 63.41 -73.19 20.04
C VAL D 210 62.46 -72.23 20.73
N SER D 211 63.02 -71.29 21.48
CA SER D 211 62.24 -70.29 22.19
C SER D 211 63.02 -68.99 22.25
N GLY D 212 62.32 -67.88 22.00
CA GLY D 212 62.94 -66.58 22.05
C GLY D 212 62.47 -65.76 23.23
N ALA D 213 63.40 -65.29 24.05
CA ALA D 213 63.09 -64.52 25.24
C ALA D 213 63.29 -63.04 24.98
N CYS D 214 63.18 -62.24 26.04
CA CYS D 214 63.41 -60.80 25.96
C CYS D 214 64.85 -60.41 26.25
N ASP D 215 65.80 -61.32 25.98
CA ASP D 215 67.21 -61.06 26.17
C ASP D 215 67.97 -60.99 24.85
N ALA D 216 67.26 -60.78 23.74
CA ALA D 216 67.86 -60.77 22.41
C ALA D 216 68.61 -62.06 22.11
N SER D 217 68.07 -63.18 22.58
CA SER D 217 68.72 -64.48 22.40
C SER D 217 67.66 -65.57 22.39
N ALA D 218 67.91 -66.58 21.57
CA ALA D 218 67.05 -67.76 21.49
C ALA D 218 67.88 -69.00 21.71
N LYS D 219 67.28 -70.01 22.32
CA LYS D 219 67.97 -71.24 22.68
C LYS D 219 67.26 -72.44 22.08
N LEU D 220 68.03 -73.33 21.46
CA LEU D 220 67.50 -74.58 20.94
C LEU D 220 67.61 -75.65 22.02
N TRP D 221 66.48 -76.15 22.48
CA TRP D 221 66.44 -77.12 23.57
C TRP D 221 66.23 -78.53 23.05
N ASP D 222 66.78 -79.49 23.78
CA ASP D 222 66.53 -80.91 23.52
C ASP D 222 65.39 -81.36 24.43
N VAL D 223 64.20 -81.52 23.86
CA VAL D 223 63.04 -81.88 24.67
C VAL D 223 63.21 -83.28 25.25
N ARG D 224 63.84 -84.20 24.51
CA ARG D 224 64.06 -85.54 25.04
C ARG D 224 65.13 -85.53 26.13
N GLU D 225 66.25 -84.85 25.89
CA GLU D 225 67.34 -84.86 26.85
C GLU D 225 67.12 -83.84 27.97
N GLY D 226 67.05 -82.55 27.62
CA GLY D 226 66.68 -81.56 28.61
C GLY D 226 67.53 -80.30 28.70
N MET D 227 68.65 -80.25 27.99
CA MET D 227 69.54 -79.09 28.07
C MET D 227 69.55 -78.33 26.75
N CYS D 228 69.91 -77.05 26.85
CA CYS D 228 69.99 -76.19 25.67
C CYS D 228 71.17 -76.61 24.81
N ARG D 229 70.90 -76.89 23.53
CA ARG D 229 71.98 -77.25 22.62
C ARG D 229 72.83 -76.05 22.26
N GLN D 230 72.19 -74.93 21.95
CA GLN D 230 72.92 -73.74 21.52
C GLN D 230 72.06 -72.51 21.74
N THR D 231 72.72 -71.37 21.93
CA THR D 231 72.05 -70.09 22.07
C THR D 231 72.42 -69.20 20.89
N PHE D 232 71.43 -68.45 20.40
CA PHE D 232 71.57 -67.66 19.17
C PHE D 232 71.38 -66.20 19.51
N THR D 233 72.47 -65.43 19.49
CA THR D 233 72.45 -64.01 19.82
C THR D 233 72.75 -63.22 18.55
N GLY D 234 71.71 -62.62 17.97
CA GLY D 234 71.89 -61.81 16.79
C GLY D 234 71.04 -60.56 16.75
N HIS D 235 70.24 -60.35 17.80
CA HIS D 235 69.35 -59.21 17.89
C HIS D 235 69.87 -58.23 18.94
N GLU D 236 69.12 -57.14 19.13
CA GLU D 236 69.42 -56.17 20.17
C GLU D 236 68.23 -55.79 21.02
N SER D 237 67.07 -56.40 20.80
CA SER D 237 65.89 -56.16 21.62
C SER D 237 65.19 -57.48 21.87
N ASP D 238 63.99 -57.42 22.45
CA ASP D 238 63.26 -58.63 22.81
C ASP D 238 62.85 -59.41 21.57
N ILE D 239 62.79 -60.73 21.72
CA ILE D 239 62.32 -61.63 20.67
C ILE D 239 60.91 -62.06 21.06
N ASN D 240 59.91 -61.48 20.40
CA ASN D 240 58.52 -61.77 20.67
C ASN D 240 57.86 -62.64 19.60
N ALA D 241 58.66 -63.24 18.73
CA ALA D 241 58.12 -64.08 17.67
C ALA D 241 59.16 -65.10 17.26
N ILE D 242 58.72 -66.32 16.97
CA ILE D 242 59.61 -67.38 16.52
C ILE D 242 58.78 -68.38 15.73
N CYS D 243 59.41 -68.98 14.72
CA CYS D 243 58.77 -69.98 13.88
C CYS D 243 59.87 -70.84 13.28
N PHE D 244 59.49 -72.05 12.88
CA PHE D 244 60.47 -73.06 12.50
C PHE D 244 60.37 -73.35 11.01
N PHE D 245 61.51 -73.53 10.36
CA PHE D 245 61.53 -73.84 8.93
C PHE D 245 60.88 -75.20 8.69
N PRO D 246 60.16 -75.37 7.57
CA PRO D 246 59.53 -76.66 7.31
C PRO D 246 60.50 -77.82 7.24
N ASN D 247 61.72 -77.61 6.74
CA ASN D 247 62.67 -78.70 6.63
C ASN D 247 63.20 -79.15 7.98
N GLY D 248 63.03 -78.35 9.03
CA GLY D 248 63.49 -78.73 10.34
C GLY D 248 64.92 -78.38 10.65
N ASN D 249 65.63 -77.73 9.74
CA ASN D 249 67.03 -77.39 9.95
C ASN D 249 67.26 -75.88 10.08
N ALA D 250 66.22 -75.09 10.26
CA ALA D 250 66.37 -73.64 10.38
C ALA D 250 65.14 -73.08 11.07
N PHE D 251 65.21 -71.80 11.41
CA PHE D 251 64.09 -71.11 12.02
C PHE D 251 64.32 -69.61 11.92
N ALA D 252 63.25 -68.85 12.14
CA ALA D 252 63.28 -67.41 12.04
C ALA D 252 62.89 -66.77 13.36
N THR D 253 63.51 -65.65 13.68
CA THR D 253 63.25 -64.91 14.90
C THR D 253 62.58 -63.58 14.56
N GLY D 254 61.45 -63.31 15.21
CA GLY D 254 60.80 -62.02 15.04
C GLY D 254 60.95 -61.16 16.28
N SER D 255 61.74 -60.10 16.17
CA SER D 255 62.06 -59.26 17.31
C SER D 255 61.47 -57.86 17.13
N ASP D 256 61.41 -57.17 18.25
CA ASP D 256 60.76 -55.85 18.30
C ASP D 256 61.66 -54.75 18.03
N ASP D 257 62.75 -55.02 17.42
CA ASP D 257 63.67 -53.99 16.98
C ASP D 257 63.53 -53.69 15.49
N ALA D 258 62.34 -53.92 14.93
CA ALA D 258 62.03 -53.66 13.52
C ALA D 258 62.85 -54.51 12.57
N THR D 259 63.21 -55.73 12.98
CA THR D 259 63.92 -56.65 12.11
C THR D 259 63.56 -58.07 12.51
N CYS D 260 63.73 -58.99 11.56
CA CYS D 260 63.38 -60.39 11.75
C CYS D 260 64.44 -61.26 11.11
N ARG D 261 65.33 -61.81 11.92
CA ARG D 261 66.44 -62.63 11.45
C ARG D 261 66.07 -64.10 11.44
N LEU D 262 66.78 -64.87 10.62
CA LEU D 262 66.65 -66.32 10.61
C LEU D 262 68.01 -66.95 10.91
N PHE D 263 67.97 -68.16 11.45
CA PHE D 263 69.18 -68.87 11.86
C PHE D 263 69.12 -70.30 11.36
N ASP D 264 70.29 -70.89 11.15
CA ASP D 264 70.42 -72.28 10.74
C ASP D 264 70.95 -73.10 11.90
N LEU D 265 70.25 -74.20 12.22
CA LEU D 265 70.62 -75.01 13.37
C LEU D 265 72.00 -75.64 13.21
N ARG D 266 72.31 -76.14 12.00
CA ARG D 266 73.61 -76.77 11.78
C ARG D 266 74.72 -75.74 11.63
N ALA D 267 74.42 -74.58 11.05
CA ALA D 267 75.43 -73.54 10.88
C ALA D 267 75.71 -72.80 12.18
N ASP D 268 74.71 -72.69 13.05
CA ASP D 268 74.85 -71.98 14.34
C ASP D 268 75.25 -70.53 14.12
N GLN D 269 74.56 -69.88 13.17
CA GLN D 269 74.85 -68.50 12.82
C GLN D 269 73.57 -67.81 12.40
N GLU D 270 73.69 -66.50 12.13
CA GLU D 270 72.60 -65.72 11.57
C GLU D 270 72.82 -65.58 10.08
N LEU D 271 71.77 -65.83 9.30
CA LEU D 271 71.88 -65.85 7.84
C LEU D 271 71.48 -64.52 7.21
N MET D 272 70.27 -64.03 7.48
CA MET D 272 69.83 -62.77 6.92
C MET D 272 69.07 -61.97 7.97
N THR D 273 68.83 -60.70 7.67
CA THR D 273 68.26 -59.76 8.62
C THR D 273 66.79 -59.43 8.36
N TYR D 274 66.37 -59.34 7.10
CA TYR D 274 64.99 -59.03 6.71
C TYR D 274 64.52 -57.74 7.39
N SER D 275 65.19 -56.64 7.05
CA SER D 275 64.88 -55.35 7.62
C SER D 275 64.76 -54.31 6.51
N HIS D 276 63.85 -53.37 6.71
CA HIS D 276 63.65 -52.26 5.80
C HIS D 276 63.85 -50.95 6.54
N ASP D 277 64.43 -49.97 5.87
CA ASP D 277 64.71 -48.68 6.49
C ASP D 277 63.42 -47.96 6.88
N ASN D 278 62.40 -48.04 6.01
CA ASN D 278 61.16 -47.33 6.28
C ASN D 278 60.32 -47.97 7.38
N ILE D 279 60.61 -49.20 7.77
CA ILE D 279 59.85 -49.90 8.80
C ILE D 279 60.50 -49.63 10.15
N ILE D 280 59.70 -49.15 11.10
CA ILE D 280 60.21 -48.82 12.43
C ILE D 280 59.48 -49.64 13.48
N CYS D 281 58.23 -50.00 13.21
CA CYS D 281 57.44 -50.76 14.16
C CYS D 281 57.96 -52.18 14.30
N GLY D 282 57.76 -52.76 15.48
CA GLY D 282 58.26 -54.09 15.77
C GLY D 282 57.42 -55.20 15.17
N ILE D 283 57.97 -56.40 15.23
CA ILE D 283 57.32 -57.61 14.69
C ILE D 283 56.67 -58.37 15.84
N THR D 284 55.49 -58.92 15.58
CA THR D 284 54.74 -59.66 16.58
C THR D 284 54.69 -61.15 16.33
N SER D 285 54.60 -61.59 15.08
CA SER D 285 54.50 -63.01 14.77
C SER D 285 55.11 -63.28 13.40
N VAL D 286 55.65 -64.49 13.24
CA VAL D 286 56.28 -64.92 11.99
C VAL D 286 55.86 -66.35 11.69
N SER D 287 55.96 -66.72 10.40
CA SER D 287 55.65 -68.07 9.96
C SER D 287 56.11 -68.25 8.52
N PHE D 288 56.69 -69.42 8.24
CA PHE D 288 57.01 -69.83 6.88
C PHE D 288 55.82 -70.57 6.28
N SER D 289 55.60 -70.40 4.98
CA SER D 289 54.31 -70.78 4.42
C SER D 289 54.20 -72.28 4.15
N LYS D 290 54.94 -72.78 3.16
CA LYS D 290 54.95 -74.22 2.90
C LYS D 290 56.31 -74.79 2.57
N SER D 291 57.25 -73.98 2.08
CA SER D 291 58.58 -74.46 1.72
C SER D 291 59.68 -73.55 2.24
N GLY D 292 59.34 -72.53 3.02
CA GLY D 292 60.31 -71.60 3.55
C GLY D 292 60.71 -70.49 2.60
N ARG D 293 60.17 -70.46 1.38
CA ARG D 293 60.50 -69.37 0.47
C ARG D 293 59.81 -68.08 0.89
N LEU D 294 58.57 -68.18 1.38
CA LEU D 294 57.82 -67.02 1.85
C LEU D 294 57.82 -67.03 3.38
N LEU D 295 58.28 -65.93 3.98
CA LEU D 295 58.26 -65.76 5.43
C LEU D 295 57.24 -64.68 5.77
N LEU D 296 56.05 -65.11 6.17
CA LEU D 296 55.04 -64.19 6.65
C LEU D 296 55.46 -63.61 7.99
N ALA D 297 55.23 -62.30 8.16
CA ALA D 297 55.67 -61.61 9.37
C ALA D 297 54.62 -60.55 9.73
N GLY D 298 53.99 -60.71 10.88
CA GLY D 298 53.01 -59.74 11.34
C GLY D 298 53.64 -58.63 12.15
N TYR D 299 53.54 -57.40 11.65
CA TYR D 299 54.22 -56.27 12.25
C TYR D 299 53.28 -55.54 13.22
N ASP D 300 53.73 -54.39 13.71
CA ASP D 300 52.98 -53.62 14.70
C ASP D 300 52.19 -52.48 14.09
N ASP D 301 52.54 -52.01 12.89
CA ASP D 301 51.81 -50.93 12.25
C ASP D 301 50.65 -51.44 11.42
N PHE D 302 49.83 -52.29 12.05
CA PHE D 302 48.58 -52.80 11.48
C PHE D 302 48.79 -53.53 10.16
N ASN D 303 50.00 -54.02 9.90
CA ASN D 303 50.31 -54.64 8.61
C ASN D 303 50.97 -55.99 8.85
N CYS D 304 51.18 -56.72 7.75
CA CYS D 304 51.82 -58.04 7.81
C CYS D 304 52.56 -58.23 6.50
N ASN D 305 53.87 -57.97 6.51
CA ASN D 305 54.68 -58.09 5.30
C ASN D 305 54.93 -59.55 4.96
N VAL D 306 55.09 -59.82 3.66
CA VAL D 306 55.43 -61.13 3.15
C VAL D 306 56.83 -61.04 2.56
N TRP D 307 57.76 -61.80 3.13
CA TRP D 307 59.17 -61.70 2.80
C TRP D 307 59.59 -62.89 1.94
N ASP D 308 60.25 -62.59 0.82
CA ASP D 308 60.96 -63.62 0.08
C ASP D 308 62.22 -63.99 0.88
N ALA D 309 62.18 -65.15 1.52
CA ALA D 309 63.22 -65.48 2.50
C ALA D 309 64.60 -65.56 1.85
N LEU D 310 64.68 -66.14 0.65
CA LEU D 310 65.98 -66.26 -0.01
C LEU D 310 66.52 -64.90 -0.42
N LYS D 311 65.67 -64.01 -0.92
CA LYS D 311 66.11 -62.74 -1.49
C LYS D 311 66.08 -61.59 -0.49
N ALA D 312 65.42 -61.77 0.67
CA ALA D 312 65.30 -60.71 1.67
C ALA D 312 64.66 -59.45 1.07
N ASP D 313 63.62 -59.64 0.27
CA ASP D 313 62.86 -58.54 -0.30
C ASP D 313 61.39 -58.75 0.00
N ARG D 314 60.66 -57.65 0.20
CA ARG D 314 59.25 -57.73 0.51
C ARG D 314 58.47 -58.07 -0.75
N ALA D 315 57.67 -59.14 -0.67
CA ALA D 315 56.88 -59.59 -1.82
C ALA D 315 55.46 -59.06 -1.82
N GLY D 316 54.95 -58.64 -0.67
CA GLY D 316 53.61 -58.10 -0.61
C GLY D 316 53.29 -57.65 0.79
N VAL D 317 52.13 -57.04 0.94
CA VAL D 317 51.63 -56.56 2.22
C VAL D 317 50.24 -57.15 2.42
N LEU D 318 49.83 -57.23 3.68
CA LEU D 318 48.55 -57.83 4.03
C LEU D 318 47.69 -56.84 4.80
N ALA D 319 47.60 -55.61 4.29
CA ALA D 319 46.81 -54.58 4.96
C ALA D 319 45.33 -54.94 4.97
N GLY D 320 44.63 -54.41 5.96
CA GLY D 320 43.22 -54.73 6.14
C GLY D 320 42.82 -54.78 7.60
N HIS D 321 43.80 -54.72 8.49
CA HIS D 321 43.56 -54.64 9.92
C HIS D 321 43.77 -53.19 10.37
N ASP D 322 42.81 -52.66 11.12
CA ASP D 322 42.90 -51.30 11.64
C ASP D 322 43.60 -51.24 12.99
N ASN D 323 43.99 -52.39 13.56
CA ASN D 323 44.78 -52.44 14.77
C ASN D 323 45.95 -53.39 14.55
N ARG D 324 46.90 -53.37 15.49
CA ARG D 324 48.13 -54.11 15.31
C ARG D 324 47.85 -55.61 15.22
N VAL D 325 48.66 -56.29 14.40
CA VAL D 325 48.49 -57.71 14.16
C VAL D 325 49.23 -58.48 15.25
N SER D 326 48.50 -59.33 15.97
CA SER D 326 49.08 -60.12 17.05
C SER D 326 49.14 -61.61 16.76
N CYS D 327 48.38 -62.09 15.77
CA CYS D 327 48.36 -63.51 15.44
C CYS D 327 48.69 -63.67 13.96
N LEU D 328 49.36 -64.78 13.65
CA LEU D 328 49.76 -65.06 12.28
C LEU D 328 50.09 -66.53 12.17
N GLY D 329 49.43 -67.24 11.26
CA GLY D 329 49.67 -68.65 11.11
C GLY D 329 49.24 -69.21 9.77
N VAL D 330 50.14 -69.93 9.12
CA VAL D 330 49.82 -70.59 7.88
C VAL D 330 49.23 -71.97 8.16
N THR D 331 48.40 -72.45 7.26
CA THR D 331 47.76 -73.75 7.43
C THR D 331 48.72 -74.87 7.06
N ASP D 332 48.30 -76.10 7.35
CA ASP D 332 49.18 -77.26 7.18
C ASP D 332 49.53 -77.48 5.71
N ASP D 333 48.56 -77.32 4.82
CA ASP D 333 48.79 -77.51 3.38
C ASP D 333 49.22 -76.24 2.68
N GLY D 334 49.45 -75.15 3.42
CA GLY D 334 49.92 -73.91 2.83
C GLY D 334 48.97 -73.30 1.83
N MET D 335 47.66 -73.45 2.04
CA MET D 335 46.66 -72.90 1.16
C MET D 335 46.12 -71.55 1.62
N ALA D 336 46.34 -71.18 2.88
CA ALA D 336 45.77 -69.94 3.41
C ALA D 336 46.56 -69.51 4.64
N VAL D 337 46.31 -68.26 5.05
CA VAL D 337 46.87 -67.68 6.25
C VAL D 337 45.73 -67.21 7.14
N ALA D 338 46.00 -67.13 8.44
CA ALA D 338 44.97 -66.82 9.44
C ALA D 338 45.42 -65.68 10.35
N THR D 339 45.84 -64.58 9.74
CA THR D 339 46.27 -63.42 10.51
C THR D 339 45.13 -62.87 11.36
N GLY D 340 45.42 -62.60 12.63
CA GLY D 340 44.46 -61.97 13.51
C GLY D 340 45.09 -60.81 14.25
N SER D 341 44.31 -59.76 14.44
CA SER D 341 44.82 -58.50 14.96
C SER D 341 44.01 -58.07 16.18
N TRP D 342 44.42 -56.95 16.77
CA TRP D 342 43.79 -56.42 17.97
C TRP D 342 42.40 -55.88 17.72
N ASP D 343 41.97 -55.75 16.47
CA ASP D 343 40.65 -55.21 16.15
C ASP D 343 39.55 -56.26 16.30
N SER D 344 39.82 -57.36 16.99
CA SER D 344 38.85 -58.42 17.25
C SER D 344 38.35 -59.08 15.98
N PHE D 345 39.12 -59.01 14.90
CA PHE D 345 38.75 -59.58 13.61
C PHE D 345 39.80 -60.56 13.16
N LEU D 346 39.38 -61.77 12.84
CA LEU D 346 40.23 -62.74 12.17
C LEU D 346 40.08 -62.62 10.67
N LYS D 347 41.14 -62.95 9.95
CA LYS D 347 41.14 -62.78 8.50
C LYS D 347 41.90 -63.92 7.86
N ILE D 348 41.38 -64.41 6.73
CA ILE D 348 41.98 -65.50 5.98
C ILE D 348 42.36 -64.97 4.60
N TRP D 349 43.61 -65.19 4.20
CA TRP D 349 44.15 -64.60 2.98
C TRP D 349 44.46 -65.69 1.97
N ASN D 350 43.84 -65.59 0.79
CA ASN D 350 44.06 -66.51 -0.32
C ASN D 350 43.88 -67.98 0.06
N ALA E 7 78.14 -68.96 46.03
CA ALA E 7 77.09 -69.19 45.06
C ALA E 7 77.65 -69.39 43.67
N SER E 8 78.52 -70.39 43.53
CA SER E 8 79.13 -70.69 42.24
C SER E 8 78.19 -71.52 41.38
N ILE E 9 76.97 -71.05 41.19
CA ILE E 9 75.98 -71.75 40.37
C ILE E 9 75.62 -70.87 39.18
N ALA E 10 75.70 -69.55 39.36
CA ALA E 10 75.45 -68.64 38.27
C ALA E 10 76.50 -68.81 37.17
N GLN E 11 77.75 -69.03 37.54
CA GLN E 11 78.80 -69.22 36.55
C GLN E 11 78.92 -70.69 36.13
N ALA E 12 78.69 -71.63 37.05
CA ALA E 12 78.89 -73.04 36.74
C ALA E 12 77.98 -73.48 35.59
N ARG E 13 76.68 -73.19 35.70
CA ARG E 13 75.76 -73.47 34.62
C ARG E 13 76.01 -72.59 33.40
N LYS E 14 76.82 -71.53 33.53
CA LYS E 14 77.11 -70.62 32.43
C LYS E 14 78.56 -70.69 31.98
N LEU E 15 79.38 -71.54 32.57
CA LEU E 15 80.76 -71.69 32.15
C LEU E 15 81.22 -73.13 31.97
N VAL E 16 80.56 -74.11 32.60
CA VAL E 16 80.91 -75.51 32.41
C VAL E 16 79.72 -76.37 32.00
N GLU E 17 78.48 -75.92 32.16
CA GLU E 17 77.34 -76.69 31.72
C GLU E 17 76.87 -76.28 30.33
N GLN E 18 76.56 -74.99 30.14
CA GLN E 18 76.08 -74.50 28.87
C GLN E 18 77.21 -74.00 27.97
N LEU E 19 78.14 -73.22 28.53
CA LEU E 19 79.19 -72.65 27.71
C LEU E 19 80.15 -73.72 27.20
N LYS E 20 80.60 -74.62 28.08
CA LYS E 20 81.55 -75.64 27.67
C LYS E 20 80.92 -76.68 26.75
N MET E 21 79.59 -76.76 26.70
CA MET E 21 78.91 -77.71 25.83
C MET E 21 78.55 -77.09 24.49
N GLU E 22 78.16 -75.82 24.47
CA GLU E 22 77.81 -75.16 23.21
C GLU E 22 79.03 -75.04 22.30
N ALA E 23 80.21 -74.79 22.88
CA ALA E 23 81.41 -74.69 22.07
C ALA E 23 81.81 -76.03 21.46
N ASN E 24 81.48 -77.13 22.12
CA ASN E 24 81.81 -78.46 21.62
C ASN E 24 80.63 -79.05 20.86
N ILE E 25 80.37 -78.47 19.69
CA ILE E 25 79.34 -78.93 18.78
C ILE E 25 79.91 -78.92 17.37
N ASP E 26 79.68 -80.00 16.63
CA ASP E 26 80.12 -80.05 15.25
C ASP E 26 79.37 -79.01 14.43
N ARG E 27 80.12 -78.15 13.74
CA ARG E 27 79.57 -77.06 12.96
C ARG E 27 79.99 -77.21 11.51
N ILE E 28 79.04 -77.07 10.59
CA ILE E 28 79.31 -77.12 9.17
C ILE E 28 79.41 -75.71 8.64
N LYS E 29 80.06 -75.56 7.48
CA LYS E 29 80.13 -74.27 6.82
C LYS E 29 78.75 -73.84 6.37
N VAL E 30 78.53 -72.52 6.34
CA VAL E 30 77.22 -71.96 6.06
C VAL E 30 76.75 -72.27 4.64
N SER E 31 77.67 -72.56 3.73
CA SER E 31 77.29 -72.81 2.34
C SER E 31 76.38 -74.02 2.22
N LYS E 32 76.70 -75.10 2.94
CA LYS E 32 75.93 -76.33 2.85
C LYS E 32 74.56 -76.22 3.53
N ALA E 33 74.31 -75.14 4.27
CA ALA E 33 72.99 -74.88 4.82
C ALA E 33 72.20 -73.91 3.96
N ALA E 34 72.88 -72.89 3.41
CA ALA E 34 72.23 -71.99 2.47
C ALA E 34 71.75 -72.75 1.23
N ALA E 35 72.65 -73.52 0.61
CA ALA E 35 72.25 -74.37 -0.51
C ALA E 35 71.85 -75.76 -0.02
N ASP E 36 71.06 -75.76 1.04
CA ASP E 36 70.19 -76.85 1.47
C ASP E 36 68.79 -76.34 1.73
N LEU E 37 68.67 -75.15 2.33
CA LEU E 37 67.39 -74.45 2.33
C LEU E 37 66.97 -74.10 0.91
N MET E 38 67.93 -73.71 0.08
CA MET E 38 67.63 -73.45 -1.32
C MET E 38 67.13 -74.71 -2.02
N ALA E 39 67.77 -75.85 -1.76
CA ALA E 39 67.32 -77.10 -2.36
C ALA E 39 65.93 -77.48 -1.87
N TYR E 40 65.66 -77.31 -0.58
CA TYR E 40 64.35 -77.65 -0.04
C TYR E 40 63.26 -76.78 -0.66
N CYS E 41 63.51 -75.48 -0.79
CA CYS E 41 62.49 -74.61 -1.34
C CYS E 41 62.34 -74.77 -2.84
N GLU E 42 63.40 -75.18 -3.53
CA GLU E 42 63.30 -75.41 -4.97
C GLU E 42 62.56 -76.72 -5.26
N ALA E 43 62.79 -77.75 -4.44
CA ALA E 43 62.11 -79.02 -4.63
C ALA E 43 60.67 -79.01 -4.16
N HIS E 44 60.25 -77.97 -3.42
CA HIS E 44 58.89 -77.86 -2.92
C HIS E 44 58.16 -76.66 -3.51
N ALA E 45 58.58 -76.20 -4.68
CA ALA E 45 57.91 -75.06 -5.31
C ALA E 45 56.56 -75.45 -5.90
N LYS E 46 56.44 -76.65 -6.44
CA LYS E 46 55.18 -77.07 -7.06
C LYS E 46 54.10 -77.36 -6.02
N GLU E 47 54.50 -77.77 -4.82
CA GLU E 47 53.57 -78.12 -3.75
C GLU E 47 53.37 -76.99 -2.76
N ASP E 48 53.66 -75.75 -3.15
CA ASP E 48 53.51 -74.59 -2.29
C ASP E 48 52.39 -73.71 -2.85
N PRO E 49 51.16 -73.80 -2.34
CA PRO E 49 50.05 -73.06 -2.94
C PRO E 49 49.95 -71.63 -2.43
N LEU E 50 51.08 -70.96 -2.27
CA LEU E 50 51.08 -69.53 -2.01
C LEU E 50 52.06 -68.84 -2.96
N LEU E 51 53.12 -69.55 -3.34
CA LEU E 51 53.98 -69.07 -4.41
C LEU E 51 53.29 -69.21 -5.77
N THR E 52 52.70 -70.37 -6.03
CA THR E 52 51.96 -70.63 -7.25
C THR E 52 50.51 -70.89 -6.88
N PRO E 53 49.61 -69.92 -7.07
CA PRO E 53 48.21 -70.12 -6.68
C PRO E 53 47.59 -71.29 -7.42
N VAL E 54 46.80 -72.06 -6.69
CA VAL E 54 46.13 -73.25 -7.23
C VAL E 54 45.00 -72.80 -8.15
N PRO E 55 44.50 -73.67 -9.03
CA PRO E 55 43.33 -73.30 -9.83
C PRO E 55 42.13 -73.01 -8.94
N ALA E 56 41.25 -72.14 -9.43
CA ALA E 56 40.11 -71.70 -8.63
C ALA E 56 39.25 -72.87 -8.18
N SER E 57 39.03 -73.84 -9.07
CA SER E 57 38.26 -75.03 -8.69
C SER E 57 38.97 -75.81 -7.59
N GLU E 58 40.29 -75.97 -7.71
CA GLU E 58 41.05 -76.67 -6.68
C GLU E 58 41.03 -75.90 -5.37
N ASN E 59 41.17 -74.57 -5.43
CA ASN E 59 41.16 -73.75 -4.23
C ASN E 59 39.80 -73.84 -3.55
N PRO E 60 39.75 -74.18 -2.26
CA PRO E 60 38.47 -74.28 -1.55
C PRO E 60 37.94 -72.95 -1.02
N PHE E 61 38.61 -71.84 -1.31
CA PHE E 61 38.23 -70.56 -0.74
C PHE E 61 37.78 -69.60 -1.83
N VAL F 40 25.77 -90.37 30.23
CA VAL F 40 24.73 -90.19 29.22
C VAL F 40 23.65 -91.25 29.36
N GLN F 41 22.40 -90.81 29.47
CA GLN F 41 21.28 -91.73 29.63
C GLN F 41 20.02 -91.06 29.13
N LEU F 42 19.44 -91.59 28.06
CA LEU F 42 18.21 -91.08 27.48
C LEU F 42 17.09 -92.08 27.75
N VAL F 43 15.93 -91.57 28.17
CA VAL F 43 14.76 -92.40 28.41
C VAL F 43 13.51 -91.61 28.05
N GLU F 44 12.48 -92.33 27.61
CA GLU F 44 11.17 -91.73 27.37
C GLU F 44 10.10 -92.67 27.90
N SER F 45 8.93 -92.10 28.20
CA SER F 45 7.83 -92.88 28.74
C SER F 45 6.52 -92.33 28.20
N GLY F 46 5.48 -93.16 28.28
CA GLY F 46 4.18 -92.77 27.77
C GLY F 46 3.59 -93.78 26.80
N GLY F 47 4.06 -95.02 26.83
CA GLY F 47 3.56 -96.04 25.95
C GLY F 47 2.22 -96.60 26.41
N GLY F 48 1.73 -97.58 25.65
CA GLY F 48 0.50 -98.25 26.01
C GLY F 48 -0.41 -98.58 24.84
N LEU F 49 -1.71 -98.63 25.11
CA LEU F 49 -2.72 -98.89 24.10
C LEU F 49 -3.60 -97.66 23.94
N VAL F 50 -3.90 -97.30 22.70
CA VAL F 50 -4.68 -96.12 22.38
C VAL F 50 -5.88 -96.54 21.53
N GLN F 51 -7.07 -96.12 21.94
CA GLN F 51 -8.24 -96.22 21.08
C GLN F 51 -8.15 -95.17 19.99
N PRO F 52 -8.36 -95.53 18.72
CA PRO F 52 -8.12 -94.57 17.63
C PRO F 52 -8.96 -93.31 17.77
N GLY F 53 -8.37 -92.19 17.37
CA GLY F 53 -8.99 -90.89 17.52
C GLY F 53 -8.61 -90.14 18.76
N GLY F 54 -7.66 -90.64 19.55
CA GLY F 54 -7.24 -90.01 20.78
C GLY F 54 -5.85 -89.41 20.70
N SER F 55 -5.53 -88.64 21.73
CA SER F 55 -4.26 -87.92 21.83
C SER F 55 -3.37 -88.60 22.86
N ARG F 56 -2.06 -88.48 22.67
CA ARG F 56 -1.10 -89.05 23.60
C ARG F 56 0.10 -88.12 23.72
N LYS F 57 0.50 -87.86 24.96
CA LYS F 57 1.66 -87.01 25.27
C LYS F 57 2.85 -87.91 25.55
N LEU F 58 3.73 -88.05 24.57
CA LEU F 58 4.93 -88.88 24.70
C LEU F 58 6.12 -87.99 25.01
N SER F 59 6.76 -88.22 26.16
CA SER F 59 7.81 -87.37 26.67
C SER F 59 9.08 -88.15 26.91
N CYS F 60 10.21 -87.51 26.65
CA CYS F 60 11.53 -88.08 26.86
C CYS F 60 12.24 -87.35 27.98
N SER F 61 12.91 -88.11 28.85
CA SER F 61 13.59 -87.57 30.03
C SER F 61 15.10 -87.71 29.80
N ALA F 62 15.68 -86.69 29.17
CA ALA F 62 17.13 -86.69 28.95
C ALA F 62 17.86 -86.48 30.26
N SER F 63 19.06 -87.06 30.35
CA SER F 63 19.86 -86.96 31.56
C SER F 63 21.31 -87.28 31.23
N GLY F 64 22.22 -86.52 31.83
CA GLY F 64 23.64 -86.85 31.76
C GLY F 64 24.42 -86.25 30.62
N PHE F 65 23.89 -85.22 29.95
CA PHE F 65 24.63 -84.55 28.90
C PHE F 65 24.07 -83.15 28.71
N ALA F 66 24.78 -82.36 27.91
CA ALA F 66 24.40 -80.97 27.63
C ALA F 66 23.21 -80.98 26.69
N PHE F 67 22.00 -81.03 27.26
CA PHE F 67 20.79 -81.21 26.47
C PHE F 67 20.57 -80.05 25.52
N SER F 68 20.82 -78.82 25.97
CA SER F 68 20.54 -77.64 25.17
C SER F 68 21.43 -77.54 23.93
N SER F 69 22.51 -78.29 23.86
CA SER F 69 23.43 -78.27 22.73
C SER F 69 23.36 -79.56 21.92
N PHE F 70 22.15 -80.09 21.74
CA PHE F 70 21.95 -81.32 21.00
C PHE F 70 20.62 -81.25 20.26
N GLY F 71 20.66 -81.51 18.96
CA GLY F 71 19.44 -81.59 18.18
C GLY F 71 18.79 -82.94 18.32
N MET F 72 17.69 -83.01 19.05
CA MET F 72 17.04 -84.29 19.31
C MET F 72 16.18 -84.71 18.13
N HIS F 73 15.95 -86.02 18.05
CA HIS F 73 15.20 -86.62 16.95
C HIS F 73 14.12 -87.52 17.53
N TRP F 74 13.38 -88.17 16.64
CA TRP F 74 12.46 -89.23 17.01
C TRP F 74 12.40 -90.20 15.84
N VAL F 75 12.50 -91.50 16.13
CA VAL F 75 12.52 -92.52 15.10
C VAL F 75 11.55 -93.63 15.52
N ARG F 76 10.59 -93.92 14.64
CA ARG F 76 9.61 -94.96 14.91
C ARG F 76 10.10 -96.30 14.35
N GLN F 77 9.46 -97.38 14.82
CA GLN F 77 9.72 -98.70 14.27
C GLN F 77 8.51 -99.58 14.53
N ALA F 78 7.88 -100.07 13.47
CA ALA F 78 6.79 -101.00 13.61
C ALA F 78 7.29 -102.30 14.22
N PRO F 79 6.41 -103.11 14.82
CA PRO F 79 6.89 -104.27 15.60
C PRO F 79 7.81 -105.20 14.82
N GLU F 80 7.55 -105.47 13.55
CA GLU F 80 8.38 -106.38 12.78
C GLU F 80 8.61 -105.87 11.37
N LYS F 81 8.68 -104.56 11.19
CA LYS F 81 8.80 -103.98 9.86
C LYS F 81 10.14 -103.29 9.62
N GLY F 82 10.49 -102.32 10.43
CA GLY F 82 11.71 -101.56 10.21
C GLY F 82 11.52 -100.11 10.62
N LEU F 83 12.65 -99.43 10.81
CA LEU F 83 12.62 -98.06 11.33
C LEU F 83 12.08 -97.08 10.29
N GLU F 84 11.38 -96.07 10.78
CA GLU F 84 10.88 -94.97 9.96
C GLU F 84 11.00 -93.69 10.77
N TRP F 85 11.87 -92.78 10.35
CA TRP F 85 12.05 -91.53 11.06
C TRP F 85 10.78 -90.69 10.98
N VAL F 86 10.41 -90.06 12.10
CA VAL F 86 9.10 -89.45 12.25
C VAL F 86 9.19 -87.93 12.39
N ALA F 87 10.13 -87.42 13.17
CA ALA F 87 10.16 -85.98 13.40
C ALA F 87 11.58 -85.55 13.76
N TYR F 88 11.73 -84.31 14.22
CA TYR F 88 13.02 -83.72 14.52
C TYR F 88 12.82 -82.38 15.24
N ILE F 89 13.72 -82.08 16.16
CA ILE F 89 13.81 -80.77 16.78
C ILE F 89 15.27 -80.36 16.83
N SER F 90 15.54 -79.08 16.57
CA SER F 90 16.91 -78.60 16.52
C SER F 90 17.33 -78.09 17.89
N SER F 91 18.60 -77.71 18.00
CA SER F 91 19.08 -77.09 19.23
C SER F 91 18.34 -75.79 19.46
N GLY F 92 17.89 -75.59 20.70
CA GLY F 92 16.96 -74.51 20.95
C GLY F 92 15.59 -74.86 20.42
N SER F 93 14.93 -73.89 19.81
CA SER F 93 13.59 -74.06 19.26
C SER F 93 13.57 -73.63 17.79
N GLY F 94 14.49 -74.19 17.01
CA GLY F 94 14.62 -73.81 15.62
C GLY F 94 13.71 -74.58 14.69
N THR F 95 14.28 -75.19 13.66
CA THR F 95 13.49 -75.88 12.65
C THR F 95 12.82 -77.13 13.20
N ILE F 96 11.56 -77.32 12.83
CA ILE F 96 10.82 -78.54 13.11
C ILE F 96 10.56 -79.23 11.78
N TYR F 97 10.82 -80.53 11.73
CA TYR F 97 10.93 -81.24 10.46
C TYR F 97 10.12 -82.53 10.48
N TYR F 98 8.84 -82.43 10.84
CA TYR F 98 7.95 -83.59 10.82
C TYR F 98 8.04 -84.36 9.52
N ALA F 99 7.80 -85.66 9.59
CA ALA F 99 7.75 -86.50 8.40
C ALA F 99 6.39 -86.36 7.72
N ASP F 100 6.36 -86.72 6.44
CA ASP F 100 5.16 -86.50 5.64
C ASP F 100 3.99 -87.33 6.14
N THR F 101 4.24 -88.57 6.55
CA THR F 101 3.15 -89.45 6.95
C THR F 101 2.47 -88.99 8.24
N VAL F 102 3.11 -88.11 9.01
CA VAL F 102 2.59 -87.70 10.31
C VAL F 102 2.51 -86.19 10.41
N LYS F 103 2.75 -85.50 9.29
CA LYS F 103 2.76 -84.05 9.30
C LYS F 103 1.40 -83.50 9.73
N GLY F 104 1.42 -82.58 10.68
CA GLY F 104 0.22 -82.03 11.26
C GLY F 104 -0.39 -82.87 12.37
N ARG F 105 -0.32 -84.19 12.24
CA ARG F 105 -0.87 -85.09 13.25
C ARG F 105 -0.02 -85.18 14.50
N PHE F 106 1.29 -84.99 14.40
CA PHE F 106 2.19 -85.08 15.55
C PHE F 106 2.87 -83.73 15.76
N THR F 107 3.12 -83.39 17.02
CA THR F 107 3.80 -82.16 17.38
C THR F 107 5.01 -82.50 18.26
N ILE F 108 6.09 -81.76 18.07
CA ILE F 108 7.33 -81.98 18.80
C ILE F 108 7.62 -80.74 19.66
N SER F 109 7.89 -80.98 20.94
CA SER F 109 8.21 -79.90 21.87
C SER F 109 9.33 -80.34 22.78
N ARG F 110 10.02 -79.36 23.36
CA ARG F 110 11.13 -79.62 24.27
C ARG F 110 11.08 -78.60 25.40
N ASP F 111 11.69 -78.98 26.53
CA ASP F 111 11.81 -78.11 27.69
C ASP F 111 13.27 -78.16 28.14
N ASP F 112 14.05 -77.17 27.71
CA ASP F 112 15.49 -77.19 27.96
C ASP F 112 15.88 -77.18 29.44
N PRO F 113 15.37 -76.26 30.29
CA PRO F 113 15.93 -76.17 31.64
C PRO F 113 15.69 -77.39 32.51
N LYS F 114 14.62 -78.15 32.27
CA LYS F 114 14.39 -79.39 32.97
C LYS F 114 14.95 -80.59 32.22
N ASN F 115 15.60 -80.36 31.08
CA ASN F 115 16.16 -81.42 30.23
C ASN F 115 15.08 -82.42 29.83
N THR F 116 14.09 -81.92 29.10
CA THR F 116 12.93 -82.72 28.73
C THR F 116 12.63 -82.55 27.25
N LEU F 117 12.20 -83.63 26.62
CA LEU F 117 11.80 -83.64 25.22
C LEU F 117 10.47 -84.37 25.11
N PHE F 118 9.67 -83.99 24.11
CA PHE F 118 8.31 -84.47 24.00
C PHE F 118 8.02 -84.95 22.58
N LEU F 119 6.85 -85.58 22.43
CA LEU F 119 6.29 -85.87 21.11
C LEU F 119 4.78 -85.96 21.28
N GLN F 120 4.08 -84.90 20.92
CA GLN F 120 2.62 -84.91 20.97
C GLN F 120 2.09 -85.73 19.80
N MET F 121 1.07 -86.54 20.06
CA MET F 121 0.45 -87.37 19.03
C MET F 121 -1.06 -87.16 19.05
N THR F 122 -1.65 -87.07 17.87
CA THR F 122 -3.09 -86.91 17.73
C THR F 122 -3.63 -87.94 16.76
N SER F 123 -4.86 -88.37 16.99
CA SER F 123 -5.58 -89.25 16.07
C SER F 123 -4.78 -90.53 15.80
N LEU F 124 -4.64 -91.31 16.87
CA LEU F 124 -3.98 -92.61 16.78
C LEU F 124 -4.47 -93.39 15.57
N ARG F 125 -3.54 -93.75 14.68
CA ARG F 125 -3.87 -94.31 13.38
C ARG F 125 -3.60 -95.81 13.35
N SER F 126 -3.90 -96.42 12.20
CA SER F 126 -3.66 -97.85 12.01
C SER F 126 -2.16 -98.16 12.02
N GLU F 127 -1.36 -97.33 11.35
CA GLU F 127 0.08 -97.51 11.32
C GLU F 127 0.79 -96.85 12.50
N ASP F 128 0.04 -96.25 13.42
CA ASP F 128 0.64 -95.62 14.59
C ASP F 128 1.27 -96.63 15.53
N THR F 129 0.87 -97.90 15.45
CA THR F 129 1.40 -98.94 16.32
C THR F 129 2.86 -99.18 15.97
N ALA F 130 3.76 -98.66 16.80
CA ALA F 130 5.19 -98.76 16.56
C ALA F 130 5.93 -98.42 17.85
N MET F 131 7.22 -98.73 17.86
CA MET F 131 8.09 -98.41 18.99
C MET F 131 8.91 -97.18 18.63
N TYR F 132 8.76 -96.12 19.41
CA TYR F 132 9.37 -94.83 19.09
C TYR F 132 10.65 -94.65 19.89
N TYR F 133 11.70 -94.19 19.21
CA TYR F 133 13.00 -93.98 19.82
C TYR F 133 13.36 -92.50 19.77
N CYS F 134 14.11 -92.06 20.78
CA CYS F 134 14.67 -90.71 20.82
C CYS F 134 16.18 -90.83 20.67
N VAL F 135 16.72 -90.25 19.60
CA VAL F 135 18.14 -90.37 19.27
C VAL F 135 18.77 -88.99 19.27
N ARG F 136 19.90 -88.86 19.96
CA ARG F 136 20.59 -87.60 20.11
C ARG F 136 21.57 -87.38 18.96
N SER F 137 21.66 -86.13 18.50
CA SER F 137 22.59 -85.78 17.44
C SER F 137 22.97 -84.32 17.57
N ILE F 138 24.23 -84.01 17.22
CA ILE F 138 24.74 -82.65 17.18
C ILE F 138 25.40 -82.44 15.83
N TYR F 139 25.23 -81.25 15.27
CA TYR F 139 25.73 -80.93 13.94
C TYR F 139 26.75 -79.79 14.03
N TYR F 140 28.02 -80.15 14.11
CA TYR F 140 29.11 -79.24 13.85
C TYR F 140 30.16 -80.00 13.05
N TYR F 141 31.17 -79.28 12.57
CA TYR F 141 32.19 -79.92 11.75
C TYR F 141 32.91 -80.99 12.55
N GLY F 142 32.83 -82.23 12.08
CA GLY F 142 33.45 -83.36 12.75
C GLY F 142 32.57 -84.08 13.75
N SER F 143 31.37 -83.57 14.02
CA SER F 143 30.49 -84.24 14.97
C SER F 143 29.92 -85.51 14.37
N SER F 144 29.43 -86.39 15.24
CA SER F 144 28.87 -87.68 14.84
C SER F 144 27.40 -87.71 15.21
N PRO F 145 26.49 -87.39 14.28
CA PRO F 145 25.07 -87.43 14.59
C PRO F 145 24.57 -88.84 14.81
N PHE F 146 23.43 -88.94 15.50
CA PHE F 146 22.78 -90.22 15.78
C PHE F 146 23.68 -91.15 16.58
N ASP F 147 24.46 -90.58 17.50
CA ASP F 147 25.42 -91.37 18.24
C ASP F 147 24.80 -92.16 19.39
N PHE F 148 23.76 -91.62 20.02
CA PHE F 148 23.16 -92.25 21.19
C PHE F 148 21.66 -92.40 21.02
N TRP F 149 21.12 -93.53 21.47
CA TRP F 149 19.70 -93.82 21.40
C TRP F 149 19.21 -94.25 22.78
N GLY F 150 17.93 -93.99 23.03
CA GLY F 150 17.29 -94.44 24.25
C GLY F 150 16.47 -95.70 24.03
N GLN F 151 16.25 -96.43 25.11
CA GLN F 151 15.42 -97.64 25.03
C GLN F 151 14.00 -97.26 24.63
N GLY F 152 13.54 -97.83 23.52
CA GLY F 152 12.31 -97.38 22.89
C GLY F 152 11.05 -97.87 23.59
N THR F 153 10.02 -97.04 23.54
CA THR F 153 8.71 -97.36 24.10
C THR F 153 7.74 -97.70 22.97
N THR F 154 6.96 -98.75 23.17
CA THR F 154 6.00 -99.21 22.19
C THR F 154 4.62 -98.63 22.50
N LEU F 155 3.98 -98.04 21.51
CA LEU F 155 2.63 -97.51 21.61
C LEU F 155 1.82 -98.12 20.47
N THR F 156 1.01 -99.14 20.79
CA THR F 156 0.29 -99.89 19.77
C THR F 156 -0.94 -99.13 19.30
N VAL F 157 -1.80 -99.78 18.54
CA VAL F 157 -3.01 -99.14 18.06
C VAL F 157 -4.20 -100.08 18.22
N ASP F 175 12.06 -87.99 -0.95
CA ASP F 175 11.73 -89.40 -0.76
C ASP F 175 12.75 -90.30 -1.44
N ILE F 176 13.99 -90.22 -0.98
CA ILE F 176 15.10 -90.98 -1.55
C ILE F 176 14.93 -92.43 -1.11
N VAL F 177 14.48 -93.28 -2.03
CA VAL F 177 14.21 -94.68 -1.71
C VAL F 177 15.51 -95.43 -1.57
N MET F 178 15.74 -96.02 -0.40
CA MET F 178 16.95 -96.79 -0.13
C MET F 178 16.55 -98.22 0.19
N THR F 179 17.12 -99.17 -0.56
CA THR F 179 16.72 -100.57 -0.48
C THR F 179 17.90 -101.44 -0.07
N GLN F 180 17.65 -102.37 0.84
CA GLN F 180 18.58 -103.44 1.19
C GLN F 180 17.95 -104.73 0.69
N ALA F 181 18.37 -105.17 -0.50
CA ALA F 181 17.68 -106.27 -1.17
C ALA F 181 17.68 -107.54 -0.33
N THR F 182 18.73 -107.74 0.47
CA THR F 182 18.85 -108.91 1.32
C THR F 182 18.36 -108.57 2.71
N SER F 183 17.23 -109.15 3.11
CA SER F 183 16.68 -108.95 4.44
C SER F 183 17.09 -110.05 5.42
N SER F 184 17.83 -111.05 4.96
CA SER F 184 18.26 -112.15 5.83
C SER F 184 19.43 -112.85 5.17
N VAL F 185 20.59 -112.83 5.84
CA VAL F 185 21.77 -113.55 5.37
C VAL F 185 22.31 -114.41 6.50
N PRO F 186 22.41 -115.72 6.32
CA PRO F 186 23.09 -116.56 7.31
C PRO F 186 24.60 -116.50 7.11
N VAL F 187 25.28 -115.79 8.00
CA VAL F 187 26.71 -115.55 7.88
C VAL F 187 27.46 -116.40 8.90
N THR F 188 28.43 -117.17 8.42
CA THR F 188 29.24 -117.98 9.32
C THR F 188 30.08 -117.06 10.20
N PRO F 189 30.09 -117.26 11.51
CA PRO F 189 30.92 -116.41 12.37
C PRO F 189 32.40 -116.62 12.13
N GLY F 190 33.15 -115.53 12.27
CA GLY F 190 34.58 -115.56 12.18
C GLY F 190 35.16 -115.15 10.84
N GLU F 191 34.37 -115.18 9.76
CA GLU F 191 34.98 -114.94 8.46
C GLU F 191 34.86 -113.49 7.99
N SER F 192 33.65 -113.05 7.62
CA SER F 192 33.45 -111.74 7.03
C SER F 192 31.98 -111.55 6.70
N VAL F 193 31.64 -110.34 6.26
CA VAL F 193 30.33 -110.02 5.72
C VAL F 193 30.47 -108.78 4.85
N SER F 194 29.57 -108.63 3.88
CA SER F 194 29.61 -107.56 2.91
C SER F 194 28.23 -106.95 2.72
N ILE F 195 27.58 -106.59 3.83
CA ILE F 195 26.25 -105.98 3.81
C ILE F 195 26.26 -104.77 2.89
N SER F 196 25.26 -104.69 2.02
CA SER F 196 25.18 -103.64 1.01
C SER F 196 23.84 -102.92 1.07
N CYS F 197 23.85 -101.65 0.72
CA CYS F 197 22.65 -100.84 0.60
C CYS F 197 22.80 -99.92 -0.59
N ARG F 198 21.68 -99.57 -1.21
CA ARG F 198 21.69 -98.71 -2.38
C ARG F 198 20.59 -97.66 -2.25
N SER F 199 20.81 -96.53 -2.92
CA SER F 199 19.88 -95.41 -2.89
C SER F 199 19.38 -95.12 -4.30
N SER F 200 18.62 -94.03 -4.44
CA SER F 200 18.15 -93.59 -5.75
C SER F 200 18.89 -92.37 -6.26
N LYS F 201 19.38 -91.51 -5.37
CA LYS F 201 20.15 -90.33 -5.73
C LYS F 201 21.57 -90.45 -5.21
N SER F 202 22.46 -89.64 -5.77
CA SER F 202 23.86 -89.64 -5.36
C SER F 202 24.00 -88.90 -4.03
N LEU F 203 24.41 -89.64 -2.99
CA LEU F 203 24.62 -89.03 -1.68
C LEU F 203 25.86 -88.15 -1.61
N LEU F 204 26.71 -88.19 -2.64
CA LEU F 204 27.91 -87.36 -2.65
C LEU F 204 27.52 -85.91 -2.84
N HIS F 205 27.63 -85.12 -1.77
CA HIS F 205 27.33 -83.70 -1.85
C HIS F 205 28.57 -82.94 -2.32
N SER F 206 28.37 -81.66 -2.65
CA SER F 206 29.45 -80.85 -3.20
C SER F 206 30.60 -80.68 -2.19
N ASN F 207 30.29 -80.60 -0.91
CA ASN F 207 31.34 -80.43 0.10
C ASN F 207 32.24 -81.64 0.23
N GLY F 208 31.85 -82.79 -0.33
CA GLY F 208 32.73 -83.93 -0.44
C GLY F 208 32.47 -85.10 0.49
N ASN F 209 31.35 -85.10 1.21
CA ASN F 209 31.04 -86.19 2.13
C ASN F 209 29.66 -86.76 1.85
N THR F 210 29.60 -88.07 1.65
CA THR F 210 28.33 -88.76 1.51
C THR F 210 27.70 -88.94 2.89
N TYR F 211 26.38 -88.78 2.96
CA TYR F 211 25.67 -88.68 4.23
C TYR F 211 24.91 -89.96 4.59
N LEU F 212 25.49 -91.13 4.32
CA LEU F 212 24.88 -92.40 4.68
C LEU F 212 25.30 -92.80 6.09
N TYR F 213 24.34 -93.29 6.88
CA TYR F 213 24.60 -93.77 8.23
C TYR F 213 24.29 -95.25 8.32
N TRP F 214 25.10 -95.95 9.13
CA TRP F 214 24.89 -97.36 9.43
C TRP F 214 24.59 -97.52 10.91
N PHE F 215 23.72 -98.47 11.23
CA PHE F 215 23.33 -98.73 12.61
C PHE F 215 23.28 -100.22 12.85
N LEU F 216 23.19 -100.60 14.12
CA LEU F 216 23.11 -101.99 14.53
C LEU F 216 22.02 -102.14 15.58
N GLN F 217 21.24 -103.23 15.47
CA GLN F 217 20.10 -103.47 16.35
C GLN F 217 20.12 -104.94 16.76
N ARG F 218 20.76 -105.21 17.91
CA ARG F 218 20.70 -106.55 18.47
C ARG F 218 19.35 -106.77 19.14
N PRO F 219 18.90 -108.02 19.22
CA PRO F 219 17.66 -108.31 19.95
C PRO F 219 17.74 -107.79 21.39
N GLY F 220 16.68 -107.11 21.81
CA GLY F 220 16.66 -106.52 23.13
C GLY F 220 17.69 -105.44 23.35
N GLN F 221 17.88 -104.57 22.35
CA GLN F 221 18.86 -103.49 22.47
C GLN F 221 18.43 -102.34 21.57
N SER F 222 18.61 -101.12 22.07
CA SER F 222 18.35 -99.94 21.26
C SER F 222 19.36 -99.84 20.13
N PRO F 223 19.02 -99.21 19.01
CA PRO F 223 19.99 -99.08 17.92
C PRO F 223 21.24 -98.32 18.36
N GLN F 224 22.39 -98.75 17.84
CA GLN F 224 23.66 -98.14 18.14
C GLN F 224 24.34 -97.68 16.86
N LEU F 225 25.10 -96.61 16.95
CA LEU F 225 25.76 -96.07 15.77
C LEU F 225 26.85 -97.02 15.28
N LEU F 226 27.12 -96.92 13.99
CA LEU F 226 28.13 -97.73 13.31
C LEU F 226 28.85 -96.79 12.36
N ILE F 227 29.55 -97.34 11.38
CA ILE F 227 30.24 -96.52 10.37
C ILE F 227 29.26 -95.52 9.79
N TYR F 228 29.53 -94.23 10.01
CA TYR F 228 28.64 -93.16 9.62
C TYR F 228 29.31 -92.25 8.59
N ARG F 229 28.50 -91.64 7.74
CA ARG F 229 28.98 -90.73 6.70
C ARG F 229 30.04 -91.42 5.84
N MET F 230 29.66 -92.59 5.33
CA MET F 230 30.54 -93.49 4.57
C MET F 230 31.65 -93.90 5.55
N SER F 231 32.92 -93.86 5.16
CA SER F 231 33.99 -94.43 5.95
C SER F 231 34.46 -93.51 7.08
N ASN F 232 33.58 -93.34 8.05
CA ASN F 232 33.94 -92.78 9.35
C ASN F 232 33.44 -93.72 10.43
N LEU F 233 34.08 -93.67 11.59
CA LEU F 233 33.77 -94.58 12.68
C LEU F 233 33.37 -93.80 13.93
N ALA F 234 32.44 -94.37 14.68
CA ALA F 234 31.93 -93.75 15.89
C ALA F 234 32.69 -94.26 17.12
N SER F 235 32.41 -93.63 18.25
CA SER F 235 33.04 -94.01 19.51
C SER F 235 32.42 -95.29 20.06
N GLY F 236 33.25 -96.11 20.69
CA GLY F 236 32.80 -97.39 21.20
C GLY F 236 32.62 -98.47 20.17
N VAL F 237 32.98 -98.21 18.92
CA VAL F 237 32.77 -99.13 17.81
C VAL F 237 34.10 -99.77 17.46
N PRO F 238 34.20 -101.10 17.43
CA PRO F 238 35.51 -101.74 17.17
C PRO F 238 36.05 -101.37 15.79
N ASP F 239 37.37 -101.36 15.70
CA ASP F 239 38.04 -100.96 14.47
C ASP F 239 37.85 -101.96 13.34
N ARG F 240 37.39 -103.17 13.65
CA ARG F 240 37.13 -104.16 12.60
C ARG F 240 36.03 -103.69 11.66
N PHE F 241 35.14 -102.82 12.15
CA PHE F 241 34.06 -102.30 11.32
C PHE F 241 34.59 -101.32 10.29
N SER F 242 34.13 -101.48 9.06
CA SER F 242 34.49 -100.56 7.98
C SER F 242 33.40 -100.60 6.93
N GLY F 243 33.36 -99.55 6.10
CA GLY F 243 32.37 -99.49 5.04
C GLY F 243 32.66 -98.39 4.04
N SER F 244 32.57 -98.70 2.75
CA SER F 244 32.83 -97.73 1.71
C SER F 244 31.94 -98.05 0.51
N GLY F 245 31.72 -97.03 -0.32
CA GLY F 245 30.92 -97.20 -1.51
C GLY F 245 30.68 -95.86 -2.16
N SER F 246 30.23 -95.92 -3.41
CA SER F 246 29.99 -94.75 -4.22
C SER F 246 28.57 -94.25 -3.98
N GLY F 247 28.21 -93.17 -4.67
CA GLY F 247 26.82 -92.76 -4.67
C GLY F 247 25.95 -93.80 -5.36
N THR F 248 24.72 -93.93 -4.88
CA THR F 248 23.67 -94.82 -5.36
C THR F 248 23.91 -96.28 -4.95
N ALA F 249 25.04 -96.62 -4.33
CA ALA F 249 25.29 -97.98 -3.90
C ALA F 249 26.44 -97.99 -2.90
N PHE F 250 26.21 -98.60 -1.73
CA PHE F 250 27.18 -98.63 -0.66
C PHE F 250 27.31 -100.03 -0.10
N THR F 251 28.42 -100.28 0.59
CA THR F 251 28.71 -101.58 1.19
C THR F 251 29.17 -101.39 2.63
N LEU F 252 29.16 -102.48 3.39
CA LEU F 252 29.54 -102.51 4.79
C LEU F 252 30.53 -103.64 5.06
N THR F 253 31.59 -103.71 4.25
CA THR F 253 32.59 -104.75 4.38
C THR F 253 33.23 -104.75 5.76
N ILE F 254 32.96 -105.81 6.53
CA ILE F 254 33.51 -105.98 7.87
C ILE F 254 34.63 -107.00 7.83
N SER F 255 35.64 -106.79 8.67
CA SER F 255 36.80 -107.66 8.74
C SER F 255 36.75 -108.49 10.01
N ARG F 256 36.74 -109.81 9.85
CA ARG F 256 36.83 -110.75 10.97
C ARG F 256 35.73 -110.51 12.00
N LEU F 257 34.49 -110.70 11.56
CA LEU F 257 33.35 -110.59 12.46
C LEU F 257 33.40 -111.68 13.52
N GLU F 258 32.87 -111.35 14.70
CA GLU F 258 32.79 -112.32 15.79
C GLU F 258 31.37 -112.40 16.31
N ALA F 259 31.19 -113.09 17.44
CA ALA F 259 29.87 -113.17 18.06
C ALA F 259 29.43 -111.78 18.53
N GLU F 260 28.17 -111.71 18.99
CA GLU F 260 27.55 -110.45 19.41
C GLU F 260 27.51 -109.44 18.28
N ASP F 261 27.50 -109.93 17.04
CA ASP F 261 27.33 -109.09 15.86
C ASP F 261 26.03 -109.37 15.12
N VAL F 262 25.32 -110.45 15.45
CA VAL F 262 24.08 -110.78 14.77
C VAL F 262 23.02 -109.74 15.13
N GLY F 263 22.47 -109.09 14.12
CA GLY F 263 21.45 -108.09 14.33
C GLY F 263 21.04 -107.51 12.99
N VAL F 264 20.02 -106.67 13.03
CA VAL F 264 19.48 -106.06 11.82
C VAL F 264 20.08 -104.67 11.68
N TYR F 265 20.99 -104.52 10.72
CA TYR F 265 21.58 -103.24 10.38
C TYR F 265 20.65 -102.42 9.51
N TYR F 266 20.92 -101.12 9.46
CA TYR F 266 20.09 -100.19 8.72
C TYR F 266 20.96 -99.17 8.00
N CYS F 267 20.45 -98.70 6.87
CA CYS F 267 21.12 -97.70 6.04
C CYS F 267 20.18 -96.52 5.85
N MET F 268 20.54 -95.38 6.42
CA MET F 268 19.73 -94.17 6.33
C MET F 268 20.52 -93.05 5.68
N GLN F 269 19.83 -92.21 4.93
CA GLN F 269 20.44 -91.07 4.27
C GLN F 269 20.23 -89.81 5.11
N HIS F 270 21.04 -88.79 4.81
CA HIS F 270 20.90 -87.50 5.48
C HIS F 270 21.13 -86.34 4.53
N LEU F 271 20.85 -86.53 3.24
CA LEU F 271 21.00 -85.44 2.28
C LEU F 271 19.77 -84.52 2.30
N GLU F 272 18.62 -85.06 1.92
CA GLU F 272 17.34 -84.36 2.05
C GLU F 272 16.67 -84.83 3.33
N TYR F 273 16.03 -83.89 4.03
CA TYR F 273 15.71 -84.19 5.42
C TYR F 273 14.68 -85.29 5.59
N PRO F 274 13.82 -85.59 4.62
CA PRO F 274 13.13 -86.88 4.69
C PRO F 274 14.16 -88.00 4.64
N LEU F 275 14.35 -88.69 5.77
CA LEU F 275 15.45 -89.64 5.93
C LEU F 275 14.88 -91.06 5.83
N THR F 276 14.87 -91.58 4.62
CA THR F 276 14.34 -92.92 4.40
C THR F 276 15.28 -93.97 4.98
N PHE F 277 14.72 -95.10 5.37
CA PHE F 277 15.45 -96.21 5.95
C PHE F 277 15.50 -97.38 4.97
N GLY F 278 16.59 -98.12 5.00
CA GLY F 278 16.69 -99.35 4.24
C GLY F 278 15.85 -100.44 4.86
N ALA F 279 15.68 -101.53 4.09
CA ALA F 279 14.90 -102.66 4.57
C ALA F 279 15.54 -103.29 5.80
N GLY F 280 16.86 -103.43 5.79
CA GLY F 280 17.56 -104.12 6.85
C GLY F 280 18.27 -105.36 6.36
N THR F 281 19.34 -105.77 7.05
CA THR F 281 20.16 -106.88 6.61
C THR F 281 20.47 -107.81 7.79
N LYS F 282 19.43 -108.20 8.52
CA LYS F 282 19.61 -109.05 9.70
C LYS F 282 20.31 -110.34 9.34
N LEU F 283 21.29 -110.73 10.16
CA LEU F 283 22.02 -111.97 9.97
C LEU F 283 21.44 -113.11 10.80
N GLU F 284 22.05 -114.28 10.65
CA GLU F 284 21.62 -115.52 11.28
C GLU F 284 22.86 -116.36 11.54
N LEU F 285 22.66 -117.66 11.76
CA LEU F 285 23.73 -118.66 11.94
C LEU F 285 25.09 -118.28 11.37
#